data_2DB8
#
_entry.id   2DB8
#
_entity_poly.entity_id   1
_entity_poly.type   'polypeptide(L)'
_entity_poly.pdbx_seq_one_letter_code
;GSSGSSGPVPATPILQLEECCTHNNSATLSWKQPPLSTVPADGYILELDDGNGGQFREVYVGKETMCTVDGLHFNSTYNA
RVKAFNKTGVSPYSKTLVLQTSEGSGPSSG
;
_entity_poly.pdbx_strand_id   A
#
# COMPACT_ATOMS: atom_id res chain seq x y z
N GLY A 1 -7.84 8.53 27.01
CA GLY A 1 -6.44 8.87 26.80
C GLY A 1 -5.72 9.15 28.10
N SER A 2 -4.41 9.41 28.01
CA SER A 2 -3.60 9.69 29.19
C SER A 2 -2.99 11.09 29.10
N SER A 3 -2.38 11.53 30.19
CA SER A 3 -1.75 12.84 30.25
C SER A 3 -0.27 12.73 30.59
N GLY A 4 0.34 11.61 30.21
CA GLY A 4 1.74 11.40 30.48
C GLY A 4 2.58 11.38 29.22
N SER A 5 2.40 10.36 28.41
CA SER A 5 3.15 10.23 27.16
C SER A 5 2.45 10.97 26.02
N SER A 6 3.24 11.49 25.10
CA SER A 6 2.71 12.23 23.96
C SER A 6 3.32 11.73 22.64
N GLY A 7 2.51 11.06 21.84
CA GLY A 7 2.99 10.56 20.57
C GLY A 7 1.88 9.97 19.73
N PRO A 8 1.26 10.82 18.88
CA PRO A 8 0.16 10.40 18.01
C PRO A 8 0.65 9.48 16.88
N VAL A 9 -0.30 8.79 16.25
CA VAL A 9 0.02 7.88 15.16
C VAL A 9 0.84 8.58 14.08
N PRO A 10 1.66 7.81 13.35
CA PRO A 10 2.50 8.34 12.28
C PRO A 10 1.70 8.79 11.07
N ALA A 11 2.08 9.94 10.51
CA ALA A 11 1.39 10.48 9.34
C ALA A 11 1.21 9.42 8.27
N THR A 12 -0.02 9.28 7.78
CA THR A 12 -0.32 8.30 6.75
C THR A 12 0.59 8.46 5.54
N PRO A 13 1.06 7.32 4.99
CA PRO A 13 1.96 7.31 3.83
C PRO A 13 1.25 7.76 2.56
N ILE A 14 2.04 8.15 1.55
CA ILE A 14 1.49 8.59 0.28
C ILE A 14 1.73 7.56 -0.80
N LEU A 15 0.64 7.05 -1.37
CA LEU A 15 0.72 6.05 -2.43
C LEU A 15 1.31 6.65 -3.71
N GLN A 16 2.56 6.32 -3.99
CA GLN A 16 3.24 6.83 -5.18
C GLN A 16 3.44 5.72 -6.21
N LEU A 17 2.37 4.96 -6.47
CA LEU A 17 2.43 3.87 -7.43
C LEU A 17 3.30 4.25 -8.63
N GLU A 18 4.30 3.42 -8.92
CA GLU A 18 5.19 3.68 -10.04
C GLU A 18 5.19 2.50 -11.01
N GLU A 19 5.21 1.28 -10.46
CA GLU A 19 5.23 0.07 -11.28
C GLU A 19 3.80 -0.31 -11.69
N CYS A 20 3.42 0.08 -12.90
CA CYS A 20 2.09 -0.22 -13.41
C CYS A 20 2.17 -0.84 -14.81
N CYS A 21 2.97 -0.24 -15.67
CA CYS A 21 3.14 -0.73 -17.03
C CYS A 21 4.24 -1.77 -17.11
N THR A 22 3.93 -2.99 -16.67
CA THR A 22 4.90 -4.08 -16.69
C THR A 22 4.31 -5.33 -17.33
N HIS A 23 5.19 -6.23 -17.77
CA HIS A 23 4.75 -7.47 -18.40
C HIS A 23 4.26 -8.47 -17.36
N ASN A 24 4.98 -8.54 -16.24
CA ASN A 24 4.61 -9.46 -15.16
C ASN A 24 3.33 -9.00 -14.47
N ASN A 25 2.86 -9.80 -13.52
CA ASN A 25 1.65 -9.49 -12.78
C ASN A 25 1.97 -9.14 -11.33
N SER A 26 2.81 -8.12 -11.14
CA SER A 26 3.19 -7.70 -9.79
C SER A 26 3.08 -6.18 -9.65
N ALA A 27 2.39 -5.74 -8.61
CA ALA A 27 2.20 -4.33 -8.36
C ALA A 27 3.14 -3.84 -7.26
N THR A 28 4.24 -3.20 -7.65
CA THR A 28 5.21 -2.69 -6.70
C THR A 28 4.71 -1.42 -6.02
N LEU A 29 4.76 -1.40 -4.70
CA LEU A 29 4.31 -0.23 -3.93
C LEU A 29 5.50 0.51 -3.32
N SER A 30 5.59 1.80 -3.59
CA SER A 30 6.68 2.63 -3.07
C SER A 30 6.14 3.94 -2.49
N TRP A 31 5.36 3.82 -1.43
CA TRP A 31 4.77 4.99 -0.77
C TRP A 31 5.86 5.92 -0.26
N LYS A 32 5.45 7.00 0.40
CA LYS A 32 6.39 7.97 0.94
C LYS A 32 5.72 8.86 1.98
N GLN A 33 6.49 9.31 2.96
CA GLN A 33 5.97 10.17 4.01
C GLN A 33 5.78 11.60 3.51
N PRO A 34 4.73 12.27 4.02
CA PRO A 34 4.42 13.64 3.63
C PRO A 34 5.44 14.64 4.16
N PRO A 35 5.52 15.81 3.51
CA PRO A 35 6.45 16.88 3.88
C PRO A 35 6.07 17.53 5.20
N LEU A 36 4.90 17.18 5.72
CA LEU A 36 4.41 17.73 6.98
C LEU A 36 4.46 16.69 8.09
N SER A 37 4.97 15.51 7.76
CA SER A 37 5.07 14.41 8.73
C SER A 37 5.89 14.85 9.94
N THR A 38 5.19 15.12 11.05
CA THR A 38 5.85 15.54 12.28
C THR A 38 6.11 14.35 13.19
N VAL A 39 5.29 13.33 13.07
CA VAL A 39 5.45 12.13 13.88
C VAL A 39 6.17 11.02 13.12
N PRO A 40 7.28 10.54 13.69
CA PRO A 40 8.08 9.48 13.07
C PRO A 40 7.38 8.13 13.07
N ALA A 41 7.60 7.34 12.02
CA ALA A 41 6.98 6.03 11.90
C ALA A 41 8.01 4.92 12.12
N ASP A 42 7.53 3.75 12.52
CA ASP A 42 8.39 2.60 12.76
C ASP A 42 8.20 1.54 11.69
N GLY A 43 7.00 1.51 11.10
CA GLY A 43 6.71 0.53 10.06
C GLY A 43 5.49 0.90 9.25
N TYR A 44 5.19 0.10 8.24
CA TYR A 44 4.03 0.35 7.39
C TYR A 44 3.31 -0.96 7.05
N ILE A 45 1.98 -0.92 7.07
CA ILE A 45 1.18 -2.10 6.77
C ILE A 45 0.46 -1.94 5.43
N LEU A 46 0.53 -2.98 4.60
CA LEU A 46 -0.11 -2.95 3.30
C LEU A 46 -1.43 -3.71 3.33
N GLU A 47 -2.32 -3.39 2.40
CA GLU A 47 -3.62 -4.05 2.32
C GLU A 47 -4.11 -4.13 0.87
N LEU A 48 -4.74 -5.24 0.53
CA LEU A 48 -5.26 -5.44 -0.82
C LEU A 48 -6.35 -6.50 -0.84
N ASP A 49 -7.42 -6.24 -1.58
CA ASP A 49 -8.54 -7.17 -1.68
C ASP A 49 -8.27 -8.23 -2.75
N ASP A 50 -9.05 -9.29 -2.73
CA ASP A 50 -8.91 -10.37 -3.69
C ASP A 50 -9.69 -10.08 -4.97
N GLY A 51 -9.65 -8.83 -5.41
CA GLY A 51 -10.37 -8.43 -6.61
C GLY A 51 -11.82 -8.86 -6.58
N ASN A 52 -12.40 -8.91 -5.38
CA ASN A 52 -13.80 -9.32 -5.22
C ASN A 52 -14.67 -8.11 -4.85
N GLY A 53 -14.08 -7.18 -4.10
CA GLY A 53 -14.81 -6.00 -3.69
C GLY A 53 -15.39 -6.14 -2.30
N GLY A 54 -14.66 -6.78 -1.41
CA GLY A 54 -15.12 -6.98 -0.05
C GLY A 54 -14.29 -6.22 0.97
N GLN A 55 -13.64 -6.95 1.85
CA GLN A 55 -12.80 -6.34 2.88
C GLN A 55 -11.33 -6.44 2.52
N PHE A 56 -10.52 -5.55 3.08
CA PHE A 56 -9.09 -5.53 2.81
C PHE A 56 -8.31 -6.22 3.93
N ARG A 57 -7.34 -7.05 3.56
CA ARG A 57 -6.53 -7.78 4.52
C ARG A 57 -5.06 -7.38 4.40
N GLU A 58 -4.28 -7.72 5.43
CA GLU A 58 -2.86 -7.40 5.45
C GLU A 58 -2.10 -8.27 4.46
N VAL A 59 -1.21 -7.64 3.69
CA VAL A 59 -0.42 -8.37 2.70
C VAL A 59 1.06 -8.30 3.04
N TYR A 60 1.47 -7.21 3.69
CA TYR A 60 2.87 -7.02 4.07
C TYR A 60 3.00 -5.98 5.17
N VAL A 61 4.07 -6.09 5.95
CA VAL A 61 4.31 -5.16 7.05
C VAL A 61 5.75 -5.25 7.54
N GLY A 62 6.41 -4.10 7.66
CA GLY A 62 7.78 -4.08 8.12
C GLY A 62 8.31 -2.67 8.28
N LYS A 63 9.56 -2.45 7.88
CA LYS A 63 10.18 -1.14 7.99
C LYS A 63 10.77 -0.70 6.65
N GLU A 64 10.32 -1.33 5.57
CA GLU A 64 10.80 -1.01 4.24
C GLU A 64 9.90 0.02 3.57
N THR A 65 10.39 0.62 2.49
CA THR A 65 9.63 1.62 1.75
C THR A 65 9.38 1.19 0.32
N MET A 66 9.39 -0.12 0.09
CA MET A 66 9.15 -0.66 -1.24
C MET A 66 8.87 -2.17 -1.17
N CYS A 67 7.66 -2.54 -1.56
CA CYS A 67 7.26 -3.95 -1.54
C CYS A 67 6.28 -4.25 -2.67
N THR A 68 6.45 -5.41 -3.30
CA THR A 68 5.58 -5.81 -4.40
C THR A 68 4.96 -7.19 -4.13
N VAL A 69 3.82 -7.44 -4.75
CA VAL A 69 3.12 -8.71 -4.59
C VAL A 69 3.12 -9.52 -5.88
N ASP A 70 3.20 -10.84 -5.75
CA ASP A 70 3.20 -11.72 -6.91
C ASP A 70 1.93 -12.55 -6.97
N GLY A 71 1.46 -12.81 -8.19
CA GLY A 71 0.25 -13.60 -8.36
C GLY A 71 -1.01 -12.76 -8.24
N LEU A 72 -1.20 -11.84 -9.18
CA LEU A 72 -2.37 -10.97 -9.17
C LEU A 72 -3.29 -11.29 -10.34
N HIS A 73 -4.57 -11.48 -10.05
CA HIS A 73 -5.56 -11.80 -11.07
C HIS A 73 -5.58 -10.71 -12.14
N PHE A 74 -6.06 -11.07 -13.33
CA PHE A 74 -6.14 -10.13 -14.44
C PHE A 74 -7.58 -9.72 -14.70
N ASN A 75 -7.77 -8.82 -15.67
CA ASN A 75 -9.09 -8.33 -16.01
C ASN A 75 -9.98 -8.24 -14.77
N SER A 76 -9.41 -7.69 -13.69
CA SER A 76 -10.15 -7.55 -12.44
C SER A 76 -9.64 -6.36 -11.65
N THR A 77 -10.54 -5.48 -11.26
CA THR A 77 -10.18 -4.28 -10.49
C THR A 77 -9.62 -4.66 -9.13
N TYR A 78 -8.57 -3.97 -8.72
CA TYR A 78 -7.93 -4.23 -7.43
C TYR A 78 -7.76 -2.94 -6.63
N ASN A 79 -8.09 -3.00 -5.34
CA ASN A 79 -7.98 -1.84 -4.46
C ASN A 79 -6.95 -2.08 -3.36
N ALA A 80 -5.90 -1.28 -3.36
CA ALA A 80 -4.85 -1.40 -2.36
C ALA A 80 -4.73 -0.13 -1.52
N ARG A 81 -4.09 -0.26 -0.36
CA ARG A 81 -3.92 0.88 0.54
C ARG A 81 -2.83 0.59 1.57
N VAL A 82 -1.95 1.56 1.77
CA VAL A 82 -0.85 1.42 2.72
C VAL A 82 -0.99 2.41 3.88
N LYS A 83 -0.54 2.01 5.05
CA LYS A 83 -0.62 2.86 6.24
C LYS A 83 0.63 2.69 7.11
N ALA A 84 0.86 3.65 7.99
CA ALA A 84 2.01 3.61 8.89
C ALA A 84 1.60 3.16 10.28
N PHE A 85 2.50 2.48 10.98
CA PHE A 85 2.23 2.01 12.33
C PHE A 85 3.48 2.07 13.20
N ASN A 86 3.29 2.44 14.46
CA ASN A 86 4.40 2.55 15.40
C ASN A 86 3.94 2.30 16.82
N LYS A 87 4.86 2.48 17.78
CA LYS A 87 4.54 2.28 19.19
C LYS A 87 3.17 2.84 19.53
N THR A 88 2.88 4.04 19.00
CA THR A 88 1.59 4.69 19.25
C THR A 88 0.43 3.76 18.93
N GLY A 89 0.21 3.53 17.64
CA GLY A 89 -0.87 2.66 17.22
C GLY A 89 -0.83 2.34 15.74
N VAL A 90 -1.75 2.91 14.98
CA VAL A 90 -1.81 2.68 13.53
C VAL A 90 -2.47 3.84 12.81
N SER A 91 -1.97 4.16 11.63
CA SER A 91 -2.52 5.26 10.84
C SER A 91 -3.60 4.76 9.89
N PRO A 92 -4.51 5.66 9.49
CA PRO A 92 -5.61 5.35 8.58
C PRO A 92 -5.12 5.07 7.16
N TYR A 93 -5.76 4.11 6.50
CA TYR A 93 -5.39 3.74 5.13
C TYR A 93 -5.40 4.97 4.23
N SER A 94 -4.58 4.93 3.18
CA SER A 94 -4.49 6.04 2.24
C SER A 94 -5.67 6.02 1.26
N LYS A 95 -5.64 6.93 0.29
CA LYS A 95 -6.70 7.02 -0.70
C LYS A 95 -6.75 5.75 -1.55
N THR A 96 -7.86 5.01 -1.44
CA THR A 96 -8.03 3.78 -2.19
C THR A 96 -7.38 3.88 -3.57
N LEU A 97 -6.34 3.09 -3.79
CA LEU A 97 -5.63 3.09 -5.06
C LEU A 97 -6.06 1.92 -5.93
N VAL A 98 -6.69 2.24 -7.06
CA VAL A 98 -7.16 1.22 -7.99
C VAL A 98 -6.07 0.84 -9.00
N LEU A 99 -5.87 -0.46 -9.18
CA LEU A 99 -4.86 -0.94 -10.11
C LEU A 99 -5.51 -1.71 -11.27
N GLN A 100 -6.02 -0.98 -12.24
CA GLN A 100 -6.67 -1.59 -13.40
C GLN A 100 -5.72 -2.55 -14.11
N THR A 101 -6.05 -3.83 -14.08
CA THR A 101 -5.22 -4.85 -14.72
C THR A 101 -5.68 -5.12 -16.14
N SER A 102 -4.73 -5.34 -17.04
CA SER A 102 -5.04 -5.60 -18.45
C SER A 102 -5.41 -7.07 -18.65
N GLU A 103 -6.20 -7.33 -19.69
CA GLU A 103 -6.63 -8.69 -19.99
C GLU A 103 -5.43 -9.63 -20.05
N GLY A 104 -5.44 -10.66 -19.21
CA GLY A 104 -4.35 -11.61 -19.19
C GLY A 104 -4.52 -12.72 -20.21
N SER A 105 -3.64 -12.76 -21.20
CA SER A 105 -3.70 -13.77 -22.25
C SER A 105 -2.37 -14.49 -22.39
N GLY A 106 -2.44 -15.81 -22.51
CA GLY A 106 -1.23 -16.61 -22.64
C GLY A 106 -0.38 -16.19 -23.83
N PRO A 107 0.94 -16.28 -23.68
CA PRO A 107 1.88 -15.91 -24.74
C PRO A 107 1.85 -16.88 -25.91
N SER A 108 1.30 -16.42 -27.04
CA SER A 108 1.20 -17.25 -28.23
C SER A 108 1.69 -16.50 -29.46
N SER A 109 1.05 -15.38 -29.76
CA SER A 109 1.41 -14.56 -30.91
C SER A 109 2.90 -14.21 -30.88
N GLY A 110 3.47 -13.96 -32.06
CA GLY A 110 4.87 -13.62 -32.14
C GLY A 110 5.40 -13.68 -33.56
N GLY A 1 -8.63 22.24 20.09
CA GLY A 1 -7.64 23.14 20.66
C GLY A 1 -6.59 22.40 21.47
N SER A 2 -6.08 21.31 20.91
CA SER A 2 -5.06 20.52 21.60
C SER A 2 -3.98 21.41 22.20
N SER A 3 -3.76 21.26 23.50
CA SER A 3 -2.75 22.06 24.19
C SER A 3 -1.36 21.47 24.00
N GLY A 4 -1.30 20.15 23.85
CA GLY A 4 -0.03 19.49 23.66
C GLY A 4 -0.18 18.00 23.41
N SER A 5 0.49 17.51 22.36
CA SER A 5 0.42 16.09 22.00
C SER A 5 1.71 15.38 22.37
N SER A 6 1.59 14.12 22.79
CA SER A 6 2.75 13.32 23.18
C SER A 6 3.13 12.35 22.06
N GLY A 7 3.27 12.88 20.85
CA GLY A 7 3.64 12.06 19.71
C GLY A 7 2.46 11.27 19.16
N PRO A 8 1.66 11.93 18.31
CA PRO A 8 0.48 11.30 17.71
C PRO A 8 0.86 10.24 16.68
N VAL A 9 -0.15 9.70 16.00
CA VAL A 9 0.07 8.67 14.99
C VAL A 9 0.86 9.23 13.80
N PRO A 10 1.59 8.34 13.11
CA PRO A 10 2.40 8.72 11.95
C PRO A 10 1.54 9.10 10.75
N ALA A 11 1.76 10.30 10.22
CA ALA A 11 1.01 10.79 9.07
C ALA A 11 0.92 9.72 7.99
N THR A 12 -0.28 9.56 7.42
CA THR A 12 -0.50 8.57 6.38
C THR A 12 0.45 8.79 5.20
N PRO A 13 1.09 7.68 4.75
CA PRO A 13 2.04 7.74 3.63
C PRO A 13 1.34 8.01 2.30
N ILE A 14 2.13 8.22 1.26
CA ILE A 14 1.59 8.48 -0.07
C ILE A 14 1.72 7.26 -0.97
N LEU A 15 0.65 6.49 -1.07
CA LEU A 15 0.63 5.28 -1.90
C LEU A 15 0.75 5.65 -3.38
N GLN A 16 1.71 5.03 -4.06
CA GLN A 16 1.92 5.28 -5.48
C GLN A 16 2.41 4.03 -6.19
N LEU A 17 2.15 3.95 -7.49
CA LEU A 17 2.56 2.80 -8.29
C LEU A 17 3.64 3.19 -9.29
N GLU A 18 4.77 2.49 -9.25
CA GLU A 18 5.87 2.77 -10.16
C GLU A 18 5.92 1.75 -11.29
N GLU A 19 6.22 0.50 -10.93
CA GLU A 19 6.30 -0.57 -11.92
C GLU A 19 5.09 -0.54 -12.85
N CYS A 20 5.32 -0.13 -14.09
CA CYS A 20 4.25 -0.05 -15.08
C CYS A 20 3.83 -1.45 -15.53
N CYS A 21 2.72 -1.51 -16.26
CA CYS A 21 2.21 -2.78 -16.75
C CYS A 21 3.13 -3.38 -17.81
N THR A 22 3.90 -4.39 -17.41
CA THR A 22 4.82 -5.04 -18.33
C THR A 22 4.62 -6.55 -18.32
N HIS A 23 3.48 -6.99 -18.86
CA HIS A 23 3.17 -8.41 -18.92
C HIS A 23 3.53 -9.11 -17.61
N ASN A 24 3.38 -8.39 -16.51
CA ASN A 24 3.68 -8.93 -15.19
C ASN A 24 2.48 -8.83 -14.27
N ASN A 25 2.37 -9.78 -13.34
CA ASN A 25 1.26 -9.80 -12.39
C ASN A 25 1.72 -9.41 -11.00
N SER A 26 2.58 -8.40 -10.93
CA SER A 26 3.10 -7.93 -9.65
C SER A 26 3.00 -6.41 -9.54
N ALA A 27 2.34 -5.93 -8.50
CA ALA A 27 2.17 -4.50 -8.29
C ALA A 27 3.18 -3.99 -7.27
N THR A 28 4.20 -3.29 -7.76
CA THR A 28 5.24 -2.74 -6.90
C THR A 28 4.75 -1.51 -6.16
N LEU A 29 4.87 -1.52 -4.85
CA LEU A 29 4.44 -0.41 -4.02
C LEU A 29 5.62 0.28 -3.34
N SER A 30 5.74 1.59 -3.53
CA SER A 30 6.83 2.35 -2.94
C SER A 30 6.30 3.57 -2.19
N TRP A 31 5.45 3.31 -1.20
CA TRP A 31 4.87 4.39 -0.41
C TRP A 31 5.94 5.36 0.07
N LYS A 32 5.52 6.43 0.72
CA LYS A 32 6.44 7.43 1.23
C LYS A 32 5.76 8.34 2.25
N GLN A 33 6.55 9.22 2.88
CA GLN A 33 6.01 10.14 3.88
C GLN A 33 5.71 11.50 3.26
N PRO A 34 4.64 12.15 3.72
CA PRO A 34 4.22 13.47 3.23
C PRO A 34 5.19 14.57 3.64
N PRO A 35 5.44 15.51 2.74
CA PRO A 35 6.34 16.63 2.99
C PRO A 35 5.76 17.63 3.99
N LEU A 36 4.56 17.34 4.48
CA LEU A 36 3.90 18.20 5.44
C LEU A 36 3.64 17.46 6.75
N SER A 37 4.57 16.59 7.11
CA SER A 37 4.44 15.82 8.35
C SER A 37 5.67 16.02 9.24
N THR A 38 5.45 15.96 10.55
CA THR A 38 6.54 16.14 11.50
C THR A 38 6.73 14.89 12.36
N VAL A 39 5.69 14.07 12.43
CA VAL A 39 5.75 12.83 13.20
C VAL A 39 6.32 11.68 12.37
N PRO A 40 7.50 11.19 12.77
CA PRO A 40 8.16 10.09 12.07
C PRO A 40 7.44 8.77 12.25
N ALA A 41 7.65 7.85 11.31
CA ALA A 41 7.01 6.54 11.36
C ALA A 41 8.03 5.45 11.69
N ASP A 42 7.53 4.32 12.20
CA ASP A 42 8.41 3.21 12.57
C ASP A 42 8.28 2.08 11.54
N GLY A 43 7.05 1.80 11.12
CA GLY A 43 6.83 0.74 10.15
C GLY A 43 5.74 1.08 9.16
N TYR A 44 5.29 0.09 8.41
CA TYR A 44 4.23 0.30 7.42
C TYR A 44 3.45 -0.99 7.16
N ILE A 45 2.15 -0.85 6.95
CA ILE A 45 1.29 -1.99 6.70
C ILE A 45 0.50 -1.81 5.41
N LEU A 46 0.56 -2.80 4.53
CA LEU A 46 -0.14 -2.76 3.26
C LEU A 46 -1.45 -3.56 3.34
N GLU A 47 -2.38 -3.23 2.45
CA GLU A 47 -3.67 -3.92 2.43
C GLU A 47 -4.19 -4.03 0.99
N LEU A 48 -4.88 -5.14 0.71
CA LEU A 48 -5.43 -5.37 -0.63
C LEU A 48 -6.58 -6.37 -0.57
N ASP A 49 -7.56 -6.19 -1.45
CA ASP A 49 -8.71 -7.07 -1.50
C ASP A 49 -8.50 -8.18 -2.54
N ASP A 50 -9.39 -9.17 -2.53
CA ASP A 50 -9.31 -10.28 -3.46
C ASP A 50 -10.07 -9.97 -4.74
N GLY A 51 -9.99 -8.73 -5.20
CA GLY A 51 -10.68 -8.32 -6.41
C GLY A 51 -12.14 -8.73 -6.40
N ASN A 52 -12.71 -8.84 -5.20
CA ASN A 52 -14.12 -9.23 -5.07
C ASN A 52 -14.98 -8.02 -4.70
N GLY A 53 -14.40 -7.08 -3.97
CA GLY A 53 -15.12 -5.89 -3.57
C GLY A 53 -15.57 -5.95 -2.12
N GLY A 54 -14.74 -6.53 -1.27
CA GLY A 54 -15.08 -6.64 0.14
C GLY A 54 -14.07 -5.94 1.04
N GLN A 55 -13.50 -6.67 1.98
CA GLN A 55 -12.53 -6.11 2.90
C GLN A 55 -11.13 -6.19 2.32
N PHE A 56 -10.14 -5.74 3.10
CA PHE A 56 -8.75 -5.75 2.65
C PHE A 56 -7.89 -6.56 3.62
N ARG A 57 -7.06 -7.44 3.06
CA ARG A 57 -6.19 -8.28 3.86
C ARG A 57 -4.74 -7.78 3.80
N GLU A 58 -4.02 -7.92 4.90
CA GLU A 58 -2.64 -7.48 4.98
C GLU A 58 -1.75 -8.35 4.09
N VAL A 59 -1.04 -7.72 3.16
CA VAL A 59 -0.15 -8.43 2.26
C VAL A 59 1.31 -8.21 2.64
N TYR A 60 1.57 -7.13 3.37
CA TYR A 60 2.92 -6.81 3.79
C TYR A 60 2.92 -6.10 5.15
N VAL A 61 3.91 -6.41 5.98
CA VAL A 61 4.02 -5.80 7.30
C VAL A 61 5.48 -5.75 7.76
N GLY A 62 5.96 -4.55 8.05
CA GLY A 62 7.33 -4.40 8.51
C GLY A 62 7.80 -2.96 8.44
N LYS A 63 9.12 -2.78 8.32
CA LYS A 63 9.69 -1.44 8.24
C LYS A 63 10.48 -1.27 6.95
N GLU A 64 9.93 -1.78 5.85
CA GLU A 64 10.57 -1.67 4.55
C GLU A 64 10.20 -0.37 3.85
N THR A 65 10.83 -0.11 2.71
CA THR A 65 10.57 1.10 1.95
C THR A 65 9.90 0.78 0.62
N MET A 66 9.96 -0.49 0.23
CA MET A 66 9.35 -0.94 -1.03
C MET A 66 9.04 -2.42 -0.98
N CYS A 67 7.82 -2.78 -1.36
CA CYS A 67 7.39 -4.18 -1.36
C CYS A 67 6.38 -4.43 -2.47
N THR A 68 6.60 -5.52 -3.22
CA THR A 68 5.71 -5.87 -4.31
C THR A 68 4.97 -7.17 -4.02
N VAL A 69 3.79 -7.32 -4.60
CA VAL A 69 2.98 -8.52 -4.41
C VAL A 69 3.07 -9.45 -5.62
N ASP A 70 2.98 -10.75 -5.36
CA ASP A 70 3.05 -11.74 -6.44
C ASP A 70 1.76 -12.55 -6.51
N GLY A 71 1.37 -12.92 -7.73
CA GLY A 71 0.15 -13.69 -7.91
C GLY A 71 -1.08 -12.82 -7.97
N LEU A 72 -1.18 -11.99 -9.00
CA LEU A 72 -2.32 -11.10 -9.15
C LEU A 72 -3.21 -11.55 -10.33
N HIS A 73 -4.50 -11.25 -10.23
CA HIS A 73 -5.45 -11.61 -11.28
C HIS A 73 -5.60 -10.49 -12.30
N PHE A 74 -5.90 -10.85 -13.54
CA PHE A 74 -6.08 -9.88 -14.60
C PHE A 74 -7.56 -9.52 -14.78
N ASN A 75 -7.83 -8.54 -15.62
CA ASN A 75 -9.20 -8.11 -15.88
C ASN A 75 -10.03 -8.13 -14.61
N SER A 76 -9.45 -7.61 -13.52
CA SER A 76 -10.14 -7.57 -12.24
C SER A 76 -9.70 -6.36 -11.43
N THR A 77 -10.68 -5.54 -11.02
CA THR A 77 -10.38 -4.35 -10.24
C THR A 77 -9.79 -4.71 -8.88
N TYR A 78 -8.67 -4.07 -8.54
CA TYR A 78 -8.00 -4.33 -7.28
C TYR A 78 -7.84 -3.04 -6.48
N ASN A 79 -8.14 -3.12 -5.18
CA ASN A 79 -8.02 -1.96 -4.31
C ASN A 79 -6.93 -2.16 -3.26
N ALA A 80 -6.00 -1.22 -3.18
CA ALA A 80 -4.90 -1.29 -2.22
C ALA A 80 -4.80 -0.01 -1.40
N ARG A 81 -4.10 -0.10 -0.28
CA ARG A 81 -3.93 1.06 0.59
C ARG A 81 -2.86 0.79 1.65
N VAL A 82 -1.89 1.69 1.76
CA VAL A 82 -0.81 1.55 2.72
C VAL A 82 -0.96 2.54 3.87
N LYS A 83 -0.47 2.16 5.04
CA LYS A 83 -0.55 3.02 6.22
C LYS A 83 0.71 2.89 7.07
N ALA A 84 0.89 3.83 8.00
CA ALA A 84 2.06 3.82 8.88
C ALA A 84 1.64 3.56 10.32
N PHE A 85 2.46 2.81 11.05
CA PHE A 85 2.18 2.50 12.44
C PHE A 85 3.45 2.57 13.29
N ASN A 86 3.30 3.01 14.52
CA ASN A 86 4.44 3.13 15.44
C ASN A 86 3.98 3.04 16.89
N LYS A 87 4.93 3.14 17.81
CA LYS A 87 4.63 3.07 19.24
C LYS A 87 3.27 3.70 19.53
N THR A 88 3.08 4.92 19.07
CA THR A 88 1.82 5.63 19.28
C THR A 88 0.62 4.72 19.04
N GLY A 89 0.39 4.40 17.77
CA GLY A 89 -0.73 3.53 17.43
C GLY A 89 -0.70 3.10 15.97
N VAL A 90 -1.63 3.64 15.18
CA VAL A 90 -1.71 3.30 13.77
C VAL A 90 -2.35 4.43 12.97
N SER A 91 -1.86 4.65 11.75
CA SER A 91 -2.38 5.70 10.89
C SER A 91 -3.45 5.16 9.95
N PRO A 92 -4.35 6.04 9.51
CA PRO A 92 -5.44 5.67 8.60
C PRO A 92 -4.93 5.34 7.19
N TYR A 93 -5.54 4.34 6.57
CA TYR A 93 -5.15 3.93 5.23
C TYR A 93 -5.19 5.10 4.26
N SER A 94 -4.22 5.15 3.34
CA SER A 94 -4.15 6.22 2.36
C SER A 94 -5.34 6.18 1.42
N LYS A 95 -5.36 7.08 0.45
CA LYS A 95 -6.45 7.16 -0.52
C LYS A 95 -6.56 5.87 -1.31
N THR A 96 -7.60 5.09 -1.03
CA THR A 96 -7.82 3.82 -1.71
C THR A 96 -7.40 3.92 -3.18
N LEU A 97 -6.42 3.10 -3.57
CA LEU A 97 -5.94 3.10 -4.94
C LEU A 97 -6.59 1.97 -5.74
N VAL A 98 -6.81 2.22 -7.03
CA VAL A 98 -7.42 1.22 -7.91
C VAL A 98 -6.49 0.88 -9.06
N LEU A 99 -6.13 -0.40 -9.16
CA LEU A 99 -5.25 -0.87 -10.22
C LEU A 99 -5.99 -1.80 -11.17
N GLN A 100 -6.66 -1.21 -12.16
CA GLN A 100 -7.41 -1.99 -13.14
C GLN A 100 -6.47 -2.70 -14.10
N THR A 101 -6.18 -3.97 -13.81
CA THR A 101 -5.30 -4.77 -14.66
C THR A 101 -5.84 -4.89 -16.06
N SER A 102 -4.99 -5.35 -16.99
CA SER A 102 -5.39 -5.50 -18.38
C SER A 102 -6.01 -6.87 -18.61
N GLU A 103 -6.44 -7.13 -19.85
CA GLU A 103 -7.05 -8.41 -20.20
C GLU A 103 -5.98 -9.46 -20.47
N GLY A 104 -4.77 -9.01 -20.80
CA GLY A 104 -3.68 -9.93 -21.09
C GLY A 104 -2.71 -9.36 -22.09
N SER A 105 -1.48 -9.12 -21.65
CA SER A 105 -0.44 -8.57 -22.53
C SER A 105 -0.51 -9.21 -23.91
N GLY A 106 -0.48 -10.54 -23.95
CA GLY A 106 -0.53 -11.25 -25.21
C GLY A 106 0.74 -12.01 -25.50
N PRO A 107 1.03 -12.20 -26.79
CA PRO A 107 2.23 -12.93 -27.24
C PRO A 107 3.51 -12.15 -26.96
N SER A 108 4.33 -12.66 -26.04
CA SER A 108 5.58 -12.01 -25.69
C SER A 108 6.66 -12.30 -26.73
N SER A 109 6.81 -13.58 -27.06
CA SER A 109 7.81 -14.00 -28.04
C SER A 109 7.33 -13.71 -29.46
N GLY A 110 6.20 -14.28 -29.82
CA GLY A 110 5.66 -14.08 -31.15
C GLY A 110 4.27 -14.67 -31.31
N GLY A 1 -3.13 20.31 23.29
CA GLY A 1 -1.96 21.09 23.68
C GLY A 1 -1.18 20.45 24.79
N SER A 2 0.14 20.70 24.81
CA SER A 2 1.01 20.13 25.83
C SER A 2 2.23 21.03 26.07
N SER A 3 3.04 20.66 27.06
CA SER A 3 4.22 21.43 27.38
C SER A 3 5.47 20.80 26.77
N GLY A 4 5.43 19.48 26.58
CA GLY A 4 6.56 18.78 26.00
C GLY A 4 6.16 17.94 24.80
N SER A 5 7.15 17.51 24.03
CA SER A 5 6.90 16.68 22.85
C SER A 5 6.41 15.29 23.25
N SER A 6 5.31 14.87 22.63
CA SER A 6 4.73 13.56 22.92
C SER A 6 5.03 12.57 21.80
N GLY A 7 4.91 13.04 20.56
CA GLY A 7 5.17 12.20 19.41
C GLY A 7 3.90 11.62 18.82
N PRO A 8 3.26 12.39 17.92
CA PRO A 8 2.02 11.97 17.27
C PRO A 8 2.24 10.82 16.28
N VAL A 9 1.15 10.34 15.70
CA VAL A 9 1.23 9.25 14.73
C VAL A 9 2.06 9.64 13.51
N PRO A 10 2.65 8.64 12.84
CA PRO A 10 3.48 8.86 11.66
C PRO A 10 2.66 9.32 10.45
N ALA A 11 2.99 10.50 9.94
CA ALA A 11 2.28 11.06 8.79
C ALA A 11 2.02 9.99 7.74
N THR A 12 0.75 9.86 7.35
CA THR A 12 0.36 8.86 6.35
C THR A 12 1.29 8.90 5.15
N PRO A 13 1.69 7.72 4.67
CA PRO A 13 2.58 7.59 3.51
C PRO A 13 1.91 8.00 2.21
N ILE A 14 2.64 8.71 1.36
CA ILE A 14 2.11 9.15 0.07
C ILE A 14 2.25 8.07 -0.99
N LEU A 15 1.19 7.28 -1.17
CA LEU A 15 1.20 6.22 -2.16
C LEU A 15 1.57 6.75 -3.54
N GLN A 16 2.87 6.74 -3.84
CA GLN A 16 3.35 7.21 -5.13
C GLN A 16 4.08 6.11 -5.89
N LEU A 17 3.41 4.98 -6.07
CA LEU A 17 3.98 3.85 -6.77
C LEU A 17 4.63 4.29 -8.08
N GLU A 18 5.40 3.40 -8.69
CA GLU A 18 6.09 3.70 -9.94
C GLU A 18 5.42 2.96 -11.11
N GLU A 19 5.06 1.70 -10.87
CA GLU A 19 4.41 0.89 -11.90
C GLU A 19 3.46 1.73 -12.74
N CYS A 20 3.86 2.03 -13.97
CA CYS A 20 3.04 2.83 -14.87
C CYS A 20 2.39 1.94 -15.94
N CYS A 21 3.23 1.34 -16.77
CA CYS A 21 2.74 0.47 -17.85
C CYS A 21 2.63 -0.97 -17.36
N THR A 22 1.42 -1.39 -17.00
CA THR A 22 1.18 -2.75 -16.53
C THR A 22 1.66 -3.78 -17.55
N HIS A 23 2.37 -4.80 -17.06
CA HIS A 23 2.88 -5.85 -17.93
C HIS A 23 2.55 -7.23 -17.36
N ASN A 24 2.82 -7.40 -16.07
CA ASN A 24 2.56 -8.68 -15.41
C ASN A 24 1.51 -8.52 -14.32
N ASN A 25 1.14 -9.62 -13.68
CA ASN A 25 0.15 -9.60 -12.61
C ASN A 25 0.79 -9.26 -11.28
N SER A 26 1.40 -8.08 -11.20
CA SER A 26 2.06 -7.63 -9.98
C SER A 26 1.82 -6.14 -9.74
N ALA A 27 1.95 -5.72 -8.49
CA ALA A 27 1.75 -4.33 -8.13
C ALA A 27 2.88 -3.82 -7.24
N THR A 28 3.75 -2.99 -7.80
CA THR A 28 4.88 -2.44 -7.04
C THR A 28 4.46 -1.20 -6.28
N LEU A 29 4.80 -1.16 -4.99
CA LEU A 29 4.46 -0.02 -4.14
C LEU A 29 5.72 0.69 -3.65
N SER A 30 5.79 1.99 -3.91
CA SER A 30 6.95 2.78 -3.49
C SER A 30 6.50 4.05 -2.78
N TRP A 31 5.67 3.88 -1.76
CA TRP A 31 5.17 5.02 -0.99
C TRP A 31 6.32 5.85 -0.44
N LYS A 32 6.05 7.12 -0.17
CA LYS A 32 7.06 8.03 0.35
C LYS A 32 6.45 8.99 1.37
N GLN A 33 7.20 9.28 2.43
CA GLN A 33 6.74 10.18 3.47
C GLN A 33 6.76 11.63 2.99
N PRO A 34 5.78 12.42 3.45
CA PRO A 34 5.67 13.84 3.07
C PRO A 34 6.78 14.69 3.68
N PRO A 35 7.33 15.61 2.88
CA PRO A 35 8.41 16.50 3.32
C PRO A 35 7.92 17.54 4.33
N LEU A 36 6.61 17.59 4.53
CA LEU A 36 6.02 18.53 5.47
C LEU A 36 5.84 17.90 6.85
N SER A 37 6.31 16.66 6.99
CA SER A 37 6.21 15.94 8.25
C SER A 37 7.58 15.75 8.89
N THR A 38 7.60 15.60 10.21
CA THR A 38 8.84 15.42 10.94
C THR A 38 8.73 14.26 11.92
N VAL A 39 7.75 13.39 11.71
CA VAL A 39 7.54 12.23 12.57
C VAL A 39 8.02 10.95 11.90
N PRO A 40 9.03 10.30 12.49
CA PRO A 40 9.59 9.05 11.97
C PRO A 40 8.63 7.87 12.11
N ALA A 41 8.68 6.96 11.14
CA ALA A 41 7.82 5.79 11.16
C ALA A 41 8.59 4.55 11.59
N ASP A 42 7.89 3.64 12.28
CA ASP A 42 8.51 2.41 12.75
C ASP A 42 8.25 1.27 11.79
N GLY A 43 7.11 1.33 11.10
CA GLY A 43 6.76 0.29 10.15
C GLY A 43 5.63 0.71 9.22
N TYR A 44 5.21 -0.21 8.37
CA TYR A 44 4.13 0.07 7.42
C TYR A 44 3.31 -1.19 7.14
N ILE A 45 1.99 -1.06 7.23
CA ILE A 45 1.09 -2.18 6.98
C ILE A 45 0.36 -2.02 5.66
N LEU A 46 0.46 -3.03 4.81
CA LEU A 46 -0.19 -3.01 3.50
C LEU A 46 -1.50 -3.80 3.53
N GLU A 47 -2.43 -3.42 2.65
CA GLU A 47 -3.72 -4.10 2.58
C GLU A 47 -4.21 -4.17 1.14
N LEU A 48 -4.82 -5.30 0.78
CA LEU A 48 -5.33 -5.49 -0.56
C LEU A 48 -6.52 -6.47 -0.56
N ASP A 49 -7.49 -6.20 -1.42
CA ASP A 49 -8.67 -7.05 -1.52
C ASP A 49 -8.45 -8.18 -2.52
N ASP A 50 -9.34 -9.16 -2.51
CA ASP A 50 -9.24 -10.30 -3.42
C ASP A 50 -9.90 -9.98 -4.75
N GLY A 51 -9.80 -8.73 -5.18
CA GLY A 51 -10.39 -8.32 -6.45
C GLY A 51 -11.87 -8.64 -6.51
N ASN A 52 -12.51 -8.73 -5.35
CA ASN A 52 -13.93 -9.03 -5.28
C ASN A 52 -14.73 -7.78 -4.92
N GLY A 53 -14.04 -6.75 -4.46
CA GLY A 53 -14.70 -5.52 -4.08
C GLY A 53 -15.33 -5.60 -2.71
N GLY A 54 -14.69 -6.32 -1.80
CA GLY A 54 -15.21 -6.45 -0.45
C GLY A 54 -14.29 -5.84 0.58
N GLN A 55 -13.79 -6.66 1.50
CA GLN A 55 -12.91 -6.20 2.55
C GLN A 55 -11.45 -6.42 2.18
N PHE A 56 -10.56 -5.63 2.76
CA PHE A 56 -9.13 -5.74 2.49
C PHE A 56 -8.46 -6.69 3.49
N ARG A 57 -7.24 -7.12 3.16
CA ARG A 57 -6.50 -8.02 4.03
C ARG A 57 -5.01 -7.70 3.99
N GLU A 58 -4.36 -7.85 5.14
CA GLU A 58 -2.93 -7.57 5.25
C GLU A 58 -2.13 -8.37 4.23
N VAL A 59 -1.35 -7.68 3.41
CA VAL A 59 -0.54 -8.33 2.39
C VAL A 59 0.94 -8.33 2.77
N TYR A 60 1.32 -7.37 3.61
CA TYR A 60 2.70 -7.25 4.06
C TYR A 60 2.81 -6.36 5.30
N VAL A 61 3.90 -6.51 6.03
CA VAL A 61 4.12 -5.72 7.24
C VAL A 61 5.59 -5.70 7.62
N GLY A 62 6.17 -4.51 7.71
CA GLY A 62 7.56 -4.38 8.08
C GLY A 62 8.02 -2.94 8.16
N LYS A 63 9.32 -2.72 8.06
CA LYS A 63 9.88 -1.37 8.12
C LYS A 63 10.56 -1.00 6.81
N GLU A 64 9.83 -1.14 5.71
CA GLU A 64 10.37 -0.83 4.39
C GLU A 64 9.56 0.29 3.73
N THR A 65 10.06 0.77 2.59
CA THR A 65 9.38 1.84 1.86
C THR A 65 8.95 1.38 0.47
N MET A 66 9.45 0.22 0.06
CA MET A 66 9.12 -0.34 -1.24
C MET A 66 8.75 -1.82 -1.12
N CYS A 67 7.54 -2.16 -1.56
CA CYS A 67 7.07 -3.54 -1.50
C CYS A 67 6.21 -3.87 -2.71
N THR A 68 6.38 -5.07 -3.24
CA THR A 68 5.63 -5.52 -4.41
C THR A 68 4.91 -6.83 -4.14
N VAL A 69 3.71 -6.97 -4.69
CA VAL A 69 2.92 -8.19 -4.50
C VAL A 69 2.97 -9.07 -5.75
N ASP A 70 3.05 -10.38 -5.53
CA ASP A 70 3.12 -11.33 -6.63
C ASP A 70 1.95 -12.31 -6.55
N GLY A 71 1.45 -12.72 -7.72
CA GLY A 71 0.34 -13.66 -7.77
C GLY A 71 -1.01 -12.97 -7.62
N LEU A 72 -1.36 -12.15 -8.60
CA LEU A 72 -2.63 -11.43 -8.57
C LEU A 72 -3.56 -11.94 -9.66
N HIS A 73 -4.86 -11.99 -9.35
CA HIS A 73 -5.85 -12.46 -10.30
C HIS A 73 -5.96 -11.51 -11.49
N PHE A 74 -6.46 -12.01 -12.61
CA PHE A 74 -6.62 -11.20 -13.81
C PHE A 74 -8.09 -10.84 -14.04
N ASN A 75 -8.34 -10.02 -15.05
CA ASN A 75 -9.70 -9.59 -15.37
C ASN A 75 -10.49 -9.30 -14.10
N SER A 76 -9.93 -8.46 -13.24
CA SER A 76 -10.58 -8.11 -11.98
C SER A 76 -9.95 -6.86 -11.38
N THR A 77 -10.78 -5.95 -10.89
CA THR A 77 -10.30 -4.72 -10.28
C THR A 77 -9.82 -4.96 -8.85
N TYR A 78 -8.67 -4.38 -8.52
CA TYR A 78 -8.09 -4.54 -7.19
C TYR A 78 -7.98 -3.19 -6.48
N ASN A 79 -7.71 -3.23 -5.18
CA ASN A 79 -7.57 -2.01 -4.39
C ASN A 79 -6.60 -2.22 -3.23
N ALA A 80 -5.62 -1.33 -3.13
CA ALA A 80 -4.61 -1.42 -2.07
C ALA A 80 -4.55 -0.12 -1.27
N ARG A 81 -3.97 -0.18 -0.08
CA ARG A 81 -3.84 0.99 0.77
C ARG A 81 -2.75 0.78 1.82
N VAL A 82 -1.69 1.59 1.73
CA VAL A 82 -0.58 1.50 2.66
C VAL A 82 -0.67 2.57 3.74
N LYS A 83 -0.49 2.17 4.99
CA LYS A 83 -0.56 3.10 6.11
C LYS A 83 0.69 2.98 6.98
N ALA A 84 0.91 3.98 7.83
CA ALA A 84 2.06 3.98 8.73
C ALA A 84 1.64 3.71 10.17
N PHE A 85 2.53 3.12 10.95
CA PHE A 85 2.25 2.82 12.35
C PHE A 85 3.54 2.71 13.16
N ASN A 86 3.53 3.29 14.36
CA ASN A 86 4.69 3.26 15.23
C ASN A 86 4.27 3.26 16.69
N LYS A 87 5.27 3.29 17.59
CA LYS A 87 5.00 3.28 19.02
C LYS A 87 3.74 4.08 19.34
N THR A 88 3.64 5.28 18.78
CA THR A 88 2.49 6.14 19.01
C THR A 88 1.19 5.36 18.84
N GLY A 89 0.93 4.89 17.63
CA GLY A 89 -0.29 4.14 17.37
C GLY A 89 -0.39 3.71 15.92
N VAL A 90 -1.28 4.37 15.18
CA VAL A 90 -1.48 4.05 13.77
C VAL A 90 -1.91 5.28 12.97
N SER A 91 -1.90 5.15 11.65
CA SER A 91 -2.29 6.26 10.78
C SER A 91 -3.35 5.81 9.77
N PRO A 92 -4.08 6.79 9.21
CA PRO A 92 -5.13 6.52 8.23
C PRO A 92 -4.58 6.03 6.90
N TYR A 93 -5.28 5.10 6.27
CA TYR A 93 -4.86 4.56 4.98
C TYR A 93 -4.71 5.66 3.94
N SER A 94 -4.05 5.33 2.83
CA SER A 94 -3.84 6.30 1.77
C SER A 94 -4.93 6.19 0.70
N LYS A 95 -5.08 7.23 -0.09
CA LYS A 95 -6.08 7.25 -1.15
C LYS A 95 -6.14 5.90 -1.88
N THR A 96 -7.25 5.20 -1.70
CA THR A 96 -7.44 3.90 -2.33
C THR A 96 -6.80 3.86 -3.72
N LEU A 97 -5.93 2.89 -3.94
CA LEU A 97 -5.27 2.75 -5.24
C LEU A 97 -5.78 1.53 -5.98
N VAL A 98 -6.32 1.76 -7.19
CA VAL A 98 -6.84 0.68 -8.00
C VAL A 98 -5.77 0.11 -8.93
N LEU A 99 -5.68 -1.22 -8.96
CA LEU A 99 -4.69 -1.88 -9.80
C LEU A 99 -5.36 -2.67 -10.92
N GLN A 100 -5.80 -1.94 -11.95
CA GLN A 100 -6.47 -2.56 -13.09
C GLN A 100 -5.58 -3.63 -13.72
N THR A 101 -6.04 -4.89 -13.66
CA THR A 101 -5.29 -6.00 -14.22
C THR A 101 -5.64 -6.22 -15.68
N SER A 102 -4.71 -6.83 -16.42
CA SER A 102 -4.93 -7.09 -17.85
C SER A 102 -5.64 -8.43 -18.04
N GLU A 103 -6.02 -8.70 -19.29
CA GLU A 103 -6.70 -9.95 -19.62
C GLU A 103 -5.85 -11.16 -19.24
N GLY A 104 -6.51 -12.29 -19.00
CA GLY A 104 -5.79 -13.50 -18.63
C GLY A 104 -6.08 -14.65 -19.57
N SER A 105 -7.36 -14.80 -19.95
CA SER A 105 -7.76 -15.87 -20.85
C SER A 105 -6.79 -16.00 -22.03
N GLY A 106 -6.63 -14.92 -22.77
CA GLY A 106 -5.73 -14.93 -23.91
C GLY A 106 -4.43 -15.63 -23.61
N PRO A 107 -3.94 -16.44 -24.57
CA PRO A 107 -2.69 -17.19 -24.43
C PRO A 107 -1.47 -16.28 -24.44
N SER A 108 -1.38 -15.41 -25.44
CA SER A 108 -0.27 -14.49 -25.56
C SER A 108 -0.16 -13.59 -24.33
N SER A 109 0.66 -14.00 -23.37
CA SER A 109 0.85 -13.24 -22.14
C SER A 109 1.14 -11.77 -22.45
N GLY A 110 1.02 -10.93 -21.43
CA GLY A 110 1.27 -9.51 -21.61
C GLY A 110 0.57 -8.66 -20.57
N GLY A 1 -2.52 2.87 31.49
CA GLY A 1 -2.90 3.02 30.09
C GLY A 1 -2.17 4.16 29.41
N SER A 2 -2.60 5.39 29.70
CA SER A 2 -1.99 6.57 29.11
C SER A 2 -1.66 7.61 30.18
N SER A 3 -0.37 7.80 30.44
CA SER A 3 0.07 8.77 31.45
C SER A 3 0.58 10.04 30.78
N GLY A 4 1.15 9.90 29.58
CA GLY A 4 1.67 11.04 28.87
C GLY A 4 1.58 10.88 27.37
N SER A 5 1.80 11.96 26.64
CA SER A 5 1.73 11.94 25.18
C SER A 5 3.09 12.23 24.56
N SER A 6 3.71 11.19 24.02
CA SER A 6 5.03 11.33 23.39
C SER A 6 4.90 11.82 21.96
N GLY A 7 4.17 11.05 21.14
CA GLY A 7 3.98 11.43 19.75
C GLY A 7 2.80 10.73 19.12
N PRO A 8 2.06 11.46 18.27
CA PRO A 8 0.88 10.94 17.59
C PRO A 8 1.25 9.89 16.52
N VAL A 9 0.22 9.28 15.93
CA VAL A 9 0.44 8.28 14.90
C VAL A 9 1.28 8.82 13.76
N PRO A 10 2.00 7.93 13.06
CA PRO A 10 2.85 8.31 11.93
C PRO A 10 2.05 8.77 10.72
N ALA A 11 2.26 10.00 10.30
CA ALA A 11 1.55 10.55 9.15
C ALA A 11 1.33 9.49 8.08
N THR A 12 0.08 9.39 7.61
CA THR A 12 -0.28 8.40 6.60
C THR A 12 0.66 8.49 5.40
N PRO A 13 1.10 7.32 4.91
CA PRO A 13 2.00 7.24 3.76
C PRO A 13 1.31 7.64 2.46
N ILE A 14 2.09 8.23 1.54
CA ILE A 14 1.54 8.65 0.25
C ILE A 14 1.63 7.53 -0.77
N LEU A 15 0.50 7.22 -1.39
CA LEU A 15 0.43 6.15 -2.39
C LEU A 15 0.71 6.71 -3.78
N GLN A 16 1.99 6.72 -4.16
CA GLN A 16 2.40 7.23 -5.46
C GLN A 16 2.91 6.09 -6.35
N LEU A 17 1.99 5.30 -6.87
CA LEU A 17 2.35 4.18 -7.74
C LEU A 17 3.47 4.57 -8.70
N GLU A 18 4.48 3.71 -8.79
CA GLU A 18 5.61 3.96 -9.67
C GLU A 18 5.72 2.89 -10.75
N GLU A 19 5.43 1.64 -10.37
CA GLU A 19 5.49 0.52 -11.31
C GLU A 19 4.17 0.36 -12.04
N CYS A 20 3.92 1.23 -13.02
CA CYS A 20 2.69 1.17 -13.79
C CYS A 20 2.38 -0.25 -14.23
N CYS A 21 3.32 -0.87 -14.92
CA CYS A 21 3.14 -2.24 -15.40
C CYS A 21 4.45 -2.78 -15.97
N THR A 22 5.01 -3.78 -15.30
CA THR A 22 6.26 -4.39 -15.74
C THR A 22 6.12 -5.90 -15.86
N HIS A 23 5.59 -6.52 -14.82
CA HIS A 23 5.39 -7.97 -14.80
C HIS A 23 4.01 -8.33 -15.32
N ASN A 24 3.72 -9.63 -15.34
CA ASN A 24 2.43 -10.12 -15.80
C ASN A 24 1.29 -9.57 -14.93
N ASN A 25 1.21 -10.07 -13.71
CA ASN A 25 0.17 -9.63 -12.78
C ASN A 25 0.78 -9.20 -11.45
N SER A 26 1.86 -8.43 -11.51
CA SER A 26 2.55 -7.95 -10.32
C SER A 26 2.44 -6.43 -10.21
N ALA A 27 2.33 -5.95 -8.97
CA ALA A 27 2.22 -4.52 -8.72
C ALA A 27 3.17 -4.08 -7.62
N THR A 28 4.13 -3.23 -7.98
CA THR A 28 5.11 -2.74 -7.01
C THR A 28 4.62 -1.47 -6.33
N LEU A 29 4.82 -1.38 -5.02
CA LEU A 29 4.39 -0.23 -4.24
C LEU A 29 5.60 0.51 -3.67
N SER A 30 5.63 1.82 -3.87
CA SER A 30 6.73 2.65 -3.38
C SER A 30 6.20 3.91 -2.70
N TRP A 31 5.71 3.76 -1.49
CA TRP A 31 5.17 4.88 -0.73
C TRP A 31 6.24 5.50 0.17
N LYS A 32 6.06 6.78 0.50
CA LYS A 32 7.02 7.48 1.35
C LYS A 32 6.28 8.35 2.38
N GLN A 33 7.05 9.10 3.15
CA GLN A 33 6.48 9.98 4.17
C GLN A 33 6.38 11.41 3.66
N PRO A 34 5.27 12.08 4.00
CA PRO A 34 5.03 13.47 3.59
C PRO A 34 5.97 14.45 4.29
N PRO A 35 6.53 15.38 3.51
CA PRO A 35 7.46 16.40 4.03
C PRO A 35 6.75 17.43 4.91
N LEU A 36 5.42 17.36 4.93
CA LEU A 36 4.62 18.29 5.73
C LEU A 36 4.48 17.79 7.17
N SER A 37 4.70 16.49 7.36
CA SER A 37 4.61 15.89 8.68
C SER A 37 5.98 15.69 9.30
N THR A 38 6.07 15.85 10.62
CA THR A 38 7.33 15.69 11.32
C THR A 38 7.22 14.61 12.39
N VAL A 39 6.60 13.48 12.04
CA VAL A 39 6.44 12.37 12.96
C VAL A 39 7.13 11.12 12.45
N PRO A 40 8.06 10.58 13.25
CA PRO A 40 8.82 9.37 12.90
C PRO A 40 7.94 8.12 12.91
N ALA A 41 8.18 7.23 11.95
CA ALA A 41 7.42 6.00 11.85
C ALA A 41 8.28 4.78 12.22
N ASP A 42 7.62 3.69 12.61
CA ASP A 42 8.33 2.48 12.98
C ASP A 42 8.12 1.39 11.94
N GLY A 43 6.94 1.36 11.34
CA GLY A 43 6.64 0.36 10.34
C GLY A 43 5.53 0.81 9.38
N TYR A 44 5.23 -0.03 8.40
CA TYR A 44 4.19 0.29 7.43
C TYR A 44 3.41 -0.96 7.03
N ILE A 45 2.10 -0.92 7.24
CA ILE A 45 1.24 -2.05 6.89
C ILE A 45 0.55 -1.84 5.56
N LEU A 46 0.54 -2.88 4.73
CA LEU A 46 -0.09 -2.80 3.42
C LEU A 46 -1.40 -3.58 3.40
N GLU A 47 -2.22 -3.33 2.38
CA GLU A 47 -3.50 -4.00 2.24
C GLU A 47 -3.89 -4.17 0.78
N LEU A 48 -4.58 -5.26 0.48
CA LEU A 48 -5.00 -5.54 -0.90
C LEU A 48 -6.13 -6.56 -0.92
N ASP A 49 -7.20 -6.25 -1.66
CA ASP A 49 -8.34 -7.14 -1.76
C ASP A 49 -8.22 -8.04 -3.00
N ASP A 50 -8.93 -9.16 -2.99
CA ASP A 50 -8.90 -10.09 -4.10
C ASP A 50 -9.85 -9.63 -5.21
N GLY A 51 -9.80 -8.35 -5.53
CA GLY A 51 -10.66 -7.81 -6.57
C GLY A 51 -12.10 -8.26 -6.43
N ASN A 52 -12.51 -8.55 -5.20
CA ASN A 52 -13.88 -9.01 -4.94
C ASN A 52 -14.73 -7.88 -4.37
N GLY A 53 -14.09 -6.99 -3.61
CA GLY A 53 -14.81 -5.87 -3.03
C GLY A 53 -15.25 -6.15 -1.60
N GLY A 54 -14.53 -7.05 -0.93
CA GLY A 54 -14.87 -7.39 0.44
C GLY A 54 -14.01 -6.65 1.44
N GLN A 55 -13.31 -7.40 2.30
CA GLN A 55 -12.45 -6.82 3.31
C GLN A 55 -10.98 -6.87 2.87
N PHE A 56 -10.21 -5.87 3.28
CA PHE A 56 -8.80 -5.80 2.93
C PHE A 56 -7.95 -6.53 3.97
N ARG A 57 -7.10 -7.44 3.50
CA ARG A 57 -6.23 -8.20 4.38
C ARG A 57 -4.78 -7.77 4.23
N GLU A 58 -4.06 -7.69 5.35
CA GLU A 58 -2.66 -7.29 5.33
C GLU A 58 -1.86 -8.15 4.34
N VAL A 59 -1.04 -7.49 3.53
CA VAL A 59 -0.22 -8.19 2.55
C VAL A 59 1.26 -8.08 2.89
N TYR A 60 1.62 -7.02 3.62
CA TYR A 60 3.01 -6.81 4.01
C TYR A 60 3.10 -5.83 5.17
N VAL A 61 4.10 -6.00 6.01
CA VAL A 61 4.30 -5.13 7.17
C VAL A 61 5.70 -5.31 7.76
N GLY A 62 6.43 -4.21 7.86
CA GLY A 62 7.78 -4.27 8.41
C GLY A 62 8.37 -2.89 8.65
N LYS A 63 9.58 -2.67 8.14
CA LYS A 63 10.25 -1.39 8.31
C LYS A 63 10.38 -0.67 6.97
N GLU A 64 10.50 -1.45 5.90
CA GLU A 64 10.64 -0.89 4.55
C GLU A 64 9.36 -0.19 4.12
N THR A 65 9.45 0.61 3.07
CA THR A 65 8.29 1.33 2.56
C THR A 65 7.99 0.95 1.11
N MET A 66 8.43 -0.25 0.73
CA MET A 66 8.20 -0.73 -0.63
C MET A 66 7.99 -2.24 -0.64
N CYS A 67 6.87 -2.68 -1.21
CA CYS A 67 6.55 -4.09 -1.29
C CYS A 67 5.78 -4.41 -2.56
N THR A 68 6.07 -5.57 -3.16
CA THR A 68 5.40 -5.99 -4.39
C THR A 68 4.69 -7.32 -4.19
N VAL A 69 3.48 -7.42 -4.73
CA VAL A 69 2.68 -8.64 -4.62
C VAL A 69 2.71 -9.43 -5.92
N ASP A 70 2.82 -10.76 -5.80
CA ASP A 70 2.85 -11.62 -6.97
C ASP A 70 1.65 -12.56 -6.98
N GLY A 71 1.15 -12.86 -8.18
CA GLY A 71 0.01 -13.74 -8.30
C GLY A 71 -1.31 -13.01 -8.13
N LEU A 72 -1.61 -12.10 -9.05
CA LEU A 72 -2.85 -11.33 -9.00
C LEU A 72 -3.78 -11.70 -10.16
N HIS A 73 -5.08 -11.61 -9.92
CA HIS A 73 -6.06 -11.92 -10.94
C HIS A 73 -5.91 -11.00 -12.14
N PHE A 74 -6.60 -11.33 -13.24
CA PHE A 74 -6.54 -10.53 -14.45
C PHE A 74 -7.89 -9.87 -14.73
N ASN A 75 -7.87 -8.84 -15.58
CA ASN A 75 -9.09 -8.12 -15.93
C ASN A 75 -10.01 -7.99 -14.72
N SER A 76 -9.48 -7.48 -13.62
CA SER A 76 -10.25 -7.30 -12.39
C SER A 76 -9.80 -6.05 -11.64
N THR A 77 -10.75 -5.37 -11.02
CA THR A 77 -10.46 -4.15 -10.26
C THR A 77 -9.92 -4.49 -8.87
N TYR A 78 -8.67 -4.09 -8.62
CA TYR A 78 -8.05 -4.35 -7.33
C TYR A 78 -7.72 -3.05 -6.61
N ASN A 79 -8.05 -2.98 -5.33
CA ASN A 79 -7.79 -1.79 -4.53
C ASN A 79 -6.73 -2.07 -3.47
N ALA A 80 -5.75 -1.16 -3.36
CA ALA A 80 -4.68 -1.30 -2.39
C ALA A 80 -4.47 -0.01 -1.60
N ARG A 81 -4.15 -0.15 -0.32
CA ARG A 81 -3.94 1.00 0.54
C ARG A 81 -2.84 0.72 1.57
N VAL A 82 -1.97 1.70 1.79
CA VAL A 82 -0.88 1.56 2.74
C VAL A 82 -1.01 2.55 3.88
N LYS A 83 -0.69 2.10 5.09
CA LYS A 83 -0.78 2.95 6.28
C LYS A 83 0.47 2.80 7.15
N ALA A 84 0.68 3.75 8.04
CA ALA A 84 1.83 3.72 8.93
C ALA A 84 1.42 3.29 10.33
N PHE A 85 2.35 2.65 11.04
CA PHE A 85 2.08 2.17 12.40
C PHE A 85 3.35 2.24 13.25
N ASN A 86 3.18 2.64 14.51
CA ASN A 86 4.31 2.75 15.43
C ASN A 86 3.83 2.67 16.88
N LYS A 87 4.77 2.79 17.82
CA LYS A 87 4.45 2.73 19.23
C LYS A 87 3.09 3.36 19.51
N THR A 88 2.84 4.51 18.90
CA THR A 88 1.58 5.22 19.07
C THR A 88 0.39 4.29 18.80
N GLY A 89 0.29 3.81 17.56
CA GLY A 89 -0.80 2.92 17.20
C GLY A 89 -0.81 2.60 15.72
N VAL A 90 -1.73 3.23 14.99
CA VAL A 90 -1.85 3.01 13.55
C VAL A 90 -2.48 4.21 12.86
N SER A 91 -2.16 4.39 11.59
CA SER A 91 -2.69 5.50 10.81
C SER A 91 -3.77 5.02 9.84
N PRO A 92 -4.59 5.96 9.36
CA PRO A 92 -5.67 5.66 8.42
C PRO A 92 -5.15 5.28 7.04
N TYR A 93 -5.87 4.38 6.37
CA TYR A 93 -5.48 3.92 5.04
C TYR A 93 -5.42 5.09 4.06
N SER A 94 -4.45 5.03 3.15
CA SER A 94 -4.27 6.09 2.16
C SER A 94 -5.33 5.99 1.06
N LYS A 95 -5.59 7.09 0.39
CA LYS A 95 -6.57 7.13 -0.69
C LYS A 95 -6.57 5.82 -1.47
N THR A 96 -7.58 4.99 -1.21
CA THR A 96 -7.70 3.71 -1.90
C THR A 96 -7.19 3.79 -3.33
N LEU A 97 -6.12 3.07 -3.62
CA LEU A 97 -5.53 3.07 -4.95
C LEU A 97 -6.07 1.91 -5.78
N VAL A 98 -6.58 2.20 -6.97
CA VAL A 98 -7.12 1.17 -7.85
C VAL A 98 -6.04 0.63 -8.78
N LEU A 99 -6.13 -0.65 -9.11
CA LEU A 99 -5.16 -1.29 -9.99
C LEU A 99 -5.86 -2.17 -11.02
N GLN A 100 -6.03 -1.62 -12.23
CA GLN A 100 -6.68 -2.35 -13.31
C GLN A 100 -5.76 -3.40 -13.90
N THR A 101 -5.64 -4.54 -13.21
CA THR A 101 -4.77 -5.62 -13.66
C THR A 101 -4.83 -5.77 -15.17
N SER A 102 -3.76 -6.30 -15.75
CA SER A 102 -3.67 -6.50 -17.20
C SER A 102 -4.33 -7.81 -17.61
N GLU A 103 -4.61 -7.94 -18.90
CA GLU A 103 -5.23 -9.16 -19.43
C GLU A 103 -4.45 -10.40 -19.00
N GLY A 104 -5.18 -11.48 -18.70
CA GLY A 104 -4.54 -12.71 -18.28
C GLY A 104 -3.85 -13.42 -19.44
N SER A 105 -2.75 -14.11 -19.13
CA SER A 105 -2.01 -14.83 -20.14
C SER A 105 -1.78 -13.96 -21.38
N GLY A 106 -1.42 -12.71 -21.15
CA GLY A 106 -1.18 -11.79 -22.25
C GLY A 106 0.22 -11.92 -22.83
N PRO A 107 0.34 -11.71 -24.15
CA PRO A 107 1.63 -11.81 -24.85
C PRO A 107 2.57 -10.67 -24.48
N SER A 108 3.57 -10.97 -23.66
CA SER A 108 4.54 -9.97 -23.23
C SER A 108 5.05 -9.17 -24.42
N SER A 109 5.44 -9.86 -25.47
CA SER A 109 5.95 -9.21 -26.67
C SER A 109 4.81 -8.65 -27.52
N GLY A 110 4.92 -7.38 -27.89
CA GLY A 110 3.90 -6.74 -28.69
C GLY A 110 3.49 -7.58 -29.89
N GLY A 1 -10.66 12.95 21.35
CA GLY A 1 -9.63 13.46 22.23
C GLY A 1 -8.27 12.83 21.98
N SER A 2 -7.30 13.67 21.67
CA SER A 2 -5.94 13.19 21.38
C SER A 2 -4.97 13.64 22.48
N SER A 3 -4.69 12.74 23.42
CA SER A 3 -3.79 13.04 24.52
C SER A 3 -2.34 12.74 24.12
N GLY A 4 -2.06 12.82 22.83
CA GLY A 4 -0.71 12.55 22.34
C GLY A 4 -0.17 13.69 21.50
N SER A 5 0.40 14.69 22.16
CA SER A 5 0.96 15.84 21.46
C SER A 5 2.48 15.73 21.35
N SER A 6 3.07 14.96 22.25
CA SER A 6 4.52 14.77 22.25
C SER A 6 4.95 13.83 21.13
N GLY A 7 4.28 12.69 21.05
CA GLY A 7 4.60 11.71 20.01
C GLY A 7 3.36 11.19 19.30
N PRO A 8 2.81 12.02 18.41
CA PRO A 8 1.61 11.65 17.63
C PRO A 8 1.88 10.56 16.61
N VAL A 9 0.83 9.95 16.10
CA VAL A 9 0.96 8.89 15.11
C VAL A 9 1.80 9.34 13.92
N PRO A 10 2.42 8.38 13.23
CA PRO A 10 3.26 8.66 12.07
C PRO A 10 2.46 9.14 10.87
N ALA A 11 2.76 10.34 10.40
CA ALA A 11 2.07 10.92 9.25
C ALA A 11 1.83 9.87 8.18
N THR A 12 0.58 9.72 7.77
CA THR A 12 0.22 8.75 6.74
C THR A 12 1.12 8.86 5.53
N PRO A 13 1.57 7.71 5.00
CA PRO A 13 2.46 7.66 3.84
C PRO A 13 1.74 8.07 2.56
N ILE A 14 2.51 8.22 1.48
CA ILE A 14 1.95 8.61 0.20
C ILE A 14 1.91 7.43 -0.78
N LEU A 15 0.75 7.20 -1.37
CA LEU A 15 0.57 6.11 -2.32
C LEU A 15 1.18 6.46 -3.67
N GLN A 16 2.22 5.73 -4.06
CA GLN A 16 2.89 5.96 -5.34
C GLN A 16 3.19 4.64 -6.04
N LEU A 17 2.70 4.51 -7.26
CA LEU A 17 2.91 3.29 -8.05
C LEU A 17 4.06 3.47 -9.03
N GLU A 18 5.01 2.54 -9.00
CA GLU A 18 6.16 2.60 -9.90
C GLU A 18 6.06 1.54 -11.00
N GLU A 19 5.36 0.46 -10.69
CA GLU A 19 5.19 -0.64 -11.64
C GLU A 19 4.54 -0.14 -12.93
N CYS A 20 5.15 -0.47 -14.06
CA CYS A 20 4.62 -0.05 -15.36
C CYS A 20 4.36 -1.26 -16.25
N CYS A 21 5.39 -2.08 -16.46
CA CYS A 21 5.27 -3.26 -17.29
C CYS A 21 4.01 -4.05 -16.95
N THR A 22 3.23 -4.40 -17.97
CA THR A 22 2.00 -5.15 -17.78
C THR A 22 2.28 -6.65 -17.65
N HIS A 23 3.15 -7.16 -18.52
CA HIS A 23 3.49 -8.57 -18.52
C HIS A 23 3.57 -9.10 -17.09
N ASN A 24 4.33 -8.41 -16.25
CA ASN A 24 4.49 -8.81 -14.85
C ASN A 24 3.17 -8.72 -14.10
N ASN A 25 2.81 -9.79 -13.41
CA ASN A 25 1.57 -9.84 -12.66
C ASN A 25 1.81 -9.45 -11.19
N SER A 26 2.50 -8.34 -10.98
CA SER A 26 2.80 -7.87 -9.64
C SER A 26 2.69 -6.34 -9.57
N ALA A 27 2.52 -5.82 -8.35
CA ALA A 27 2.40 -4.39 -8.14
C ALA A 27 3.37 -3.90 -7.07
N THR A 28 4.40 -3.18 -7.50
CA THR A 28 5.41 -2.66 -6.58
C THR A 28 5.16 -1.19 -6.27
N LEU A 29 4.95 -0.88 -5.00
CA LEU A 29 4.71 0.49 -4.57
C LEU A 29 5.74 0.94 -3.54
N SER A 30 6.36 2.08 -3.79
CA SER A 30 7.37 2.62 -2.89
C SER A 30 6.89 3.91 -2.23
N TRP A 31 5.76 3.82 -1.54
CA TRP A 31 5.19 4.99 -0.87
C TRP A 31 6.26 5.75 -0.09
N LYS A 32 6.04 7.05 0.13
CA LYS A 32 6.97 7.88 0.86
C LYS A 32 6.28 8.62 2.00
N GLN A 33 7.02 9.49 2.68
CA GLN A 33 6.47 10.26 3.78
C GLN A 33 6.14 11.68 3.34
N PRO A 34 5.04 12.23 3.87
CA PRO A 34 4.59 13.58 3.54
C PRO A 34 5.51 14.65 4.12
N PRO A 35 5.93 15.60 3.27
CA PRO A 35 6.82 16.70 3.68
C PRO A 35 6.13 17.69 4.60
N LEU A 36 4.83 17.48 4.83
CA LEU A 36 4.05 18.36 5.68
C LEU A 36 3.97 17.81 7.11
N SER A 37 4.92 16.95 7.45
CA SER A 37 4.97 16.34 8.78
C SER A 37 6.40 16.03 9.19
N THR A 38 6.63 15.91 10.49
CA THR A 38 7.96 15.61 11.00
C THR A 38 7.91 14.46 12.00
N VAL A 39 7.02 13.50 11.75
CA VAL A 39 6.88 12.33 12.61
C VAL A 39 7.48 11.09 11.98
N PRO A 40 8.46 10.48 12.66
CA PRO A 40 9.13 9.26 12.17
C PRO A 40 8.21 8.05 12.19
N ALA A 41 8.50 7.09 11.32
CA ALA A 41 7.70 5.86 11.25
C ALA A 41 8.55 4.64 11.51
N ASP A 42 7.99 3.67 12.24
CA ASP A 42 8.70 2.44 12.57
C ASP A 42 8.48 1.38 11.49
N GLY A 43 7.25 1.30 10.99
CA GLY A 43 6.93 0.32 9.96
C GLY A 43 5.65 0.66 9.21
N TYR A 44 5.38 -0.09 8.15
CA TYR A 44 4.19 0.14 7.35
C TYR A 44 3.44 -1.16 7.11
N ILE A 45 2.15 -1.05 6.82
CA ILE A 45 1.31 -2.22 6.58
C ILE A 45 0.44 -2.02 5.33
N LEU A 46 0.57 -2.92 4.37
CA LEU A 46 -0.21 -2.85 3.15
C LEU A 46 -1.44 -3.75 3.22
N GLU A 47 -2.51 -3.34 2.53
CA GLU A 47 -3.74 -4.11 2.53
C GLU A 47 -4.28 -4.25 1.11
N LEU A 48 -5.04 -5.32 0.86
CA LEU A 48 -5.62 -5.57 -0.45
C LEU A 48 -6.88 -6.42 -0.33
N ASP A 49 -7.82 -6.21 -1.25
CA ASP A 49 -9.06 -6.97 -1.26
C ASP A 49 -9.00 -8.12 -2.24
N ASP A 50 -9.96 -9.03 -2.16
CA ASP A 50 -10.01 -10.19 -3.05
C ASP A 50 -10.65 -9.82 -4.38
N GLY A 51 -10.25 -8.68 -4.93
CA GLY A 51 -10.79 -8.22 -6.20
C GLY A 51 -12.30 -8.32 -6.26
N ASN A 52 -12.93 -8.27 -5.09
CA ASN A 52 -14.39 -8.35 -5.00
C ASN A 52 -15.00 -6.98 -4.76
N GLY A 53 -14.27 -6.13 -4.04
CA GLY A 53 -14.76 -4.79 -3.76
C GLY A 53 -15.42 -4.70 -2.40
N GLY A 54 -14.88 -5.43 -1.42
CA GLY A 54 -15.44 -5.40 -0.09
C GLY A 54 -14.41 -4.98 0.96
N GLN A 55 -14.00 -5.92 1.80
CA GLN A 55 -13.03 -5.63 2.84
C GLN A 55 -11.61 -5.84 2.33
N PHE A 56 -10.64 -5.32 3.07
CA PHE A 56 -9.23 -5.45 2.70
C PHE A 56 -8.46 -6.25 3.74
N ARG A 57 -7.43 -6.97 3.29
CA ARG A 57 -6.61 -7.78 4.18
C ARG A 57 -5.14 -7.42 4.05
N GLU A 58 -4.39 -7.61 5.12
CA GLU A 58 -2.97 -7.31 5.13
C GLU A 58 -2.23 -8.16 4.10
N VAL A 59 -1.30 -7.53 3.38
CA VAL A 59 -0.51 -8.22 2.36
C VAL A 59 0.98 -8.13 2.66
N TYR A 60 1.39 -7.02 3.26
CA TYR A 60 2.79 -6.81 3.60
C TYR A 60 2.93 -6.01 4.89
N VAL A 61 3.95 -6.34 5.68
CA VAL A 61 4.19 -5.65 6.94
C VAL A 61 5.67 -5.67 7.31
N GLY A 62 6.25 -4.49 7.48
CA GLY A 62 7.67 -4.40 7.82
C GLY A 62 8.11 -2.97 8.04
N LYS A 63 9.39 -2.71 7.80
CA LYS A 63 9.94 -1.37 7.96
C LYS A 63 10.68 -0.92 6.70
N GLU A 64 10.07 -1.19 5.54
CA GLU A 64 10.66 -0.81 4.26
C GLU A 64 9.81 0.23 3.56
N THR A 65 10.38 0.86 2.54
CA THR A 65 9.67 1.89 1.78
C THR A 65 9.27 1.38 0.41
N MET A 66 9.20 0.07 0.27
CA MET A 66 8.83 -0.56 -1.00
C MET A 66 8.38 -2.01 -0.79
N CYS A 67 7.33 -2.40 -1.48
CA CYS A 67 6.81 -3.76 -1.37
C CYS A 67 6.30 -4.26 -2.72
N THR A 68 6.54 -5.53 -3.01
CA THR A 68 6.11 -6.13 -4.27
C THR A 68 5.23 -7.35 -4.02
N VAL A 69 4.02 -7.31 -4.57
CA VAL A 69 3.08 -8.42 -4.41
C VAL A 69 3.07 -9.32 -5.64
N ASP A 70 3.14 -10.63 -5.41
CA ASP A 70 3.14 -11.59 -6.50
C ASP A 70 1.89 -12.47 -6.45
N GLY A 71 1.38 -12.84 -7.63
CA GLY A 71 0.20 -13.68 -7.69
C GLY A 71 -1.08 -12.87 -7.59
N LEU A 72 -1.33 -12.04 -8.59
CA LEU A 72 -2.53 -11.20 -8.61
C LEU A 72 -3.46 -11.61 -9.75
N HIS A 73 -4.72 -11.85 -9.42
CA HIS A 73 -5.71 -12.24 -10.43
C HIS A 73 -5.75 -11.22 -11.57
N PHE A 74 -6.45 -11.57 -12.64
CA PHE A 74 -6.57 -10.70 -13.80
C PHE A 74 -8.02 -10.28 -14.02
N ASN A 75 -8.24 -9.43 -15.01
CA ASN A 75 -9.58 -8.95 -15.33
C ASN A 75 -10.41 -8.79 -14.06
N SER A 76 -9.83 -8.16 -13.05
CA SER A 76 -10.52 -7.95 -11.78
C SER A 76 -10.00 -6.70 -11.08
N THR A 77 -10.91 -5.81 -10.70
CA THR A 77 -10.55 -4.57 -10.02
C THR A 77 -9.98 -4.86 -8.64
N TYR A 78 -8.78 -4.33 -8.37
CA TYR A 78 -8.13 -4.52 -7.08
C TYR A 78 -7.92 -3.19 -6.38
N ASN A 79 -8.20 -3.17 -5.07
CA ASN A 79 -8.04 -1.96 -4.28
C ASN A 79 -7.05 -2.19 -3.13
N ALA A 80 -5.99 -1.39 -3.10
CA ALA A 80 -4.98 -1.50 -2.06
C ALA A 80 -4.90 -0.22 -1.24
N ARG A 81 -4.15 -0.28 -0.13
CA ARG A 81 -3.99 0.88 0.74
C ARG A 81 -2.85 0.66 1.73
N VAL A 82 -2.03 1.68 1.91
CA VAL A 82 -0.89 1.60 2.83
C VAL A 82 -1.01 2.63 3.94
N LYS A 83 -0.62 2.24 5.15
CA LYS A 83 -0.68 3.13 6.30
C LYS A 83 0.54 2.96 7.19
N ALA A 84 0.79 3.94 8.04
CA ALA A 84 1.94 3.90 8.95
C ALA A 84 1.50 3.54 10.36
N PHE A 85 2.43 2.99 11.14
CA PHE A 85 2.13 2.59 12.52
C PHE A 85 3.42 2.50 13.33
N ASN A 86 3.35 2.99 14.58
CA ASN A 86 4.51 2.96 15.46
C ASN A 86 4.08 2.89 16.92
N LYS A 87 5.04 2.96 17.82
CA LYS A 87 4.75 2.91 19.26
C LYS A 87 3.47 3.66 19.58
N THR A 88 3.32 4.85 19.02
CA THR A 88 2.14 5.66 19.25
C THR A 88 0.86 4.85 19.04
N GLY A 89 0.59 4.50 17.80
CA GLY A 89 -0.60 3.72 17.48
C GLY A 89 -0.65 3.30 16.03
N VAL A 90 -1.56 3.91 15.27
CA VAL A 90 -1.70 3.59 13.86
C VAL A 90 -2.24 4.79 13.08
N SER A 91 -2.00 4.79 11.77
CA SER A 91 -2.45 5.88 10.91
C SER A 91 -3.55 5.41 9.96
N PRO A 92 -4.30 6.37 9.41
CA PRO A 92 -5.40 6.08 8.47
C PRO A 92 -4.89 5.56 7.13
N TYR A 93 -5.67 4.68 6.51
CA TYR A 93 -5.31 4.11 5.22
C TYR A 93 -5.26 5.19 4.14
N SER A 94 -4.13 5.30 3.45
CA SER A 94 -3.96 6.29 2.40
C SER A 94 -5.03 6.11 1.32
N LYS A 95 -4.96 6.95 0.29
CA LYS A 95 -5.91 6.89 -0.81
C LYS A 95 -6.01 5.47 -1.37
N THR A 96 -7.23 5.01 -1.60
CA THR A 96 -7.46 3.68 -2.14
C THR A 96 -6.93 3.56 -3.56
N LEU A 97 -5.82 2.84 -3.70
CA LEU A 97 -5.20 2.65 -5.01
C LEU A 97 -5.87 1.50 -5.76
N VAL A 98 -6.42 1.81 -6.93
CA VAL A 98 -7.09 0.82 -7.75
C VAL A 98 -6.17 0.31 -8.86
N LEU A 99 -5.76 -0.95 -8.75
CA LEU A 99 -4.88 -1.56 -9.75
C LEU A 99 -5.66 -2.47 -10.68
N GLN A 100 -6.46 -1.88 -11.56
CA GLN A 100 -7.26 -2.65 -12.51
C GLN A 100 -6.38 -3.51 -13.40
N THR A 101 -6.38 -4.82 -13.16
CA THR A 101 -5.58 -5.75 -13.94
C THR A 101 -6.12 -5.88 -15.36
N SER A 102 -5.29 -6.39 -16.26
CA SER A 102 -5.68 -6.57 -17.66
C SER A 102 -6.35 -7.93 -17.86
N GLU A 103 -6.99 -8.09 -19.01
CA GLU A 103 -7.66 -9.36 -19.33
C GLU A 103 -6.69 -10.54 -19.25
N GLY A 104 -7.03 -11.51 -18.43
CA GLY A 104 -6.18 -12.68 -18.27
C GLY A 104 -6.25 -13.61 -19.47
N SER A 105 -7.46 -13.93 -19.90
CA SER A 105 -7.66 -14.83 -21.03
C SER A 105 -6.98 -14.27 -22.28
N GLY A 106 -6.36 -15.16 -23.06
CA GLY A 106 -5.68 -14.74 -24.27
C GLY A 106 -5.00 -15.89 -24.97
N PRO A 107 -4.98 -15.84 -26.31
CA PRO A 107 -4.35 -16.88 -27.13
C PRO A 107 -2.82 -16.87 -27.01
N SER A 108 -2.23 -15.70 -27.17
CA SER A 108 -0.78 -15.56 -27.08
C SER A 108 -0.37 -14.09 -27.12
N SER A 109 0.93 -13.84 -27.00
CA SER A 109 1.45 -12.47 -27.01
C SER A 109 1.80 -12.04 -28.43
N GLY A 110 2.00 -10.74 -28.61
CA GLY A 110 2.33 -10.22 -29.93
C GLY A 110 1.38 -10.68 -31.00
N GLY A 1 4.53 14.15 37.94
CA GLY A 1 4.56 13.99 36.50
C GLY A 1 5.69 13.09 36.04
N SER A 2 5.46 12.37 34.94
CA SER A 2 6.46 11.46 34.40
C SER A 2 7.43 12.21 33.49
N SER A 3 8.49 11.51 33.08
CA SER A 3 9.50 12.10 32.20
C SER A 3 9.59 11.32 30.89
N GLY A 4 8.49 10.70 30.50
CA GLY A 4 8.48 9.93 29.27
C GLY A 4 7.64 10.58 28.19
N SER A 5 8.29 11.11 27.16
CA SER A 5 7.60 11.76 26.06
C SER A 5 7.18 10.74 25.00
N SER A 6 5.94 10.85 24.56
CA SER A 6 5.41 9.94 23.54
C SER A 6 4.65 10.71 22.46
N GLY A 7 5.13 10.61 21.23
CA GLY A 7 4.48 11.30 20.13
C GLY A 7 3.29 10.53 19.59
N PRO A 8 2.40 11.25 18.88
CA PRO A 8 1.19 10.65 18.30
C PRO A 8 1.51 9.72 17.13
N VAL A 9 0.47 9.24 16.47
CA VAL A 9 0.65 8.34 15.33
C VAL A 9 1.35 9.05 14.17
N PRO A 10 2.05 8.26 13.35
CA PRO A 10 2.78 8.80 12.19
C PRO A 10 1.85 9.26 11.09
N ALA A 11 2.21 10.37 10.44
CA ALA A 11 1.41 10.93 9.36
C ALA A 11 1.20 9.91 8.24
N THR A 12 -0.06 9.69 7.88
CA THR A 12 -0.39 8.74 6.82
C THR A 12 0.48 8.95 5.58
N PRO A 13 0.96 7.84 5.00
CA PRO A 13 1.82 7.90 3.81
C PRO A 13 1.04 8.32 2.57
N ILE A 14 1.74 8.38 1.44
CA ILE A 14 1.12 8.78 0.18
C ILE A 14 1.28 7.70 -0.89
N LEU A 15 0.18 7.08 -1.27
CA LEU A 15 0.20 6.03 -2.27
C LEU A 15 0.49 6.60 -3.65
N GLN A 16 1.63 6.22 -4.22
CA GLN A 16 2.02 6.70 -5.54
C GLN A 16 2.45 5.55 -6.43
N LEU A 17 1.52 5.07 -7.26
CA LEU A 17 1.81 3.96 -8.16
C LEU A 17 2.96 4.30 -9.10
N GLU A 18 4.15 3.77 -8.79
CA GLU A 18 5.34 4.02 -9.59
C GLU A 18 5.36 3.09 -10.81
N GLU A 19 5.20 1.80 -10.56
CA GLU A 19 5.22 0.81 -11.63
C GLU A 19 4.55 1.36 -12.89
N CYS A 20 5.25 1.27 -14.01
CA CYS A 20 4.73 1.76 -15.28
C CYS A 20 4.77 0.67 -16.35
N CYS A 21 5.89 -0.04 -16.42
CA CYS A 21 6.06 -1.11 -17.40
C CYS A 21 6.62 -2.37 -16.74
N THR A 22 5.75 -3.35 -16.50
CA THR A 22 6.16 -4.60 -15.87
C THR A 22 5.88 -5.79 -16.78
N HIS A 23 4.68 -5.81 -17.35
CA HIS A 23 4.28 -6.89 -18.24
C HIS A 23 4.24 -8.23 -17.50
N ASN A 24 3.70 -8.20 -16.29
CA ASN A 24 3.60 -9.40 -15.46
C ASN A 24 2.52 -9.25 -14.40
N ASN A 25 2.19 -10.35 -13.73
CA ASN A 25 1.17 -10.34 -12.69
C ASN A 25 1.76 -9.93 -11.34
N SER A 26 2.22 -8.69 -11.27
CA SER A 26 2.82 -8.18 -10.04
C SER A 26 2.57 -6.67 -9.91
N ALA A 27 2.55 -6.19 -8.66
CA ALA A 27 2.33 -4.78 -8.39
C ALA A 27 3.40 -4.21 -7.46
N THR A 28 4.06 -3.15 -7.90
CA THR A 28 5.12 -2.53 -7.11
C THR A 28 4.57 -1.33 -6.33
N LEU A 29 4.72 -1.37 -5.01
CA LEU A 29 4.24 -0.31 -4.15
C LEU A 29 5.42 0.46 -3.55
N SER A 30 5.42 1.78 -3.72
CA SER A 30 6.47 2.63 -3.19
C SER A 30 5.89 3.83 -2.46
N TRP A 31 5.28 3.57 -1.31
CA TRP A 31 4.68 4.63 -0.50
C TRP A 31 5.73 5.67 -0.10
N LYS A 32 5.27 6.86 0.25
CA LYS A 32 6.16 7.94 0.65
C LYS A 32 5.52 8.80 1.74
N GLN A 33 6.36 9.50 2.50
CA GLN A 33 5.87 10.36 3.57
C GLN A 33 5.45 11.72 3.03
N PRO A 34 4.40 12.30 3.62
CA PRO A 34 3.87 13.60 3.22
C PRO A 34 4.82 14.74 3.57
N PRO A 35 4.67 15.88 2.87
CA PRO A 35 5.50 17.06 3.09
C PRO A 35 5.20 17.74 4.43
N LEU A 36 4.09 17.35 5.05
CA LEU A 36 3.70 17.92 6.33
C LEU A 36 3.80 16.88 7.44
N SER A 37 4.79 16.00 7.33
CA SER A 37 5.00 14.96 8.33
C SER A 37 5.86 15.48 9.49
N THR A 38 5.43 15.18 10.71
CA THR A 38 6.15 15.61 11.90
C THR A 38 6.47 14.43 12.80
N VAL A 39 5.64 13.39 12.74
CA VAL A 39 5.83 12.21 13.56
C VAL A 39 6.47 11.08 12.75
N PRO A 40 7.64 10.61 13.19
CA PRO A 40 8.37 9.54 12.52
C PRO A 40 7.67 8.18 12.66
N ALA A 41 7.66 7.41 11.58
CA ALA A 41 7.03 6.10 11.58
C ALA A 41 8.05 4.99 11.82
N ASP A 42 7.59 3.87 12.35
CA ASP A 42 8.47 2.74 12.64
C ASP A 42 8.29 1.64 11.58
N GLY A 43 7.07 1.53 11.06
CA GLY A 43 6.79 0.52 10.06
C GLY A 43 5.61 0.89 9.18
N TYR A 44 5.27 0.00 8.25
CA TYR A 44 4.14 0.23 7.35
C TYR A 44 3.41 -1.06 7.03
N ILE A 45 2.09 -1.02 7.09
CA ILE A 45 1.28 -2.21 6.81
C ILE A 45 0.51 -2.03 5.50
N LEU A 46 0.62 -3.01 4.63
CA LEU A 46 -0.06 -2.98 3.34
C LEU A 46 -1.37 -3.77 3.40
N GLU A 47 -2.35 -3.36 2.59
CA GLU A 47 -3.64 -4.02 2.56
C GLU A 47 -4.21 -4.01 1.14
N LEU A 48 -4.75 -5.16 0.72
CA LEU A 48 -5.33 -5.29 -0.61
C LEU A 48 -6.52 -6.24 -0.59
N ASP A 49 -7.46 -6.01 -1.50
CA ASP A 49 -8.65 -6.85 -1.61
C ASP A 49 -8.47 -7.94 -2.66
N ASP A 50 -9.34 -8.94 -2.63
CA ASP A 50 -9.28 -10.03 -3.58
C ASP A 50 -10.02 -9.67 -4.87
N GLY A 51 -9.97 -8.40 -5.23
CA GLY A 51 -10.64 -7.94 -6.44
C GLY A 51 -12.11 -8.32 -6.47
N ASN A 52 -12.66 -8.60 -5.29
CA ASN A 52 -14.07 -8.98 -5.18
C ASN A 52 -14.91 -7.82 -4.64
N GLY A 53 -14.25 -6.92 -3.92
CA GLY A 53 -14.95 -5.77 -3.35
C GLY A 53 -15.43 -6.02 -1.94
N GLY A 54 -14.72 -6.89 -1.22
CA GLY A 54 -15.10 -7.20 0.15
C GLY A 54 -14.32 -6.39 1.16
N GLN A 55 -13.59 -7.07 2.03
CA GLN A 55 -12.80 -6.41 3.05
C GLN A 55 -11.31 -6.54 2.77
N PHE A 56 -10.56 -5.46 3.00
CA PHE A 56 -9.12 -5.46 2.77
C PHE A 56 -8.40 -6.27 3.84
N ARG A 57 -7.41 -7.05 3.41
CA ARG A 57 -6.63 -7.86 4.34
C ARG A 57 -5.15 -7.55 4.22
N GLU A 58 -4.42 -7.71 5.32
CA GLU A 58 -2.98 -7.45 5.34
C GLU A 58 -2.27 -8.30 4.30
N VAL A 59 -1.35 -7.66 3.56
CA VAL A 59 -0.59 -8.36 2.53
C VAL A 59 0.91 -8.31 2.83
N TYR A 60 1.32 -7.31 3.59
CA TYR A 60 2.72 -7.15 3.95
C TYR A 60 2.88 -6.33 5.23
N VAL A 61 4.00 -6.50 5.91
CA VAL A 61 4.27 -5.78 7.14
C VAL A 61 5.77 -5.69 7.42
N GLY A 62 6.26 -4.47 7.61
CA GLY A 62 7.67 -4.27 7.87
C GLY A 62 8.02 -2.80 8.03
N LYS A 63 9.27 -2.46 7.70
CA LYS A 63 9.73 -1.08 7.80
C LYS A 63 10.46 -0.66 6.52
N GLU A 64 10.02 -1.21 5.39
CA GLU A 64 10.64 -0.89 4.10
C GLU A 64 9.92 0.28 3.44
N THR A 65 10.43 0.72 2.30
CA THR A 65 9.85 1.84 1.58
C THR A 65 9.33 1.39 0.21
N MET A 66 9.63 0.15 -0.16
CA MET A 66 9.20 -0.40 -1.44
C MET A 66 8.93 -1.90 -1.33
N CYS A 67 7.71 -2.31 -1.61
CA CYS A 67 7.34 -3.72 -1.54
C CYS A 67 6.53 -4.12 -2.78
N THR A 68 6.82 -5.32 -3.29
CA THR A 68 6.13 -5.82 -4.47
C THR A 68 5.48 -7.16 -4.19
N VAL A 69 4.23 -7.33 -4.64
CA VAL A 69 3.50 -8.57 -4.44
C VAL A 69 3.54 -9.45 -5.68
N ASP A 70 3.54 -10.76 -5.48
CA ASP A 70 3.58 -11.70 -6.59
C ASP A 70 2.32 -12.57 -6.60
N GLY A 71 1.86 -12.93 -7.79
CA GLY A 71 0.67 -13.75 -7.93
C GLY A 71 -0.61 -12.94 -7.85
N LEU A 72 -0.82 -12.08 -8.84
CA LEU A 72 -2.01 -11.24 -8.88
C LEU A 72 -2.89 -11.62 -10.06
N HIS A 73 -4.19 -11.79 -9.81
CA HIS A 73 -5.15 -12.16 -10.85
C HIS A 73 -5.34 -10.99 -11.82
N PHE A 74 -5.52 -11.33 -13.09
CA PHE A 74 -5.71 -10.31 -14.13
C PHE A 74 -7.19 -10.19 -14.48
N ASN A 75 -7.51 -9.20 -15.32
CA ASN A 75 -8.89 -8.97 -15.73
C ASN A 75 -9.80 -8.75 -14.52
N SER A 76 -9.26 -8.07 -13.51
CA SER A 76 -10.03 -7.79 -12.30
C SER A 76 -9.49 -6.56 -11.59
N THR A 77 -10.40 -5.73 -11.09
CA THR A 77 -10.02 -4.51 -10.39
C THR A 77 -9.50 -4.81 -8.99
N TYR A 78 -8.39 -4.17 -8.63
CA TYR A 78 -7.79 -4.39 -7.31
C TYR A 78 -7.66 -3.07 -6.55
N ASN A 79 -8.01 -3.09 -5.28
CA ASN A 79 -7.93 -1.90 -4.43
C ASN A 79 -6.95 -2.11 -3.29
N ALA A 80 -5.94 -1.24 -3.22
CA ALA A 80 -4.94 -1.33 -2.17
C ALA A 80 -4.97 -0.09 -1.27
N ARG A 81 -4.28 -0.16 -0.14
CA ARG A 81 -4.23 0.95 0.79
C ARG A 81 -3.12 0.75 1.83
N VAL A 82 -2.14 1.64 1.82
CA VAL A 82 -1.02 1.56 2.76
C VAL A 82 -1.20 2.55 3.90
N LYS A 83 -0.55 2.25 5.03
CA LYS A 83 -0.63 3.11 6.21
C LYS A 83 0.62 2.99 7.05
N ALA A 84 0.75 3.85 8.05
CA ALA A 84 1.90 3.83 8.94
C ALA A 84 1.50 3.40 10.35
N PHE A 85 2.48 2.92 11.11
CA PHE A 85 2.23 2.47 12.47
C PHE A 85 3.53 2.40 13.26
N ASN A 86 3.49 2.89 14.51
CA ASN A 86 4.66 2.88 15.38
C ASN A 86 4.26 2.65 16.83
N LYS A 87 5.25 2.69 17.71
CA LYS A 87 5.00 2.49 19.14
C LYS A 87 3.70 3.16 19.57
N THR A 88 3.46 4.36 19.04
CA THR A 88 2.25 5.11 19.37
C THR A 88 1.00 4.26 19.17
N GLY A 89 0.65 4.01 17.91
CA GLY A 89 -0.52 3.21 17.60
C GLY A 89 -0.58 2.81 16.15
N VAL A 90 -1.45 3.48 15.39
CA VAL A 90 -1.60 3.19 13.96
C VAL A 90 -2.21 4.37 13.21
N SER A 91 -2.00 4.41 11.90
CA SER A 91 -2.53 5.49 11.08
C SER A 91 -3.63 4.98 10.15
N PRO A 92 -4.52 5.89 9.74
CA PRO A 92 -5.64 5.56 8.85
C PRO A 92 -5.16 5.24 7.43
N TYR A 93 -5.81 4.26 6.81
CA TYR A 93 -5.46 3.85 5.46
C TYR A 93 -5.48 5.04 4.51
N SER A 94 -4.57 5.03 3.53
CA SER A 94 -4.48 6.10 2.57
C SER A 94 -5.59 5.99 1.52
N LYS A 95 -5.74 7.03 0.70
CA LYS A 95 -6.76 7.04 -0.34
C LYS A 95 -6.76 5.74 -1.12
N THR A 96 -7.95 5.25 -1.45
CA THR A 96 -8.09 4.01 -2.20
C THR A 96 -7.37 4.09 -3.54
N LEU A 97 -6.42 3.19 -3.75
CA LEU A 97 -5.65 3.17 -4.99
C LEU A 97 -6.02 1.94 -5.83
N VAL A 98 -6.59 2.18 -7.00
CA VAL A 98 -6.98 1.10 -7.90
C VAL A 98 -5.81 0.65 -8.76
N LEU A 99 -5.59 -0.66 -8.82
CA LEU A 99 -4.50 -1.21 -9.62
C LEU A 99 -5.04 -2.08 -10.75
N GLN A 100 -6.03 -1.55 -11.46
CA GLN A 100 -6.64 -2.28 -12.58
C GLN A 100 -5.59 -3.03 -13.37
N THR A 101 -5.77 -4.35 -13.48
CA THR A 101 -4.84 -5.20 -14.21
C THR A 101 -5.15 -5.21 -15.70
N SER A 102 -4.12 -5.28 -16.52
CA SER A 102 -4.28 -5.30 -17.97
C SER A 102 -4.81 -6.64 -18.44
N GLU A 103 -5.70 -6.61 -19.44
CA GLU A 103 -6.28 -7.83 -19.98
C GLU A 103 -5.21 -8.73 -20.58
N GLY A 104 -5.42 -10.04 -20.49
CA GLY A 104 -4.47 -10.99 -21.03
C GLY A 104 -3.03 -10.58 -20.76
N SER A 105 -2.29 -10.31 -21.82
CA SER A 105 -0.90 -9.91 -21.69
C SER A 105 -0.37 -9.33 -23.00
N GLY A 106 -0.10 -8.04 -23.01
CA GLY A 106 0.40 -7.39 -24.21
C GLY A 106 0.65 -5.91 -24.00
N PRO A 107 1.80 -5.43 -24.50
CA PRO A 107 2.18 -4.02 -24.38
C PRO A 107 1.32 -3.10 -25.23
N SER A 108 0.29 -2.52 -24.62
CA SER A 108 -0.62 -1.63 -25.32
C SER A 108 -1.43 -0.78 -24.33
N SER A 109 -1.45 0.52 -24.56
CA SER A 109 -2.18 1.44 -23.69
C SER A 109 -3.54 1.79 -24.29
N GLY A 110 -4.49 2.14 -23.42
CA GLY A 110 -5.82 2.49 -23.90
C GLY A 110 -6.86 2.45 -22.79
N GLY A 1 4.07 18.41 36.52
CA GLY A 1 4.60 17.32 35.73
C GLY A 1 3.55 16.70 34.82
N SER A 2 3.27 17.37 33.71
CA SER A 2 2.28 16.88 32.76
C SER A 2 2.60 17.34 31.34
N SER A 3 3.04 16.41 30.50
CA SER A 3 3.40 16.73 29.13
C SER A 3 2.22 16.47 28.19
N GLY A 4 1.38 15.51 28.56
CA GLY A 4 0.23 15.17 27.74
C GLY A 4 0.59 14.34 26.52
N SER A 5 -0.20 14.46 25.47
CA SER A 5 0.04 13.70 24.24
C SER A 5 0.99 14.46 23.32
N SER A 6 2.24 13.99 23.25
CA SER A 6 3.24 14.62 22.41
C SER A 6 3.88 13.60 21.47
N GLY A 7 3.04 12.78 20.85
CA GLY A 7 3.52 11.78 19.92
C GLY A 7 2.40 10.93 19.34
N PRO A 8 1.55 11.55 18.53
CA PRO A 8 0.42 10.86 17.89
C PRO A 8 0.87 9.87 16.82
N VAL A 9 -0.09 9.34 16.07
CA VAL A 9 0.21 8.37 15.02
C VAL A 9 1.03 9.02 13.90
N PRO A 10 1.78 8.19 13.17
CA PRO A 10 2.62 8.67 12.05
C PRO A 10 1.79 9.12 10.86
N ALA A 11 2.16 10.25 10.28
CA ALA A 11 1.46 10.78 9.12
C ALA A 11 1.23 9.71 8.07
N THR A 12 0.02 9.70 7.49
CA THR A 12 -0.34 8.71 6.48
C THR A 12 0.57 8.84 5.26
N PRO A 13 1.06 7.70 4.76
CA PRO A 13 1.94 7.66 3.59
C PRO A 13 1.21 8.03 2.31
N ILE A 14 1.94 8.63 1.37
CA ILE A 14 1.35 9.03 0.09
C ILE A 14 1.49 7.92 -0.95
N LEU A 15 0.36 7.41 -1.40
CA LEU A 15 0.34 6.35 -2.40
C LEU A 15 0.74 6.88 -3.78
N GLN A 16 2.00 6.68 -4.14
CA GLN A 16 2.50 7.15 -5.43
C GLN A 16 3.25 6.03 -6.16
N LEU A 17 2.50 5.10 -6.72
CA LEU A 17 3.09 3.97 -7.44
C LEU A 17 4.20 4.45 -8.35
N GLU A 18 5.17 3.57 -8.62
CA GLU A 18 6.29 3.89 -9.49
C GLU A 18 6.16 3.19 -10.84
N GLU A 19 5.74 1.94 -10.80
CA GLU A 19 5.57 1.16 -12.03
C GLU A 19 5.10 2.04 -13.18
N CYS A 20 6.02 2.39 -14.07
CA CYS A 20 5.70 3.23 -15.21
C CYS A 20 5.55 2.40 -16.48
N CYS A 21 6.55 1.58 -16.76
CA CYS A 21 6.52 0.72 -17.94
C CYS A 21 5.21 -0.07 -18.01
N THR A 22 4.97 -0.70 -19.16
CA THR A 22 3.76 -1.49 -19.36
C THR A 22 3.36 -2.20 -18.08
N HIS A 23 2.07 -2.11 -17.74
CA HIS A 23 1.55 -2.76 -16.53
C HIS A 23 1.98 -4.21 -16.47
N ASN A 24 1.74 -4.84 -15.33
CA ASN A 24 2.10 -6.25 -15.13
C ASN A 24 1.26 -6.88 -14.03
N ASN A 25 1.29 -8.20 -13.95
CA ASN A 25 0.53 -8.93 -12.94
C ASN A 25 0.92 -8.48 -11.53
N SER A 26 2.19 -8.14 -11.37
CA SER A 26 2.70 -7.69 -10.08
C SER A 26 2.60 -6.18 -9.95
N ALA A 27 2.35 -5.71 -8.73
CA ALA A 27 2.23 -4.28 -8.46
C ALA A 27 3.28 -3.82 -7.47
N THR A 28 4.16 -2.92 -7.92
CA THR A 28 5.23 -2.40 -7.07
C THR A 28 4.74 -1.20 -6.27
N LEU A 29 4.89 -1.28 -4.95
CA LEU A 29 4.47 -0.19 -4.07
C LEU A 29 5.69 0.51 -3.46
N SER A 30 5.75 1.83 -3.64
CA SER A 30 6.86 2.61 -3.11
C SER A 30 6.35 3.89 -2.44
N TRP A 31 5.49 3.72 -1.45
CA TRP A 31 4.92 4.85 -0.73
C TRP A 31 6.03 5.76 -0.17
N LYS A 32 5.63 6.77 0.60
CA LYS A 32 6.58 7.69 1.19
C LYS A 32 5.89 8.63 2.17
N GLN A 33 6.65 9.18 3.11
CA GLN A 33 6.11 10.09 4.11
C GLN A 33 6.09 11.52 3.58
N PRO A 34 5.03 12.26 3.93
CA PRO A 34 4.86 13.65 3.49
C PRO A 34 5.87 14.60 4.16
N PRO A 35 6.11 15.74 3.51
CA PRO A 35 7.05 16.75 4.02
C PRO A 35 6.53 17.44 5.26
N LEU A 36 5.21 17.43 5.44
CA LEU A 36 4.59 18.07 6.60
C LEU A 36 4.41 17.07 7.73
N SER A 37 5.11 15.95 7.65
CA SER A 37 5.03 14.91 8.67
C SER A 37 5.84 15.31 9.91
N THR A 38 5.14 15.62 10.99
CA THR A 38 5.79 16.02 12.23
C THR A 38 6.03 14.81 13.14
N VAL A 39 5.32 13.72 12.85
CA VAL A 39 5.46 12.50 13.64
C VAL A 39 6.13 11.40 12.83
N PRO A 40 7.28 10.92 13.33
CA PRO A 40 8.05 9.86 12.66
C PRO A 40 7.35 8.51 12.73
N ALA A 41 7.65 7.65 11.76
CA ALA A 41 7.04 6.33 11.70
C ALA A 41 8.08 5.24 11.96
N ASP A 42 7.61 4.06 12.33
CA ASP A 42 8.49 2.93 12.61
C ASP A 42 8.32 1.83 11.58
N GLY A 43 7.08 1.62 11.14
CA GLY A 43 6.80 0.59 10.16
C GLY A 43 5.63 0.95 9.26
N TYR A 44 5.20 0.00 8.45
CA TYR A 44 4.08 0.22 7.54
C TYR A 44 3.30 -1.08 7.32
N ILE A 45 2.00 -0.94 7.05
CA ILE A 45 1.14 -2.09 6.82
C ILE A 45 0.32 -1.91 5.54
N LEU A 46 0.43 -2.88 4.63
CA LEU A 46 -0.30 -2.83 3.38
C LEU A 46 -1.56 -3.67 3.45
N GLU A 47 -2.57 -3.31 2.66
CA GLU A 47 -3.82 -4.04 2.64
C GLU A 47 -4.42 -4.06 1.23
N LEU A 48 -5.01 -5.18 0.86
CA LEU A 48 -5.62 -5.33 -0.47
C LEU A 48 -6.71 -6.39 -0.45
N ASP A 49 -7.73 -6.20 -1.28
CA ASP A 49 -8.84 -7.14 -1.36
C ASP A 49 -8.58 -8.17 -2.45
N ASP A 50 -9.41 -9.21 -2.48
CA ASP A 50 -9.28 -10.28 -3.46
C ASP A 50 -10.05 -9.94 -4.74
N GLY A 51 -9.97 -8.68 -5.15
CA GLY A 51 -10.67 -8.24 -6.35
C GLY A 51 -12.12 -8.69 -6.37
N ASN A 52 -12.71 -8.86 -5.19
CA ASN A 52 -14.09 -9.29 -5.09
C ASN A 52 -15.01 -8.12 -4.72
N GLY A 53 -14.49 -7.19 -3.91
CA GLY A 53 -15.26 -6.04 -3.52
C GLY A 53 -15.76 -6.14 -2.08
N GLY A 54 -14.92 -6.68 -1.21
CA GLY A 54 -15.29 -6.82 0.18
C GLY A 54 -14.32 -6.12 1.12
N GLN A 55 -13.83 -6.85 2.12
CA GLN A 55 -12.89 -6.28 3.08
C GLN A 55 -11.46 -6.39 2.58
N PHE A 56 -10.54 -5.73 3.27
CA PHE A 56 -9.14 -5.75 2.89
C PHE A 56 -8.32 -6.60 3.86
N ARG A 57 -7.34 -7.32 3.32
CA ARG A 57 -6.49 -8.18 4.14
C ARG A 57 -5.03 -7.74 4.05
N GLU A 58 -4.28 -7.96 5.12
CA GLU A 58 -2.87 -7.59 5.16
C GLU A 58 -2.07 -8.40 4.14
N VAL A 59 -1.14 -7.72 3.45
CA VAL A 59 -0.32 -8.37 2.45
C VAL A 59 1.17 -8.20 2.77
N TYR A 60 1.49 -7.08 3.41
CA TYR A 60 2.88 -6.79 3.76
C TYR A 60 2.95 -6.06 5.11
N VAL A 61 3.97 -6.39 5.89
CA VAL A 61 4.16 -5.78 7.20
C VAL A 61 5.64 -5.72 7.57
N GLY A 62 6.11 -4.51 7.87
CA GLY A 62 7.50 -4.34 8.24
C GLY A 62 7.93 -2.88 8.25
N LYS A 63 9.21 -2.64 8.00
CA LYS A 63 9.74 -1.27 7.98
C LYS A 63 10.45 -0.99 6.66
N GLU A 64 10.11 -1.74 5.62
CA GLU A 64 10.72 -1.57 4.32
C GLU A 64 10.21 -0.29 3.65
N THR A 65 10.82 0.05 2.51
CA THR A 65 10.42 1.25 1.78
C THR A 65 9.88 0.89 0.40
N MET A 66 9.83 -0.40 0.10
CA MET A 66 9.33 -0.88 -1.19
C MET A 66 8.95 -2.35 -1.11
N CYS A 67 7.72 -2.66 -1.53
CA CYS A 67 7.23 -4.04 -1.51
C CYS A 67 6.34 -4.31 -2.71
N THR A 68 6.53 -5.48 -3.33
CA THR A 68 5.75 -5.86 -4.49
C THR A 68 5.06 -7.20 -4.28
N VAL A 69 3.84 -7.33 -4.81
CA VAL A 69 3.07 -8.56 -4.67
C VAL A 69 3.08 -9.37 -5.96
N ASP A 70 3.03 -10.69 -5.83
CA ASP A 70 3.03 -11.57 -6.99
C ASP A 70 1.80 -12.48 -6.98
N GLY A 71 1.28 -12.77 -8.17
CA GLY A 71 0.11 -13.61 -8.28
C GLY A 71 -1.18 -12.85 -8.08
N LEU A 72 -1.46 -11.92 -9.00
CA LEU A 72 -2.67 -11.12 -8.92
C LEU A 72 -3.62 -11.43 -10.07
N HIS A 73 -4.88 -11.73 -9.75
CA HIS A 73 -5.87 -12.05 -10.76
C HIS A 73 -5.95 -10.94 -11.80
N PHE A 74 -5.96 -11.33 -13.07
CA PHE A 74 -6.04 -10.37 -14.17
C PHE A 74 -7.49 -10.15 -14.60
N ASN A 75 -7.71 -9.13 -15.42
CA ASN A 75 -9.05 -8.81 -15.90
C ASN A 75 -10.00 -8.56 -14.75
N SER A 76 -9.48 -7.94 -13.68
CA SER A 76 -10.29 -7.65 -12.50
C SER A 76 -9.76 -6.41 -11.79
N THR A 77 -10.66 -5.69 -11.12
CA THR A 77 -10.29 -4.48 -10.39
C THR A 77 -9.85 -4.81 -8.96
N TYR A 78 -8.73 -4.24 -8.55
CA TYR A 78 -8.22 -4.47 -7.20
C TYR A 78 -8.10 -3.16 -6.43
N ASN A 79 -8.13 -3.26 -5.11
CA ASN A 79 -8.03 -2.08 -4.26
C ASN A 79 -6.99 -2.29 -3.15
N ALA A 80 -6.04 -1.38 -3.06
CA ALA A 80 -4.99 -1.47 -2.04
C ALA A 80 -4.85 -0.16 -1.27
N ARG A 81 -4.08 -0.19 -0.19
CA ARG A 81 -3.88 0.99 0.63
C ARG A 81 -2.71 0.79 1.60
N VAL A 82 -1.88 1.82 1.74
CA VAL A 82 -0.73 1.75 2.63
C VAL A 82 -0.86 2.75 3.78
N LYS A 83 -0.43 2.33 4.96
CA LYS A 83 -0.49 3.19 6.15
C LYS A 83 0.74 3.02 7.02
N ALA A 84 0.92 3.92 7.98
CA ALA A 84 2.06 3.85 8.88
C ALA A 84 1.62 3.54 10.30
N PHE A 85 2.46 2.83 11.03
CA PHE A 85 2.16 2.47 12.41
C PHE A 85 3.42 2.46 13.27
N ASN A 86 3.31 3.00 14.48
CA ASN A 86 4.44 3.06 15.39
C ASN A 86 3.97 2.93 16.84
N LYS A 87 4.92 3.02 17.78
CA LYS A 87 4.61 2.91 19.20
C LYS A 87 3.25 3.53 19.50
N THR A 88 3.05 4.76 19.04
CA THR A 88 1.79 5.46 19.26
C THR A 88 0.59 4.55 19.02
N GLY A 89 0.31 4.30 17.74
CA GLY A 89 -0.80 3.43 17.38
C GLY A 89 -0.78 3.03 15.92
N VAL A 90 -1.70 3.61 15.14
CA VAL A 90 -1.78 3.30 13.72
C VAL A 90 -2.42 4.45 12.95
N SER A 91 -1.88 4.74 11.77
CA SER A 91 -2.39 5.82 10.93
C SER A 91 -3.48 5.31 9.99
N PRO A 92 -4.36 6.22 9.56
CA PRO A 92 -5.46 5.88 8.65
C PRO A 92 -4.96 5.54 7.24
N TYR A 93 -5.62 4.56 6.62
CA TYR A 93 -5.25 4.13 5.28
C TYR A 93 -5.28 5.31 4.30
N SER A 94 -4.29 5.37 3.42
CA SER A 94 -4.21 6.43 2.43
C SER A 94 -5.28 6.27 1.36
N LYS A 95 -5.29 7.19 0.40
CA LYS A 95 -6.26 7.15 -0.69
C LYS A 95 -6.31 5.75 -1.32
N THR A 96 -7.51 5.31 -1.66
CA THR A 96 -7.69 4.00 -2.26
C THR A 96 -7.10 3.95 -3.66
N LEU A 97 -6.05 3.14 -3.82
CA LEU A 97 -5.38 2.99 -5.11
C LEU A 97 -5.84 1.73 -5.83
N VAL A 98 -6.40 1.90 -7.03
CA VAL A 98 -6.89 0.78 -7.81
C VAL A 98 -5.78 0.23 -8.71
N LEU A 99 -5.66 -1.09 -8.75
CA LEU A 99 -4.65 -1.74 -9.57
C LEU A 99 -5.28 -2.39 -10.80
N GLN A 100 -5.97 -1.59 -11.59
CA GLN A 100 -6.63 -2.09 -12.80
C GLN A 100 -5.66 -2.92 -13.63
N THR A 101 -5.98 -4.21 -13.78
CA THR A 101 -5.14 -5.12 -14.54
C THR A 101 -5.62 -5.23 -15.99
N SER A 102 -4.83 -5.90 -16.82
CA SER A 102 -5.18 -6.07 -18.23
C SER A 102 -5.84 -7.42 -18.46
N GLU A 103 -6.37 -7.61 -19.66
CA GLU A 103 -7.05 -8.85 -20.02
C GLU A 103 -6.05 -10.01 -20.04
N GLY A 104 -6.58 -11.23 -20.18
CA GLY A 104 -5.73 -12.40 -20.19
C GLY A 104 -4.52 -12.23 -21.09
N SER A 105 -3.35 -12.59 -20.56
CA SER A 105 -2.10 -12.46 -21.32
C SER A 105 -1.28 -13.74 -21.22
N GLY A 106 -1.53 -14.67 -22.12
CA GLY A 106 -0.81 -15.93 -22.12
C GLY A 106 -0.95 -16.69 -23.43
N PRO A 107 -0.08 -17.67 -23.65
CA PRO A 107 -0.09 -18.49 -24.86
C PRO A 107 -1.30 -19.42 -24.91
N SER A 108 -1.72 -19.91 -23.74
CA SER A 108 -2.87 -20.80 -23.66
C SER A 108 -4.18 -20.02 -23.64
N SER A 109 -5.26 -20.67 -24.06
CA SER A 109 -6.57 -20.04 -24.10
C SER A 109 -7.53 -20.74 -23.15
N GLY A 110 -8.64 -20.07 -22.85
CA GLY A 110 -9.64 -20.65 -21.95
C GLY A 110 -9.81 -19.84 -20.69
N GLY A 1 -7.23 18.44 28.48
CA GLY A 1 -5.92 19.05 28.35
C GLY A 1 -4.81 18.02 28.42
N SER A 2 -3.75 18.24 27.65
CA SER A 2 -2.62 17.33 27.61
C SER A 2 -1.64 17.62 28.76
N SER A 3 -1.11 16.56 29.36
CA SER A 3 -0.17 16.70 30.47
C SER A 3 1.24 16.28 30.05
N GLY A 4 1.51 16.36 28.75
CA GLY A 4 2.82 15.99 28.24
C GLY A 4 2.73 14.86 27.22
N SER A 5 2.13 15.15 26.06
CA SER A 5 1.99 14.17 25.00
C SER A 5 3.35 13.79 24.43
N SER A 6 3.55 12.49 24.21
CA SER A 6 4.81 11.99 23.67
C SER A 6 4.91 12.28 22.17
N GLY A 7 4.17 11.52 21.38
CA GLY A 7 4.20 11.69 19.94
C GLY A 7 2.97 11.11 19.26
N PRO A 8 2.35 11.90 18.38
CA PRO A 8 1.15 11.46 17.64
C PRO A 8 1.47 10.38 16.61
N VAL A 9 0.45 9.98 15.85
CA VAL A 9 0.63 8.95 14.83
C VAL A 9 1.49 9.46 13.68
N PRO A 10 2.17 8.53 12.99
CA PRO A 10 3.05 8.85 11.86
C PRO A 10 2.27 9.32 10.64
N ALA A 11 2.68 10.46 10.08
CA ALA A 11 2.03 11.01 8.91
C ALA A 11 1.71 9.92 7.89
N THR A 12 0.44 9.83 7.51
CA THR A 12 0.00 8.83 6.55
C THR A 12 0.91 8.80 5.32
N PRO A 13 1.29 7.60 4.90
CA PRO A 13 2.17 7.41 3.74
C PRO A 13 1.48 7.76 2.42
N ILE A 14 2.19 8.47 1.56
CA ILE A 14 1.64 8.87 0.26
C ILE A 14 1.90 7.80 -0.79
N LEU A 15 0.85 7.09 -1.19
CA LEU A 15 0.97 6.05 -2.20
C LEU A 15 1.54 6.60 -3.50
N GLN A 16 2.86 6.51 -3.64
CA GLN A 16 3.54 7.00 -4.84
C GLN A 16 4.30 5.87 -5.53
N LEU A 17 3.57 4.86 -5.97
CA LEU A 17 4.19 3.71 -6.66
C LEU A 17 4.96 4.17 -7.89
N GLU A 18 5.54 3.21 -8.60
CA GLU A 18 6.31 3.52 -9.80
C GLU A 18 5.68 2.88 -11.03
N GLU A 19 5.32 1.60 -10.91
CA GLU A 19 4.71 0.87 -12.01
C GLU A 19 3.68 1.74 -12.74
N CYS A 20 3.48 1.45 -14.02
CA CYS A 20 2.52 2.21 -14.82
C CYS A 20 1.29 1.38 -15.13
N CYS A 21 0.38 1.94 -15.90
CA CYS A 21 -0.86 1.25 -16.27
C CYS A 21 -0.66 0.41 -17.53
N THR A 22 0.45 -0.32 -17.58
CA THR A 22 0.76 -1.15 -18.73
C THR A 22 0.66 -2.63 -18.38
N HIS A 23 0.68 -3.49 -19.40
CA HIS A 23 0.60 -4.93 -19.20
C HIS A 23 1.51 -5.37 -18.07
N ASN A 24 0.92 -5.87 -16.99
CA ASN A 24 1.69 -6.33 -15.84
C ASN A 24 0.85 -7.27 -14.97
N ASN A 25 1.52 -8.14 -14.23
CA ASN A 25 0.85 -9.10 -13.35
C ASN A 25 1.14 -8.79 -11.89
N SER A 26 2.29 -8.16 -11.63
CA SER A 26 2.68 -7.82 -10.28
C SER A 26 2.49 -6.32 -10.02
N ALA A 27 2.12 -5.99 -8.79
CA ALA A 27 1.90 -4.60 -8.41
C ALA A 27 3.00 -4.10 -7.47
N THR A 28 3.74 -3.08 -7.92
CA THR A 28 4.82 -2.52 -7.12
C THR A 28 4.36 -1.31 -6.34
N LEU A 29 4.62 -1.31 -5.04
CA LEU A 29 4.22 -0.20 -4.18
C LEU A 29 5.44 0.51 -3.60
N SER A 30 5.51 1.82 -3.80
CA SER A 30 6.63 2.61 -3.30
C SER A 30 6.14 3.87 -2.61
N TRP A 31 5.44 3.70 -1.50
CA TRP A 31 4.91 4.82 -0.74
C TRP A 31 6.04 5.65 -0.15
N LYS A 32 5.80 6.96 -0.01
CA LYS A 32 6.79 7.86 0.54
C LYS A 32 6.17 8.77 1.61
N GLN A 33 7.03 9.39 2.42
CA GLN A 33 6.56 10.28 3.47
C GLN A 33 6.41 11.70 2.97
N PRO A 34 5.51 12.47 3.60
CA PRO A 34 5.25 13.87 3.22
C PRO A 34 6.42 14.78 3.56
N PRO A 35 6.44 15.97 2.94
CA PRO A 35 7.49 16.96 3.16
C PRO A 35 7.42 17.59 4.55
N LEU A 36 6.20 17.90 4.99
CA LEU A 36 5.99 18.50 6.30
C LEU A 36 5.98 17.44 7.39
N SER A 37 6.26 16.20 7.01
CA SER A 37 6.28 15.08 7.95
C SER A 37 6.92 15.51 9.28
N THR A 38 6.08 15.86 10.25
CA THR A 38 6.56 16.28 11.56
C THR A 38 6.70 15.09 12.51
N VAL A 39 6.04 13.99 12.16
CA VAL A 39 6.08 12.79 12.98
C VAL A 39 6.67 11.61 12.20
N PRO A 40 7.76 11.03 12.71
CA PRO A 40 8.43 9.90 12.07
C PRO A 40 7.59 8.62 12.16
N ALA A 41 7.95 7.63 11.33
CA ALA A 41 7.23 6.36 11.31
C ALA A 41 8.16 5.22 11.73
N ASP A 42 7.56 4.13 12.21
CA ASP A 42 8.32 2.97 12.65
C ASP A 42 8.11 1.79 11.69
N GLY A 43 6.88 1.64 11.21
CA GLY A 43 6.57 0.56 10.30
C GLY A 43 5.40 0.88 9.39
N TYR A 44 5.16 0.02 8.41
CA TYR A 44 4.07 0.22 7.47
C TYR A 44 3.36 -1.10 7.16
N ILE A 45 2.04 -1.07 7.17
CA ILE A 45 1.24 -2.26 6.90
C ILE A 45 0.47 -2.12 5.58
N LEU A 46 0.61 -3.10 4.71
CA LEU A 46 -0.08 -3.09 3.42
C LEU A 46 -1.38 -3.88 3.49
N GLU A 47 -2.32 -3.54 2.62
CA GLU A 47 -3.61 -4.24 2.58
C GLU A 47 -4.18 -4.23 1.16
N LEU A 48 -4.68 -5.37 0.73
CA LEU A 48 -5.26 -5.50 -0.61
C LEU A 48 -6.40 -6.51 -0.60
N ASP A 49 -7.41 -6.25 -1.43
CA ASP A 49 -8.56 -7.15 -1.53
C ASP A 49 -8.30 -8.25 -2.54
N ASP A 50 -9.29 -9.11 -2.75
CA ASP A 50 -9.18 -10.22 -3.69
C ASP A 50 -9.80 -9.86 -5.03
N GLY A 51 -9.53 -8.64 -5.50
CA GLY A 51 -10.07 -8.19 -6.77
C GLY A 51 -11.58 -8.40 -6.86
N ASN A 52 -12.24 -8.42 -5.70
CA ASN A 52 -13.68 -8.61 -5.66
C ASN A 52 -14.40 -7.31 -5.30
N GLY A 53 -13.67 -6.40 -4.66
CA GLY A 53 -14.25 -5.13 -4.27
C GLY A 53 -14.99 -5.20 -2.95
N GLY A 54 -14.46 -5.98 -2.02
CA GLY A 54 -15.10 -6.13 -0.72
C GLY A 54 -14.26 -5.56 0.40
N GLN A 55 -13.60 -6.45 1.14
CA GLN A 55 -12.75 -6.04 2.25
C GLN A 55 -11.28 -6.23 1.93
N PHE A 56 -10.41 -5.68 2.76
CA PHE A 56 -8.97 -5.79 2.56
C PHE A 56 -8.32 -6.57 3.70
N ARG A 57 -7.18 -7.18 3.41
CA ARG A 57 -6.46 -7.97 4.40
C ARG A 57 -4.95 -7.68 4.36
N GLU A 58 -4.28 -7.87 5.47
CA GLU A 58 -2.84 -7.62 5.55
C GLU A 58 -2.09 -8.46 4.53
N VAL A 59 -1.32 -7.79 3.67
CA VAL A 59 -0.55 -8.48 2.64
C VAL A 59 0.94 -8.45 2.96
N TYR A 60 1.37 -7.40 3.65
CA TYR A 60 2.77 -7.25 4.01
C TYR A 60 2.93 -6.36 5.24
N VAL A 61 4.05 -6.52 5.93
CA VAL A 61 4.32 -5.72 7.13
C VAL A 61 5.82 -5.62 7.39
N GLY A 62 6.27 -4.42 7.75
CA GLY A 62 7.68 -4.21 8.03
C GLY A 62 8.03 -2.76 8.24
N LYS A 63 9.18 -2.34 7.73
CA LYS A 63 9.62 -0.96 7.87
C LYS A 63 10.08 -0.40 6.52
N GLU A 64 10.04 -1.24 5.49
CA GLU A 64 10.45 -0.83 4.15
C GLU A 64 9.42 0.11 3.53
N THR A 65 9.77 0.70 2.40
CA THR A 65 8.88 1.62 1.70
C THR A 65 8.63 1.16 0.27
N MET A 66 9.26 0.05 -0.10
CA MET A 66 9.10 -0.49 -1.45
C MET A 66 8.87 -2.00 -1.41
N CYS A 67 7.67 -2.42 -1.80
CA CYS A 67 7.32 -3.84 -1.81
C CYS A 67 6.37 -4.16 -2.94
N THR A 68 6.58 -5.31 -3.58
CA THR A 68 5.73 -5.73 -4.68
C THR A 68 5.14 -7.11 -4.43
N VAL A 69 3.87 -7.29 -4.79
CA VAL A 69 3.18 -8.56 -4.60
C VAL A 69 3.17 -9.38 -5.89
N ASP A 70 3.21 -10.70 -5.75
CA ASP A 70 3.20 -11.59 -6.91
C ASP A 70 1.97 -12.48 -6.89
N GLY A 71 1.45 -12.79 -8.07
CA GLY A 71 0.27 -13.63 -8.18
C GLY A 71 -1.02 -12.85 -7.99
N LEU A 72 -1.31 -11.96 -8.93
CA LEU A 72 -2.52 -11.15 -8.88
C LEU A 72 -3.47 -11.50 -10.01
N HIS A 73 -4.76 -11.60 -9.70
CA HIS A 73 -5.76 -11.92 -10.69
C HIS A 73 -5.69 -10.97 -11.88
N PHE A 74 -5.89 -11.50 -13.08
CA PHE A 74 -5.83 -10.69 -14.29
C PHE A 74 -7.25 -10.43 -14.82
N ASN A 75 -7.43 -9.27 -15.45
CA ASN A 75 -8.73 -8.90 -16.00
C ASN A 75 -9.72 -8.56 -14.89
N SER A 76 -9.19 -8.02 -13.79
CA SER A 76 -10.03 -7.64 -12.66
C SER A 76 -9.47 -6.40 -11.96
N THR A 77 -10.37 -5.61 -11.37
CA THR A 77 -9.97 -4.40 -10.67
C THR A 77 -9.50 -4.70 -9.26
N TYR A 78 -8.50 -3.96 -8.80
CA TYR A 78 -7.95 -4.16 -7.46
C TYR A 78 -7.89 -2.83 -6.70
N ASN A 79 -7.72 -2.92 -5.38
CA ASN A 79 -7.64 -1.73 -4.54
C ASN A 79 -6.68 -1.96 -3.37
N ALA A 80 -5.65 -1.12 -3.29
CA ALA A 80 -4.67 -1.23 -2.21
C ALA A 80 -4.64 0.05 -1.38
N ARG A 81 -4.09 -0.07 -0.17
CA ARG A 81 -4.00 1.07 0.73
C ARG A 81 -2.89 0.87 1.77
N VAL A 82 -1.89 1.73 1.74
CA VAL A 82 -0.78 1.64 2.67
C VAL A 82 -0.91 2.66 3.80
N LYS A 83 -0.67 2.22 5.03
CA LYS A 83 -0.77 3.08 6.19
C LYS A 83 0.45 2.93 7.09
N ALA A 84 0.71 3.93 7.91
CA ALA A 84 1.84 3.90 8.83
C ALA A 84 1.38 3.58 10.25
N PHE A 85 2.32 3.07 11.06
CA PHE A 85 2.01 2.71 12.45
C PHE A 85 3.28 2.68 13.29
N ASN A 86 3.17 3.14 14.53
CA ASN A 86 4.31 3.17 15.44
C ASN A 86 3.84 3.08 16.89
N LYS A 87 4.79 3.20 17.82
CA LYS A 87 4.49 3.14 19.24
C LYS A 87 3.16 3.84 19.54
N THR A 88 2.99 5.04 18.97
CA THR A 88 1.77 5.81 19.18
C THR A 88 0.53 4.95 18.94
N GLY A 89 0.25 4.65 17.68
CA GLY A 89 -0.91 3.83 17.35
C GLY A 89 -0.94 3.45 15.89
N VAL A 90 -1.80 4.10 15.12
CA VAL A 90 -1.92 3.82 13.69
C VAL A 90 -2.54 5.01 12.95
N SER A 91 -2.14 5.17 11.70
CA SER A 91 -2.64 6.26 10.87
C SER A 91 -3.69 5.77 9.87
N PRO A 92 -4.49 6.69 9.35
CA PRO A 92 -5.53 6.37 8.37
C PRO A 92 -4.97 5.95 7.02
N TYR A 93 -5.62 4.99 6.39
CA TYR A 93 -5.17 4.50 5.08
C TYR A 93 -5.04 5.64 4.09
N SER A 94 -4.42 5.35 2.95
CA SER A 94 -4.21 6.36 1.91
C SER A 94 -5.32 6.29 0.86
N LYS A 95 -5.40 7.32 0.03
CA LYS A 95 -6.41 7.40 -1.01
C LYS A 95 -6.49 6.08 -1.78
N THR A 96 -7.65 5.43 -1.71
CA THR A 96 -7.85 4.15 -2.39
C THR A 96 -7.09 4.12 -3.72
N LEU A 97 -6.08 3.25 -3.79
CA LEU A 97 -5.28 3.12 -5.00
C LEU A 97 -5.72 1.90 -5.82
N VAL A 98 -6.29 2.16 -6.98
CA VAL A 98 -6.76 1.09 -7.86
C VAL A 98 -5.60 0.46 -8.63
N LEU A 99 -5.67 -0.85 -8.83
CA LEU A 99 -4.63 -1.57 -9.54
C LEU A 99 -5.21 -2.41 -10.68
N GLN A 100 -5.70 -1.72 -11.72
CA GLN A 100 -6.29 -2.41 -12.86
C GLN A 100 -5.27 -3.32 -13.54
N THR A 101 -5.59 -4.60 -13.61
CA THR A 101 -4.70 -5.58 -14.24
C THR A 101 -5.06 -5.80 -15.70
N SER A 102 -4.22 -6.54 -16.41
CA SER A 102 -4.45 -6.82 -17.82
C SER A 102 -5.41 -7.99 -17.99
N GLU A 103 -6.12 -8.02 -19.12
CA GLU A 103 -7.07 -9.10 -19.40
C GLU A 103 -6.35 -10.39 -19.72
N GLY A 104 -5.02 -10.32 -19.83
CA GLY A 104 -4.24 -11.50 -20.12
C GLY A 104 -4.01 -11.68 -21.61
N SER A 105 -2.74 -11.69 -22.02
CA SER A 105 -2.38 -11.84 -23.42
C SER A 105 -1.10 -12.64 -23.57
N GLY A 106 -0.90 -13.22 -24.75
CA GLY A 106 0.30 -14.01 -25.00
C GLY A 106 1.57 -13.18 -24.90
N PRO A 107 2.64 -13.79 -24.37
CA PRO A 107 3.93 -13.12 -24.21
C PRO A 107 4.62 -12.87 -25.55
N SER A 108 5.18 -11.67 -25.71
CA SER A 108 5.86 -11.30 -26.93
C SER A 108 7.14 -12.11 -27.11
N SER A 109 7.98 -12.12 -26.08
CA SER A 109 9.24 -12.85 -26.12
C SER A 109 9.69 -13.23 -24.72
N GLY A 110 10.65 -14.15 -24.64
CA GLY A 110 11.16 -14.59 -23.35
C GLY A 110 12.66 -14.73 -23.34
N GLY A 1 0.92 24.07 24.49
CA GLY A 1 1.80 23.00 24.91
C GLY A 1 1.05 21.82 25.48
N SER A 2 1.76 20.74 25.77
CA SER A 2 1.15 19.54 26.32
C SER A 2 1.67 19.26 27.73
N SER A 3 0.79 18.75 28.59
CA SER A 3 1.16 18.45 29.96
C SER A 3 1.13 16.95 30.21
N GLY A 4 1.37 16.18 29.16
CA GLY A 4 1.37 14.73 29.28
C GLY A 4 2.33 14.07 28.31
N SER A 5 1.86 13.01 27.65
CA SER A 5 2.68 12.29 26.69
C SER A 5 2.88 13.10 25.41
N SER A 6 3.91 12.74 24.64
CA SER A 6 4.21 13.44 23.40
C SER A 6 4.69 12.46 22.33
N GLY A 7 3.97 12.42 21.21
CA GLY A 7 4.34 11.53 20.13
C GLY A 7 3.14 11.01 19.37
N PRO A 8 2.55 11.86 18.52
CA PRO A 8 1.37 11.51 17.72
C PRO A 8 1.71 10.49 16.62
N VAL A 9 0.72 9.68 16.26
CA VAL A 9 0.91 8.68 15.22
C VAL A 9 1.69 9.24 14.05
N PRO A 10 2.38 8.35 13.32
CA PRO A 10 3.19 8.73 12.15
C PRO A 10 2.33 9.18 10.98
N ALA A 11 2.58 10.40 10.49
CA ALA A 11 1.83 10.94 9.36
C ALA A 11 1.59 9.86 8.30
N THR A 12 0.32 9.66 7.94
CA THR A 12 -0.05 8.68 6.94
C THR A 12 0.88 8.76 5.72
N PRO A 13 1.31 7.58 5.23
CA PRO A 13 2.19 7.50 4.07
C PRO A 13 1.49 7.89 2.77
N ILE A 14 2.23 8.54 1.88
CA ILE A 14 1.68 8.96 0.60
C ILE A 14 1.71 7.83 -0.42
N LEU A 15 0.55 7.55 -1.02
CA LEU A 15 0.44 6.49 -2.01
C LEU A 15 1.04 6.93 -3.35
N GLN A 16 2.21 6.38 -3.67
CA GLN A 16 2.89 6.72 -4.91
C GLN A 16 3.39 5.46 -5.62
N LEU A 17 2.66 5.04 -6.64
CA LEU A 17 3.04 3.85 -7.40
C LEU A 17 4.03 4.19 -8.51
N GLU A 18 4.82 3.21 -8.91
CA GLU A 18 5.81 3.40 -9.97
C GLU A 18 5.67 2.34 -11.05
N GLU A 19 5.89 1.08 -10.66
CA GLU A 19 5.80 -0.03 -11.61
C GLU A 19 4.49 0.03 -12.39
N CYS A 20 4.60 -0.01 -13.71
CA CYS A 20 3.42 0.04 -14.57
C CYS A 20 2.87 -1.36 -14.82
N CYS A 21 1.58 -1.44 -15.09
CA CYS A 21 0.92 -2.72 -15.35
C CYS A 21 1.20 -3.19 -16.78
N THR A 22 2.46 -3.13 -17.18
CA THR A 22 2.86 -3.55 -18.52
C THR A 22 2.96 -5.07 -18.61
N HIS A 23 1.83 -5.71 -18.85
CA HIS A 23 1.79 -7.16 -18.97
C HIS A 23 2.47 -7.82 -17.78
N ASN A 24 2.36 -7.19 -16.61
CA ASN A 24 2.97 -7.72 -15.39
C ASN A 24 1.91 -7.98 -14.33
N ASN A 25 1.86 -9.22 -13.85
CA ASN A 25 0.90 -9.62 -12.84
C ASN A 25 1.43 -9.32 -11.44
N SER A 26 2.06 -8.16 -11.29
CA SER A 26 2.63 -7.76 -10.01
C SER A 26 2.60 -6.24 -9.85
N ALA A 27 2.20 -5.78 -8.67
CA ALA A 27 2.13 -4.35 -8.38
C ALA A 27 3.12 -3.96 -7.29
N THR A 28 4.01 -3.04 -7.61
CA THR A 28 5.02 -2.58 -6.66
C THR A 28 4.79 -1.11 -6.30
N LEU A 29 4.59 -0.85 -5.01
CA LEU A 29 4.38 0.51 -4.53
C LEU A 29 5.51 0.95 -3.61
N SER A 30 6.01 2.16 -3.85
CA SER A 30 7.09 2.71 -3.04
C SER A 30 6.66 3.98 -2.32
N TRP A 31 5.53 3.89 -1.60
CA TRP A 31 5.00 5.03 -0.87
C TRP A 31 6.12 5.82 -0.20
N LYS A 32 5.84 7.07 0.14
CA LYS A 32 6.82 7.93 0.78
C LYS A 32 6.17 8.80 1.85
N GLN A 33 6.94 9.17 2.86
CA GLN A 33 6.44 9.99 3.96
C GLN A 33 6.48 11.47 3.58
N PRO A 34 5.50 12.24 4.08
CA PRO A 34 5.41 13.67 3.80
C PRO A 34 6.51 14.47 4.49
N PRO A 35 7.09 15.44 3.76
CA PRO A 35 8.17 16.28 4.28
C PRO A 35 7.67 17.26 5.35
N LEU A 36 6.36 17.48 5.37
CA LEU A 36 5.77 18.40 6.34
C LEU A 36 5.43 17.67 7.64
N SER A 37 6.08 16.54 7.86
CA SER A 37 5.85 15.74 9.06
C SER A 37 7.13 15.62 9.90
N THR A 38 6.98 15.74 11.21
CA THR A 38 8.12 15.65 12.11
C THR A 38 8.02 14.41 13.00
N VAL A 39 7.13 13.50 12.63
CA VAL A 39 6.93 12.27 13.39
C VAL A 39 7.55 11.08 12.67
N PRO A 40 8.55 10.45 13.32
CA PRO A 40 9.25 9.29 12.76
C PRO A 40 8.37 8.04 12.73
N ALA A 41 8.57 7.22 11.71
CA ALA A 41 7.79 5.98 11.57
C ALA A 41 8.63 4.76 11.91
N ASP A 42 7.97 3.75 12.48
CA ASP A 42 8.67 2.52 12.85
C ASP A 42 8.41 1.42 11.82
N GLY A 43 7.24 1.46 11.20
CA GLY A 43 6.89 0.45 10.22
C GLY A 43 5.64 0.81 9.45
N TYR A 44 5.32 0.02 8.43
CA TYR A 44 4.13 0.26 7.61
C TYR A 44 3.45 -1.06 7.25
N ILE A 45 2.15 -0.98 6.98
CA ILE A 45 1.38 -2.15 6.61
C ILE A 45 0.51 -1.90 5.38
N LEU A 46 0.47 -2.88 4.49
CA LEU A 46 -0.32 -2.75 3.26
C LEU A 46 -1.60 -3.59 3.35
N GLU A 47 -2.63 -3.17 2.62
CA GLU A 47 -3.90 -3.88 2.62
C GLU A 47 -4.47 -3.97 1.21
N LEU A 48 -5.17 -5.06 0.93
CA LEU A 48 -5.76 -5.27 -0.39
C LEU A 48 -6.87 -6.33 -0.32
N ASP A 49 -7.90 -6.16 -1.15
CA ASP A 49 -9.00 -7.10 -1.19
C ASP A 49 -8.68 -8.30 -2.09
N ASP A 50 -9.55 -9.30 -2.06
CA ASP A 50 -9.34 -10.50 -2.87
C ASP A 50 -9.94 -10.31 -4.27
N GLY A 51 -9.76 -9.12 -4.83
CA GLY A 51 -10.29 -8.84 -6.16
C GLY A 51 -11.79 -8.94 -6.22
N ASN A 52 -12.44 -8.81 -5.06
CA ASN A 52 -13.89 -8.88 -4.98
C ASN A 52 -14.51 -7.51 -4.71
N GLY A 53 -13.77 -6.69 -3.95
CA GLY A 53 -14.25 -5.36 -3.62
C GLY A 53 -14.96 -5.32 -2.28
N GLY A 54 -14.38 -5.98 -1.28
CA GLY A 54 -14.96 -5.99 0.05
C GLY A 54 -13.94 -5.75 1.13
N GLN A 55 -13.83 -6.69 2.06
CA GLN A 55 -12.88 -6.57 3.16
C GLN A 55 -11.45 -6.53 2.65
N PHE A 56 -10.56 -5.91 3.42
CA PHE A 56 -9.16 -5.81 3.05
C PHE A 56 -8.28 -6.64 3.97
N ARG A 57 -7.37 -7.42 3.39
CA ARG A 57 -6.47 -8.26 4.17
C ARG A 57 -5.03 -7.75 4.08
N GLU A 58 -4.22 -8.09 5.08
CA GLU A 58 -2.83 -7.67 5.11
C GLU A 58 -2.01 -8.44 4.09
N VAL A 59 -1.19 -7.71 3.33
CA VAL A 59 -0.34 -8.32 2.31
C VAL A 59 1.14 -8.12 2.62
N TYR A 60 1.45 -7.01 3.28
CA TYR A 60 2.82 -6.68 3.63
C TYR A 60 2.88 -5.98 4.98
N VAL A 61 3.95 -6.25 5.73
CA VAL A 61 4.13 -5.64 7.05
C VAL A 61 5.59 -5.68 7.47
N GLY A 62 6.12 -4.53 7.86
CA GLY A 62 7.51 -4.46 8.29
C GLY A 62 8.01 -3.03 8.42
N LYS A 63 9.24 -2.79 7.97
CA LYS A 63 9.83 -1.46 8.03
C LYS A 63 10.35 -1.04 6.67
N GLU A 64 10.06 -1.84 5.65
CA GLU A 64 10.51 -1.54 4.28
C GLU A 64 9.83 -0.29 3.75
N THR A 65 10.31 0.20 2.61
CA THR A 65 9.75 1.39 1.99
C THR A 65 8.96 1.04 0.73
N MET A 66 9.19 -0.16 0.22
CA MET A 66 8.50 -0.62 -0.98
C MET A 66 8.39 -2.14 -1.00
N CYS A 67 7.18 -2.63 -1.25
CA CYS A 67 6.93 -4.07 -1.30
C CYS A 67 6.29 -4.47 -2.62
N THR A 68 6.70 -5.62 -3.13
CA THR A 68 6.16 -6.12 -4.39
C THR A 68 5.32 -7.38 -4.18
N VAL A 69 4.11 -7.38 -4.74
CA VAL A 69 3.21 -8.51 -4.62
C VAL A 69 3.19 -9.35 -5.89
N ASP A 70 3.07 -10.66 -5.72
CA ASP A 70 3.04 -11.57 -6.86
C ASP A 70 1.77 -12.42 -6.83
N GLY A 71 1.25 -12.73 -8.02
CA GLY A 71 0.05 -13.54 -8.11
C GLY A 71 -1.21 -12.71 -7.97
N LEU A 72 -1.45 -11.83 -8.94
CA LEU A 72 -2.64 -10.98 -8.92
C LEU A 72 -3.65 -11.43 -9.97
N HIS A 73 -4.89 -11.64 -9.53
CA HIS A 73 -5.95 -12.07 -10.44
C HIS A 73 -6.13 -11.08 -11.58
N PHE A 74 -6.59 -11.56 -12.73
CA PHE A 74 -6.80 -10.71 -13.89
C PHE A 74 -8.28 -10.37 -14.05
N ASN A 75 -8.59 -9.54 -15.04
CA ASN A 75 -9.97 -9.14 -15.30
C ASN A 75 -10.73 -8.96 -14.00
N SER A 76 -10.05 -8.41 -12.99
CA SER A 76 -10.68 -8.19 -11.69
C SER A 76 -10.13 -6.92 -11.03
N THR A 77 -11.03 -6.07 -10.57
CA THR A 77 -10.64 -4.81 -9.93
C THR A 77 -10.06 -5.07 -8.54
N TYR A 78 -8.94 -4.42 -8.24
CA TYR A 78 -8.28 -4.58 -6.95
C TYR A 78 -8.12 -3.24 -6.26
N ASN A 79 -8.26 -3.24 -4.93
CA ASN A 79 -8.12 -2.02 -4.15
C ASN A 79 -7.08 -2.19 -3.05
N ALA A 80 -5.98 -1.45 -3.17
CA ALA A 80 -4.91 -1.51 -2.18
C ALA A 80 -4.74 -0.18 -1.46
N ARG A 81 -4.02 -0.20 -0.35
CA ARG A 81 -3.78 1.00 0.44
C ARG A 81 -2.67 0.78 1.45
N VAL A 82 -1.88 1.83 1.69
CA VAL A 82 -0.77 1.76 2.64
C VAL A 82 -1.01 2.68 3.83
N LYS A 83 -0.44 2.31 4.97
CA LYS A 83 -0.57 3.11 6.19
C LYS A 83 0.69 3.03 7.04
N ALA A 84 0.78 3.90 8.04
CA ALA A 84 1.93 3.92 8.93
C ALA A 84 1.55 3.51 10.34
N PHE A 85 2.50 2.95 11.07
CA PHE A 85 2.25 2.51 12.45
C PHE A 85 3.56 2.42 13.23
N ASN A 86 3.52 2.81 14.50
CA ASN A 86 4.69 2.79 15.35
C ASN A 86 4.29 2.67 16.82
N LYS A 87 5.29 2.71 17.70
CA LYS A 87 5.04 2.60 19.13
C LYS A 87 3.74 3.31 19.51
N THR A 88 3.51 4.48 18.91
CA THR A 88 2.31 5.25 19.18
C THR A 88 1.06 4.40 19.01
N GLY A 89 0.74 4.06 17.77
CA GLY A 89 -0.43 3.25 17.50
C GLY A 89 -0.54 2.86 16.04
N VAL A 90 -1.38 3.56 15.30
CA VAL A 90 -1.57 3.29 13.88
C VAL A 90 -2.14 4.51 13.15
N SER A 91 -1.93 4.54 11.83
CA SER A 91 -2.42 5.65 11.03
C SER A 91 -3.45 5.17 10.00
N PRO A 92 -4.30 6.10 9.54
CA PRO A 92 -5.35 5.79 8.56
C PRO A 92 -4.78 5.50 7.18
N TYR A 93 -5.40 4.55 6.48
CA TYR A 93 -4.95 4.17 5.15
C TYR A 93 -4.95 5.37 4.21
N SER A 94 -4.07 5.35 3.22
CA SER A 94 -3.95 6.43 2.26
C SER A 94 -4.95 6.26 1.13
N LYS A 95 -4.97 7.21 0.20
CA LYS A 95 -5.88 7.16 -0.94
C LYS A 95 -5.96 5.74 -1.50
N THR A 96 -7.19 5.31 -1.81
CA THR A 96 -7.40 3.98 -2.36
C THR A 96 -6.76 3.83 -3.73
N LEU A 97 -5.76 2.97 -3.82
CA LEU A 97 -5.06 2.74 -5.07
C LEU A 97 -5.65 1.56 -5.83
N VAL A 98 -6.29 1.83 -6.95
CA VAL A 98 -6.90 0.79 -7.76
C VAL A 98 -5.91 0.22 -8.77
N LEU A 99 -5.75 -1.10 -8.76
CA LEU A 99 -4.83 -1.77 -9.67
C LEU A 99 -5.59 -2.55 -10.74
N GLN A 100 -6.17 -1.83 -11.70
CA GLN A 100 -6.92 -2.47 -12.78
C GLN A 100 -6.06 -3.47 -13.53
N THR A 101 -6.34 -4.76 -13.32
CA THR A 101 -5.59 -5.82 -13.98
C THR A 101 -6.03 -5.99 -15.43
N SER A 102 -5.23 -6.70 -16.21
CA SER A 102 -5.53 -6.93 -17.62
C SER A 102 -6.28 -8.25 -17.80
N GLU A 103 -6.79 -8.47 -19.01
CA GLU A 103 -7.52 -9.69 -19.32
C GLU A 103 -6.82 -10.91 -18.72
N GLY A 104 -5.52 -10.79 -18.48
CA GLY A 104 -4.76 -11.88 -17.92
C GLY A 104 -3.72 -12.41 -18.88
N SER A 105 -3.30 -13.66 -18.67
CA SER A 105 -2.29 -14.28 -19.51
C SER A 105 -2.94 -15.11 -20.62
N GLY A 106 -2.25 -15.22 -21.75
CA GLY A 106 -2.78 -15.98 -22.86
C GLY A 106 -1.86 -17.10 -23.29
N PRO A 107 -2.42 -18.13 -23.94
CA PRO A 107 -1.66 -19.28 -24.41
C PRO A 107 -0.72 -18.93 -25.57
N SER A 108 -0.76 -17.67 -25.99
CA SER A 108 0.08 -17.21 -27.09
C SER A 108 1.45 -16.80 -26.58
N SER A 109 2.35 -17.77 -26.47
CA SER A 109 3.71 -17.50 -25.99
C SER A 109 4.67 -18.60 -26.44
N GLY A 110 5.95 -18.27 -26.49
CA GLY A 110 6.96 -19.24 -26.89
C GLY A 110 7.35 -19.09 -28.35
N GLY A 1 -11.53 9.63 27.72
CA GLY A 1 -10.16 9.16 27.85
C GLY A 1 -9.18 10.28 28.13
N SER A 2 -8.09 9.96 28.81
CA SER A 2 -7.08 10.95 29.15
C SER A 2 -6.26 11.34 27.91
N SER A 3 -5.59 12.48 27.99
CA SER A 3 -4.77 12.97 26.89
C SER A 3 -3.32 12.52 27.04
N GLY A 4 -3.13 11.38 27.71
CA GLY A 4 -1.79 10.86 27.92
C GLY A 4 -1.14 10.43 26.62
N SER A 5 -0.38 11.33 26.01
CA SER A 5 0.30 11.04 24.77
C SER A 5 1.55 11.90 24.61
N SER A 6 2.63 11.30 24.11
CA SER A 6 3.88 12.01 23.91
C SER A 6 4.10 12.34 22.43
N GLY A 7 3.96 11.33 21.58
CA GLY A 7 4.14 11.52 20.16
C GLY A 7 2.97 11.02 19.34
N PRO A 8 2.46 11.86 18.44
CA PRO A 8 1.33 11.51 17.57
C PRO A 8 1.68 10.46 16.54
N VAL A 9 0.67 9.74 16.06
CA VAL A 9 0.88 8.69 15.07
C VAL A 9 1.71 9.21 13.89
N PRO A 10 2.39 8.27 13.20
CA PRO A 10 3.23 8.61 12.06
C PRO A 10 2.42 9.06 10.85
N ALA A 11 2.67 10.28 10.40
CA ALA A 11 1.96 10.83 9.25
C ALA A 11 1.69 9.74 8.20
N THR A 12 0.49 9.77 7.62
CA THR A 12 0.10 8.79 6.61
C THR A 12 1.08 8.80 5.44
N PRO A 13 1.47 7.61 4.98
CA PRO A 13 2.40 7.45 3.85
C PRO A 13 1.77 7.88 2.52
N ILE A 14 2.57 8.52 1.68
CA ILE A 14 2.09 8.98 0.38
C ILE A 14 2.25 7.88 -0.67
N LEU A 15 1.12 7.47 -1.26
CA LEU A 15 1.13 6.43 -2.29
C LEU A 15 1.88 6.90 -3.53
N GLN A 16 3.18 6.61 -3.57
CA GLN A 16 4.01 6.99 -4.70
C GLN A 16 4.37 5.77 -5.55
N LEU A 17 3.35 5.08 -6.03
CA LEU A 17 3.56 3.88 -6.85
C LEU A 17 4.53 4.18 -8.00
N GLU A 18 5.55 3.34 -8.14
CA GLU A 18 6.53 3.51 -9.20
C GLU A 18 6.20 2.64 -10.41
N GLU A 19 5.89 1.37 -10.14
CA GLU A 19 5.56 0.43 -11.21
C GLU A 19 4.04 0.30 -11.36
N CYS A 20 3.58 0.33 -12.61
CA CYS A 20 2.16 0.23 -12.90
C CYS A 20 1.92 -0.55 -14.19
N CYS A 21 0.82 -1.29 -14.24
CA CYS A 21 0.49 -2.08 -15.41
C CYS A 21 1.70 -2.81 -15.95
N THR A 22 2.52 -3.34 -15.03
CA THR A 22 3.72 -4.07 -15.41
C THR A 22 3.39 -5.28 -16.28
N HIS A 23 4.40 -5.80 -16.96
CA HIS A 23 4.21 -6.95 -17.84
C HIS A 23 3.69 -8.16 -17.06
N ASN A 24 4.16 -8.28 -15.81
CA ASN A 24 3.74 -9.39 -14.96
C ASN A 24 2.54 -8.99 -14.10
N ASN A 25 1.93 -9.99 -13.47
CA ASN A 25 0.76 -9.74 -12.61
C ASN A 25 1.19 -9.39 -11.19
N SER A 26 2.01 -8.35 -11.06
CA SER A 26 2.50 -7.92 -9.75
C SER A 26 2.43 -6.41 -9.63
N ALA A 27 2.15 -5.92 -8.42
CA ALA A 27 2.06 -4.49 -8.16
C ALA A 27 3.13 -4.05 -7.18
N THR A 28 4.02 -3.17 -7.63
CA THR A 28 5.10 -2.67 -6.78
C THR A 28 4.87 -1.20 -6.42
N LEU A 29 4.81 -0.93 -5.12
CA LEU A 29 4.59 0.43 -4.64
C LEU A 29 5.72 0.86 -3.70
N SER A 30 6.21 2.08 -3.89
CA SER A 30 7.29 2.62 -3.06
C SER A 30 6.82 3.85 -2.30
N TRP A 31 5.77 3.70 -1.52
CA TRP A 31 5.22 4.82 -0.74
C TRP A 31 6.34 5.57 -0.02
N LYS A 32 5.99 6.68 0.60
CA LYS A 32 6.96 7.50 1.33
C LYS A 32 6.27 8.31 2.42
N GLN A 33 7.04 9.17 3.09
CA GLN A 33 6.51 10.00 4.16
C GLN A 33 6.54 11.47 3.75
N PRO A 34 5.49 12.22 4.16
CA PRO A 34 5.37 13.64 3.85
C PRO A 34 6.39 14.49 4.60
N PRO A 35 6.87 15.57 3.95
CA PRO A 35 7.85 16.47 4.55
C PRO A 35 7.27 17.30 5.69
N LEU A 36 6.05 17.78 5.50
CA LEU A 36 5.37 18.59 6.51
C LEU A 36 5.32 17.85 7.84
N SER A 37 5.32 16.52 7.78
CA SER A 37 5.27 15.69 8.98
C SER A 37 6.66 15.49 9.57
N THR A 38 6.77 15.62 10.89
CA THR A 38 8.04 15.45 11.57
C THR A 38 7.98 14.31 12.59
N VAL A 39 7.24 13.27 12.25
CA VAL A 39 7.10 12.11 13.13
C VAL A 39 7.63 10.85 12.47
N PRO A 40 8.63 10.22 13.11
CA PRO A 40 9.24 8.99 12.59
C PRO A 40 8.31 7.79 12.69
N ALA A 41 8.35 6.94 11.67
CA ALA A 41 7.50 5.75 11.64
C ALA A 41 8.30 4.50 11.97
N ASP A 42 7.63 3.52 12.57
CA ASP A 42 8.27 2.26 12.95
C ASP A 42 8.11 1.22 11.85
N GLY A 43 6.97 1.26 11.16
CA GLY A 43 6.71 0.31 10.10
C GLY A 43 5.45 0.63 9.33
N TYR A 44 5.30 0.01 8.15
CA TYR A 44 4.14 0.25 7.31
C TYR A 44 3.41 -1.06 7.03
N ILE A 45 2.09 -0.98 6.88
CA ILE A 45 1.26 -2.15 6.60
C ILE A 45 0.46 -1.96 5.32
N LEU A 46 0.53 -2.95 4.43
CA LEU A 46 -0.20 -2.89 3.17
C LEU A 46 -1.42 -3.80 3.21
N GLU A 47 -2.49 -3.38 2.54
CA GLU A 47 -3.73 -4.16 2.49
C GLU A 47 -4.26 -4.26 1.07
N LEU A 48 -4.89 -5.39 0.76
CA LEU A 48 -5.45 -5.60 -0.57
C LEU A 48 -6.50 -6.71 -0.54
N ASP A 49 -7.60 -6.49 -1.24
CA ASP A 49 -8.69 -7.46 -1.30
C ASP A 49 -8.51 -8.39 -2.49
N ASP A 50 -9.47 -9.29 -2.68
CA ASP A 50 -9.42 -10.24 -3.79
C ASP A 50 -10.17 -9.70 -5.00
N GLY A 51 -9.96 -8.42 -5.29
CA GLY A 51 -10.63 -7.81 -6.43
C GLY A 51 -12.12 -8.10 -6.45
N ASN A 52 -12.72 -8.26 -5.28
CA ASN A 52 -14.14 -8.56 -5.18
C ASN A 52 -14.92 -7.31 -4.76
N GLY A 53 -14.26 -6.44 -3.99
CA GLY A 53 -14.92 -5.22 -3.54
C GLY A 53 -15.54 -5.38 -2.16
N GLY A 54 -14.83 -6.06 -1.26
CA GLY A 54 -15.33 -6.27 0.08
C GLY A 54 -14.36 -5.78 1.14
N GLN A 55 -13.90 -6.71 1.98
CA GLN A 55 -12.97 -6.37 3.05
C GLN A 55 -11.53 -6.53 2.58
N PHE A 56 -10.60 -5.86 3.25
CA PHE A 56 -9.19 -5.92 2.91
C PHE A 56 -8.41 -6.74 3.94
N ARG A 57 -7.26 -7.25 3.53
CA ARG A 57 -6.43 -8.06 4.42
C ARG A 57 -4.96 -7.64 4.31
N GLU A 58 -4.20 -7.89 5.37
CA GLU A 58 -2.79 -7.53 5.39
C GLU A 58 -1.99 -8.36 4.38
N VAL A 59 -1.24 -7.69 3.53
CA VAL A 59 -0.45 -8.37 2.51
C VAL A 59 1.04 -8.23 2.80
N TYR A 60 1.41 -7.13 3.46
CA TYR A 60 2.81 -6.88 3.80
C TYR A 60 2.92 -6.11 5.11
N VAL A 61 3.97 -6.39 5.87
CA VAL A 61 4.19 -5.73 7.15
C VAL A 61 5.68 -5.74 7.52
N GLY A 62 6.21 -4.55 7.78
CA GLY A 62 7.62 -4.43 8.14
C GLY A 62 8.04 -2.99 8.35
N LYS A 63 9.25 -2.66 7.91
CA LYS A 63 9.77 -1.30 8.04
C LYS A 63 10.29 -0.78 6.72
N GLU A 64 9.94 -1.47 5.62
CA GLU A 64 10.38 -1.07 4.29
C GLU A 64 9.46 0.01 3.72
N THR A 65 9.84 0.56 2.57
CA THR A 65 9.06 1.60 1.92
C THR A 65 8.70 1.21 0.50
N MET A 66 9.23 0.08 0.05
CA MET A 66 8.97 -0.41 -1.30
C MET A 66 8.79 -1.93 -1.31
N CYS A 67 7.57 -2.37 -1.57
CA CYS A 67 7.28 -3.80 -1.61
C CYS A 67 6.25 -4.11 -2.70
N THR A 68 6.44 -5.25 -3.37
CA THR A 68 5.53 -5.66 -4.43
C THR A 68 4.81 -6.96 -4.07
N VAL A 69 3.61 -7.13 -4.63
CA VAL A 69 2.83 -8.33 -4.36
C VAL A 69 2.84 -9.27 -5.56
N ASP A 70 2.70 -10.57 -5.28
CA ASP A 70 2.70 -11.58 -6.34
C ASP A 70 1.43 -12.43 -6.28
N GLY A 71 0.93 -12.83 -7.44
CA GLY A 71 -0.27 -13.64 -7.50
C GLY A 71 -1.53 -12.80 -7.45
N LEU A 72 -1.73 -11.98 -8.47
CA LEU A 72 -2.92 -11.12 -8.53
C LEU A 72 -3.87 -11.59 -9.63
N HIS A 73 -5.14 -11.77 -9.25
CA HIS A 73 -6.15 -12.22 -10.20
C HIS A 73 -6.20 -11.31 -11.42
N PHE A 74 -6.93 -11.73 -12.44
CA PHE A 74 -7.06 -10.95 -13.67
C PHE A 74 -8.50 -10.56 -13.92
N ASN A 75 -8.73 -9.77 -14.97
CA ASN A 75 -10.07 -9.32 -15.31
C ASN A 75 -10.88 -8.99 -14.06
N SER A 76 -10.27 -8.21 -13.17
CA SER A 76 -10.94 -7.82 -11.93
C SER A 76 -10.22 -6.64 -11.29
N THR A 77 -10.98 -5.59 -10.97
CA THR A 77 -10.42 -4.41 -10.35
C THR A 77 -9.92 -4.70 -8.94
N TYR A 78 -8.79 -4.10 -8.59
CA TYR A 78 -8.20 -4.31 -7.27
C TYR A 78 -8.04 -2.98 -6.54
N ASN A 79 -8.02 -3.04 -5.21
CA ASN A 79 -7.87 -1.84 -4.39
C ASN A 79 -6.92 -2.10 -3.23
N ALA A 80 -5.81 -1.36 -3.20
CA ALA A 80 -4.82 -1.50 -2.15
C ALA A 80 -4.55 -0.17 -1.46
N ARG A 81 -4.31 -0.22 -0.16
CA ARG A 81 -4.04 0.99 0.62
C ARG A 81 -2.85 0.78 1.56
N VAL A 82 -2.05 1.83 1.73
CA VAL A 82 -0.89 1.76 2.59
C VAL A 82 -0.97 2.80 3.71
N LYS A 83 -0.57 2.39 4.91
CA LYS A 83 -0.60 3.29 6.07
C LYS A 83 0.61 3.07 6.95
N ALA A 84 0.81 3.95 7.92
CA ALA A 84 1.93 3.85 8.85
C ALA A 84 1.45 3.49 10.25
N PHE A 85 2.32 2.84 11.02
CA PHE A 85 1.98 2.44 12.38
C PHE A 85 3.24 2.33 13.24
N ASN A 86 3.11 2.66 14.52
CA ASN A 86 4.23 2.60 15.45
C ASN A 86 3.74 2.53 16.89
N LYS A 87 4.68 2.55 17.84
CA LYS A 87 4.35 2.49 19.24
C LYS A 87 3.07 3.25 19.54
N THR A 88 2.99 4.49 19.05
CA THR A 88 1.81 5.33 19.25
C THR A 88 0.54 4.55 18.97
N GLY A 89 0.29 4.26 17.71
CA GLY A 89 -0.90 3.52 17.32
C GLY A 89 -0.92 3.15 15.85
N VAL A 90 -1.80 3.79 15.09
CA VAL A 90 -1.91 3.52 13.66
C VAL A 90 -2.42 4.75 12.91
N SER A 91 -2.14 4.79 11.61
CA SER A 91 -2.56 5.92 10.79
C SER A 91 -3.65 5.49 9.80
N PRO A 92 -4.40 6.46 9.28
CA PRO A 92 -5.48 6.22 8.33
C PRO A 92 -4.96 5.75 6.97
N TYR A 93 -5.69 4.84 6.33
CA TYR A 93 -5.31 4.31 5.03
C TYR A 93 -5.23 5.43 3.99
N SER A 94 -4.26 5.33 3.10
CA SER A 94 -4.07 6.32 2.06
C SER A 94 -5.16 6.21 0.99
N LYS A 95 -5.19 7.17 0.07
CA LYS A 95 -6.17 7.17 -1.00
C LYS A 95 -6.21 5.82 -1.70
N THR A 96 -7.32 5.10 -1.51
CA THR A 96 -7.49 3.78 -2.12
C THR A 96 -6.82 3.73 -3.49
N LEU A 97 -5.75 2.95 -3.59
CA LEU A 97 -5.02 2.81 -4.84
C LEU A 97 -5.55 1.63 -5.65
N VAL A 98 -6.15 1.94 -6.80
CA VAL A 98 -6.70 0.91 -7.67
C VAL A 98 -5.60 0.23 -8.49
N LEU A 99 -5.80 -1.04 -8.81
CA LEU A 99 -4.84 -1.80 -9.59
C LEU A 99 -5.53 -2.59 -10.70
N GLN A 100 -5.77 -1.91 -11.83
CA GLN A 100 -6.42 -2.55 -12.97
C GLN A 100 -5.58 -3.71 -13.50
N THR A 101 -6.24 -4.83 -13.81
CA THR A 101 -5.55 -6.00 -14.33
C THR A 101 -5.95 -6.27 -15.77
N SER A 102 -5.01 -6.82 -16.54
CA SER A 102 -5.26 -7.14 -17.94
C SER A 102 -5.81 -8.55 -18.10
N GLU A 103 -6.45 -8.82 -19.23
CA GLU A 103 -7.01 -10.13 -19.51
C GLU A 103 -6.02 -11.23 -19.14
N GLY A 104 -6.53 -12.28 -18.50
CA GLY A 104 -5.68 -13.38 -18.10
C GLY A 104 -4.63 -13.71 -19.13
N SER A 105 -5.07 -14.18 -20.30
CA SER A 105 -4.15 -14.53 -21.38
C SER A 105 -4.41 -13.68 -22.61
N GLY A 106 -3.40 -12.91 -23.02
CA GLY A 106 -3.55 -12.06 -24.19
C GLY A 106 -2.93 -12.67 -25.43
N PRO A 107 -3.23 -12.09 -26.60
CA PRO A 107 -2.70 -12.57 -27.88
C PRO A 107 -1.21 -12.31 -28.03
N SER A 108 -0.60 -11.75 -26.98
CA SER A 108 0.82 -11.45 -27.00
C SER A 108 1.11 -10.23 -27.87
N SER A 109 0.38 -9.14 -27.61
CA SER A 109 0.55 -7.91 -28.37
C SER A 109 -0.17 -6.75 -27.70
N GLY A 110 0.61 -5.81 -27.16
CA GLY A 110 0.03 -4.67 -26.49
C GLY A 110 0.63 -3.35 -26.97
N GLY A 1 -6.34 19.12 18.36
CA GLY A 1 -5.60 20.35 18.56
C GLY A 1 -5.55 20.77 20.01
N SER A 2 -4.79 20.02 20.81
CA SER A 2 -4.66 20.30 22.24
C SER A 2 -3.25 20.76 22.57
N SER A 3 -3.10 21.42 23.71
CA SER A 3 -1.79 21.90 24.15
C SER A 3 -1.04 20.82 24.92
N GLY A 4 -1.35 19.57 24.62
CA GLY A 4 -0.69 18.46 25.28
C GLY A 4 -0.42 17.29 24.35
N SER A 5 0.27 17.56 23.25
CA SER A 5 0.58 16.53 22.27
C SER A 5 1.78 15.71 22.71
N SER A 6 1.69 14.39 22.57
CA SER A 6 2.76 13.50 22.95
C SER A 6 3.04 12.47 21.86
N GLY A 7 3.93 12.82 20.93
CA GLY A 7 4.26 11.92 19.84
C GLY A 7 3.04 11.24 19.25
N PRO A 8 2.33 11.96 18.39
CA PRO A 8 1.12 11.44 17.73
C PRO A 8 1.44 10.35 16.73
N VAL A 9 0.40 9.87 16.04
CA VAL A 9 0.57 8.82 15.03
C VAL A 9 1.36 9.32 13.83
N PRO A 10 2.04 8.40 13.14
CA PRO A 10 2.84 8.73 11.96
C PRO A 10 1.98 9.12 10.77
N ALA A 11 2.29 10.28 10.19
CA ALA A 11 1.54 10.77 9.03
C ALA A 11 1.35 9.67 7.99
N THR A 12 0.11 9.48 7.56
CA THR A 12 -0.20 8.46 6.57
C THR A 12 0.74 8.55 5.37
N PRO A 13 1.25 7.38 4.93
CA PRO A 13 2.16 7.30 3.79
C PRO A 13 1.47 7.62 2.46
N ILE A 14 2.16 8.38 1.62
CA ILE A 14 1.61 8.75 0.32
C ILE A 14 1.69 7.58 -0.67
N LEU A 15 0.60 6.82 -0.75
CA LEU A 15 0.54 5.68 -1.65
C LEU A 15 0.66 6.12 -3.11
N GLN A 16 1.84 5.95 -3.69
CA GLN A 16 2.09 6.33 -5.07
C GLN A 16 2.76 5.21 -5.84
N LEU A 17 1.96 4.31 -6.40
CA LEU A 17 2.48 3.18 -7.16
C LEU A 17 3.31 3.67 -8.35
N GLU A 18 4.61 3.38 -8.31
CA GLU A 18 5.52 3.77 -9.37
C GLU A 18 5.51 2.76 -10.51
N GLU A 19 5.90 1.52 -10.18
CA GLU A 19 5.94 0.45 -11.17
C GLU A 19 6.56 0.94 -12.48
N CYS A 20 7.70 1.60 -12.38
CA CYS A 20 8.40 2.12 -13.54
C CYS A 20 9.27 1.05 -14.19
N CYS A 21 8.64 0.17 -14.96
CA CYS A 21 9.36 -0.90 -15.63
C CYS A 21 8.45 -1.67 -16.57
N THR A 22 9.00 -2.67 -17.25
CA THR A 22 8.22 -3.48 -18.19
C THR A 22 6.95 -3.98 -17.55
N HIS A 23 6.06 -4.55 -18.37
CA HIS A 23 4.79 -5.08 -17.89
C HIS A 23 4.96 -6.50 -17.36
N ASN A 24 4.47 -6.74 -16.15
CA ASN A 24 4.56 -8.07 -15.53
C ASN A 24 3.44 -8.28 -14.53
N ASN A 25 3.29 -9.52 -14.08
CA ASN A 25 2.24 -9.86 -13.12
C ASN A 25 2.68 -9.51 -11.70
N SER A 26 3.21 -8.31 -11.53
CA SER A 26 3.67 -7.85 -10.21
C SER A 26 3.52 -6.34 -10.09
N ALA A 27 2.80 -5.91 -9.05
CA ALA A 27 2.60 -4.48 -8.81
C ALA A 27 3.49 -3.98 -7.69
N THR A 28 4.41 -3.08 -8.01
CA THR A 28 5.32 -2.52 -7.02
C THR A 28 4.90 -1.10 -6.63
N LEU A 29 4.59 -0.93 -5.35
CA LEU A 29 4.18 0.38 -4.84
C LEU A 29 5.25 0.98 -3.93
N SER A 30 5.63 2.22 -4.21
CA SER A 30 6.64 2.90 -3.42
C SER A 30 6.04 4.06 -2.64
N TRP A 31 5.25 3.74 -1.62
CA TRP A 31 4.61 4.76 -0.79
C TRP A 31 5.64 5.56 -0.01
N LYS A 32 5.66 6.88 -0.21
CA LYS A 32 6.59 7.74 0.48
C LYS A 32 5.87 8.66 1.46
N GLN A 33 6.55 9.03 2.53
CA GLN A 33 5.97 9.89 3.56
C GLN A 33 5.92 11.35 3.07
N PRO A 34 4.93 12.10 3.57
CA PRO A 34 4.74 13.50 3.20
C PRO A 34 5.84 14.40 3.76
N PRO A 35 6.26 15.40 2.97
CA PRO A 35 7.31 16.34 3.36
C PRO A 35 6.85 17.28 4.47
N LEU A 36 5.54 17.35 4.68
CA LEU A 36 4.97 18.20 5.71
C LEU A 36 4.74 17.44 7.01
N SER A 37 5.43 16.31 7.14
CA SER A 37 5.30 15.47 8.33
C SER A 37 6.60 15.46 9.13
N THR A 38 6.49 15.72 10.43
CA THR A 38 7.65 15.74 11.30
C THR A 38 7.56 14.65 12.36
N VAL A 39 6.82 13.58 12.05
CA VAL A 39 6.65 12.47 12.99
C VAL A 39 7.26 11.19 12.41
N PRO A 40 8.26 10.64 13.13
CA PRO A 40 8.94 9.42 12.72
C PRO A 40 8.05 8.19 12.84
N ALA A 41 8.21 7.26 11.91
CA ALA A 41 7.41 6.03 11.91
C ALA A 41 8.28 4.82 12.22
N ASP A 42 7.64 3.74 12.68
CA ASP A 42 8.36 2.52 13.02
C ASP A 42 8.19 1.47 11.93
N GLY A 43 6.97 1.37 11.39
CA GLY A 43 6.70 0.41 10.34
C GLY A 43 5.47 0.76 9.54
N TYR A 44 5.23 0.02 8.46
CA TYR A 44 4.07 0.26 7.60
C TYR A 44 3.36 -1.05 7.26
N ILE A 45 2.04 -0.97 7.09
CA ILE A 45 1.25 -2.15 6.76
C ILE A 45 0.41 -1.92 5.50
N LEU A 46 0.52 -2.83 4.55
CA LEU A 46 -0.24 -2.72 3.31
C LEU A 46 -1.52 -3.54 3.38
N GLU A 47 -2.54 -3.10 2.64
CA GLU A 47 -3.82 -3.79 2.62
C GLU A 47 -4.29 -4.00 1.19
N LEU A 48 -4.98 -5.12 0.96
CA LEU A 48 -5.49 -5.44 -0.36
C LEU A 48 -6.67 -6.42 -0.27
N ASP A 49 -7.71 -6.16 -1.06
CA ASP A 49 -8.89 -7.01 -1.07
C ASP A 49 -8.69 -8.20 -2.00
N ASP A 50 -9.69 -9.09 -2.04
CA ASP A 50 -9.62 -10.27 -2.89
C ASP A 50 -10.17 -9.97 -4.28
N GLY A 51 -9.90 -8.76 -4.77
CA GLY A 51 -10.37 -8.37 -6.08
C GLY A 51 -11.88 -8.46 -6.20
N ASN A 52 -12.58 -8.39 -5.07
CA ASN A 52 -14.03 -8.48 -5.06
C ASN A 52 -14.64 -7.09 -4.87
N GLY A 53 -13.94 -6.23 -4.15
CA GLY A 53 -14.43 -4.89 -3.90
C GLY A 53 -15.09 -4.74 -2.54
N GLY A 54 -14.57 -5.46 -1.55
CA GLY A 54 -15.13 -5.40 -0.21
C GLY A 54 -14.13 -4.92 0.80
N GLN A 55 -13.91 -5.72 1.84
CA GLN A 55 -12.97 -5.37 2.90
C GLN A 55 -11.53 -5.64 2.46
N PHE A 56 -10.57 -5.14 3.25
CA PHE A 56 -9.16 -5.32 2.94
C PHE A 56 -8.46 -6.08 4.05
N ARG A 57 -7.47 -6.89 3.69
CA ARG A 57 -6.72 -7.67 4.67
C ARG A 57 -5.24 -7.30 4.64
N GLU A 58 -4.47 -7.89 5.56
CA GLU A 58 -3.04 -7.60 5.64
C GLU A 58 -2.27 -8.44 4.61
N VAL A 59 -1.38 -7.79 3.87
CA VAL A 59 -0.58 -8.46 2.87
C VAL A 59 0.91 -8.32 3.15
N TYR A 60 1.31 -7.11 3.54
CA TYR A 60 2.71 -6.83 3.84
C TYR A 60 2.85 -6.08 5.17
N VAL A 61 3.92 -6.35 5.88
CA VAL A 61 4.17 -5.69 7.17
C VAL A 61 5.67 -5.64 7.48
N GLY A 62 6.17 -4.43 7.72
CA GLY A 62 7.58 -4.26 8.03
C GLY A 62 7.98 -2.81 8.12
N LYS A 63 9.24 -2.53 7.78
CA LYS A 63 9.76 -1.16 7.82
C LYS A 63 10.33 -0.76 6.46
N GLU A 64 9.92 -1.46 5.41
CA GLU A 64 10.40 -1.18 4.06
C GLU A 64 9.73 0.07 3.50
N THR A 65 10.16 0.49 2.31
CA THR A 65 9.59 1.66 1.67
C THR A 65 8.85 1.27 0.39
N MET A 66 9.09 0.06 -0.09
CA MET A 66 8.44 -0.43 -1.29
C MET A 66 8.24 -1.94 -1.22
N CYS A 67 7.09 -2.41 -1.70
CA CYS A 67 6.77 -3.83 -1.69
C CYS A 67 5.91 -4.20 -2.90
N THR A 68 6.37 -5.20 -3.65
CA THR A 68 5.64 -5.65 -4.84
C THR A 68 5.00 -7.00 -4.59
N VAL A 69 3.89 -7.25 -5.29
CA VAL A 69 3.17 -8.52 -5.16
C VAL A 69 3.49 -9.46 -6.31
N ASP A 70 3.41 -10.76 -6.04
CA ASP A 70 3.69 -11.76 -7.06
C ASP A 70 2.51 -12.72 -7.22
N GLY A 71 2.21 -13.07 -8.47
CA GLY A 71 1.10 -13.98 -8.74
C GLY A 71 -0.23 -13.25 -8.82
N LEU A 72 -0.17 -11.92 -8.79
CA LEU A 72 -1.39 -11.11 -8.87
C LEU A 72 -2.23 -11.50 -10.09
N HIS A 73 -3.49 -11.79 -9.85
CA HIS A 73 -4.40 -12.17 -10.92
C HIS A 73 -4.49 -11.07 -11.98
N PHE A 74 -5.17 -11.36 -13.08
CA PHE A 74 -5.33 -10.40 -14.16
C PHE A 74 -6.79 -10.22 -14.53
N ASN A 75 -7.10 -9.12 -15.21
CA ASN A 75 -8.46 -8.82 -15.62
C ASN A 75 -9.38 -8.66 -14.40
N SER A 76 -8.81 -8.16 -13.31
CA SER A 76 -9.56 -7.97 -12.07
C SER A 76 -9.09 -6.71 -11.35
N THR A 77 -10.05 -5.89 -10.93
CA THR A 77 -9.74 -4.65 -10.22
C THR A 77 -9.27 -4.93 -8.80
N TYR A 78 -8.12 -4.37 -8.45
CA TYR A 78 -7.55 -4.56 -7.11
C TYR A 78 -7.41 -3.23 -6.38
N ASN A 79 -7.91 -3.19 -5.15
CA ASN A 79 -7.85 -1.97 -4.34
C ASN A 79 -6.91 -2.16 -3.15
N ALA A 80 -5.77 -1.50 -3.19
CA ALA A 80 -4.79 -1.60 -2.11
C ALA A 80 -4.65 -0.27 -1.38
N ARG A 81 -4.03 -0.30 -0.20
CA ARG A 81 -3.82 0.90 0.59
C ARG A 81 -2.77 0.68 1.67
N VAL A 82 -1.80 1.59 1.75
CA VAL A 82 -0.74 1.48 2.73
C VAL A 82 -0.98 2.43 3.91
N LYS A 83 -0.35 2.13 5.04
CA LYS A 83 -0.49 2.95 6.24
C LYS A 83 0.73 2.82 7.14
N ALA A 84 0.85 3.73 8.10
CA ALA A 84 1.97 3.71 9.04
C ALA A 84 1.50 3.39 10.44
N PHE A 85 2.42 2.89 11.28
CA PHE A 85 2.10 2.55 12.65
C PHE A 85 3.36 2.52 13.51
N ASN A 86 3.23 2.97 14.75
CA ASN A 86 4.37 3.00 15.67
C ASN A 86 3.88 2.89 17.12
N LYS A 87 4.83 2.93 18.05
CA LYS A 87 4.51 2.83 19.47
C LYS A 87 3.21 3.57 19.79
N THR A 88 3.07 4.77 19.25
CA THR A 88 1.88 5.58 19.47
C THR A 88 0.61 4.77 19.24
N GLY A 89 0.31 4.52 17.97
CA GLY A 89 -0.88 3.75 17.62
C GLY A 89 -0.89 3.32 16.17
N VAL A 90 -1.80 3.90 15.39
CA VAL A 90 -1.90 3.56 13.98
C VAL A 90 -2.59 4.69 13.20
N SER A 91 -2.21 4.83 11.93
CA SER A 91 -2.77 5.87 11.08
C SER A 91 -3.74 5.27 10.06
N PRO A 92 -4.60 6.13 9.49
CA PRO A 92 -5.59 5.71 8.50
C PRO A 92 -4.94 5.31 7.17
N TYR A 93 -5.56 4.36 6.48
CA TYR A 93 -5.04 3.88 5.20
C TYR A 93 -5.00 5.03 4.18
N SER A 94 -4.08 4.91 3.22
CA SER A 94 -3.93 5.94 2.19
C SER A 94 -5.06 5.85 1.17
N LYS A 95 -5.10 6.80 0.25
CA LYS A 95 -6.13 6.83 -0.78
C LYS A 95 -6.16 5.52 -1.56
N THR A 96 -7.33 4.88 -1.58
CA THR A 96 -7.50 3.62 -2.28
C THR A 96 -6.75 3.62 -3.60
N LEU A 97 -5.82 2.67 -3.74
CA LEU A 97 -5.02 2.56 -4.96
C LEU A 97 -5.51 1.42 -5.83
N VAL A 98 -6.11 1.76 -6.97
CA VAL A 98 -6.62 0.75 -7.90
C VAL A 98 -5.54 0.29 -8.87
N LEU A 99 -5.40 -1.02 -9.01
CA LEU A 99 -4.40 -1.59 -9.92
C LEU A 99 -5.07 -2.36 -11.05
N GLN A 100 -5.52 -1.64 -12.07
CA GLN A 100 -6.18 -2.26 -13.21
C GLN A 100 -5.23 -3.21 -13.93
N THR A 101 -5.34 -4.50 -13.62
CA THR A 101 -4.49 -5.52 -14.23
C THR A 101 -4.90 -5.77 -15.68
N SER A 102 -3.91 -5.84 -16.56
CA SER A 102 -4.17 -6.08 -17.98
C SER A 102 -4.41 -7.56 -18.25
N GLU A 103 -4.94 -7.85 -19.43
CA GLU A 103 -5.21 -9.23 -19.81
C GLU A 103 -3.99 -10.11 -19.63
N GLY A 104 -4.20 -11.36 -19.23
CA GLY A 104 -3.09 -12.28 -19.01
C GLY A 104 -2.80 -13.11 -20.25
N SER A 105 -3.60 -14.15 -20.46
CA SER A 105 -3.42 -15.04 -21.61
C SER A 105 -3.34 -14.24 -22.89
N GLY A 106 -2.12 -13.98 -23.36
CA GLY A 106 -1.92 -13.23 -24.59
C GLY A 106 -1.47 -11.80 -24.33
N PRO A 107 -0.40 -11.39 -25.01
CA PRO A 107 0.15 -10.04 -24.87
C PRO A 107 -0.76 -8.97 -25.46
N SER A 108 -0.61 -7.74 -24.98
CA SER A 108 -1.42 -6.63 -25.46
C SER A 108 -1.15 -6.37 -26.94
N SER A 109 0.12 -6.15 -27.28
CA SER A 109 0.51 -5.89 -28.65
C SER A 109 1.44 -6.97 -29.18
N GLY A 110 1.47 -7.13 -30.49
CA GLY A 110 2.33 -8.14 -31.10
C GLY A 110 1.94 -8.46 -32.53
N GLY A 1 -5.04 12.23 34.64
CA GLY A 1 -4.08 13.31 34.47
C GLY A 1 -3.39 13.27 33.12
N SER A 2 -2.10 13.61 33.11
CA SER A 2 -1.32 13.61 31.89
C SER A 2 -0.41 12.39 31.82
N SER A 3 -0.96 11.26 31.40
CA SER A 3 -0.20 10.02 31.29
C SER A 3 0.25 9.78 29.85
N GLY A 4 0.43 10.87 29.11
CA GLY A 4 0.86 10.75 27.72
C GLY A 4 2.32 11.13 27.54
N SER A 5 2.55 12.36 27.10
CA SER A 5 3.91 12.85 26.88
C SER A 5 4.60 12.04 25.78
N SER A 6 3.85 11.74 24.72
CA SER A 6 4.38 10.97 23.61
C SER A 6 3.99 11.60 22.28
N GLY A 7 4.62 11.14 21.20
CA GLY A 7 4.31 11.67 19.88
C GLY A 7 3.09 11.02 19.26
N PRO A 8 2.36 11.79 18.45
CA PRO A 8 1.15 11.31 17.77
C PRO A 8 1.46 10.29 16.69
N VAL A 9 0.43 9.60 16.21
CA VAL A 9 0.60 8.60 15.16
C VAL A 9 1.40 9.16 13.99
N PRO A 10 2.08 8.27 13.26
CA PRO A 10 2.89 8.64 12.10
C PRO A 10 2.05 9.11 10.92
N ALA A 11 2.38 10.28 10.38
CA ALA A 11 1.66 10.84 9.25
C ALA A 11 1.46 9.79 8.15
N THR A 12 0.22 9.66 7.69
CA THR A 12 -0.10 8.69 6.65
C THR A 12 0.85 8.84 5.45
N PRO A 13 1.29 7.70 4.90
CA PRO A 13 2.20 7.68 3.75
C PRO A 13 1.52 8.15 2.47
N ILE A 14 2.32 8.49 1.47
CA ILE A 14 1.81 8.96 0.19
C ILE A 14 1.83 7.84 -0.85
N LEU A 15 0.65 7.36 -1.23
CA LEU A 15 0.54 6.29 -2.21
C LEU A 15 1.23 6.68 -3.51
N GLN A 16 1.93 5.73 -4.11
CA GLN A 16 2.64 5.98 -5.36
C GLN A 16 2.98 4.67 -6.06
N LEU A 17 2.52 4.53 -7.31
CA LEU A 17 2.78 3.33 -8.09
C LEU A 17 3.53 3.66 -9.38
N GLU A 18 4.72 3.09 -9.53
CA GLU A 18 5.53 3.32 -10.71
C GLU A 18 5.21 2.31 -11.81
N GLU A 19 5.21 1.03 -11.44
CA GLU A 19 4.92 -0.04 -12.39
C GLU A 19 3.74 0.33 -13.28
N CYS A 20 4.05 0.75 -14.50
CA CYS A 20 3.01 1.15 -15.46
C CYS A 20 2.55 -0.06 -16.28
N CYS A 21 3.50 -0.87 -16.69
CA CYS A 21 3.19 -2.06 -17.49
C CYS A 21 2.53 -3.14 -16.63
N THR A 22 1.22 -3.30 -16.82
CA THR A 22 0.46 -4.29 -16.06
C THR A 22 0.59 -5.68 -16.70
N HIS A 23 1.77 -6.01 -17.17
CA HIS A 23 2.03 -7.29 -17.81
C HIS A 23 2.54 -8.32 -16.79
N ASN A 24 1.97 -8.27 -15.58
CA ASN A 24 2.39 -9.18 -14.51
C ASN A 24 1.37 -9.17 -13.38
N ASN A 25 1.33 -10.25 -12.62
CA ASN A 25 0.40 -10.37 -11.49
C ASN A 25 1.05 -9.88 -10.20
N SER A 26 1.74 -8.74 -10.28
CA SER A 26 2.41 -8.18 -9.12
C SER A 26 2.45 -6.65 -9.21
N ALA A 27 2.22 -5.99 -8.08
CA ALA A 27 2.23 -4.54 -8.03
C ALA A 27 3.33 -4.03 -7.10
N THR A 28 4.28 -3.29 -7.67
CA THR A 28 5.38 -2.75 -6.88
C THR A 28 5.08 -1.33 -6.41
N LEU A 29 4.99 -1.15 -5.09
CA LEU A 29 4.70 0.16 -4.51
C LEU A 29 5.92 0.70 -3.77
N SER A 30 6.07 2.02 -3.77
CA SER A 30 7.19 2.67 -3.10
C SER A 30 6.71 3.82 -2.23
N TRP A 31 5.52 3.67 -1.65
CA TRP A 31 4.95 4.69 -0.78
C TRP A 31 6.03 5.40 0.01
N LYS A 32 5.92 6.73 0.11
CA LYS A 32 6.89 7.53 0.84
C LYS A 32 6.22 8.31 1.96
N GLN A 33 7.00 9.10 2.68
CA GLN A 33 6.48 9.90 3.78
C GLN A 33 6.28 11.35 3.35
N PRO A 34 5.28 12.02 3.95
CA PRO A 34 4.97 13.42 3.64
C PRO A 34 6.05 14.38 4.15
N PRO A 35 6.38 15.37 3.31
CA PRO A 35 7.40 16.37 3.66
C PRO A 35 6.93 17.32 4.76
N LEU A 36 5.65 17.23 5.10
CA LEU A 36 5.08 18.08 6.14
C LEU A 36 4.78 17.27 7.41
N SER A 37 5.61 16.27 7.66
CA SER A 37 5.44 15.42 8.83
C SER A 37 6.65 15.51 9.76
N THR A 38 6.42 15.27 11.04
CA THR A 38 7.49 15.32 12.03
C THR A 38 7.46 14.11 12.95
N VAL A 39 6.64 13.12 12.59
CA VAL A 39 6.53 11.91 13.38
C VAL A 39 7.15 10.71 12.67
N PRO A 40 8.27 10.21 13.21
CA PRO A 40 8.98 9.07 12.65
C PRO A 40 8.21 7.76 12.78
N ALA A 41 8.09 7.03 11.69
CA ALA A 41 7.38 5.76 11.69
C ALA A 41 8.35 4.58 11.82
N ASP A 42 7.89 3.53 12.49
CA ASP A 42 8.73 2.34 12.68
C ASP A 42 8.53 1.34 11.54
N GLY A 43 7.30 1.27 11.03
CA GLY A 43 7.01 0.36 9.94
C GLY A 43 5.71 0.70 9.24
N TYR A 44 5.37 -0.08 8.22
CA TYR A 44 4.14 0.15 7.45
C TYR A 44 3.37 -1.14 7.28
N ILE A 45 2.11 -1.01 6.87
CA ILE A 45 1.26 -2.18 6.66
C ILE A 45 0.40 -2.01 5.40
N LEU A 46 0.52 -2.96 4.48
CA LEU A 46 -0.24 -2.92 3.24
C LEU A 46 -1.51 -3.76 3.35
N GLU A 47 -2.52 -3.41 2.56
CA GLU A 47 -3.79 -4.13 2.57
C GLU A 47 -4.41 -4.17 1.17
N LEU A 48 -4.92 -5.33 0.79
CA LEU A 48 -5.53 -5.50 -0.52
C LEU A 48 -6.62 -6.57 -0.48
N ASP A 49 -7.62 -6.41 -1.34
CA ASP A 49 -8.73 -7.36 -1.40
C ASP A 49 -8.47 -8.42 -2.47
N ASP A 50 -9.35 -9.42 -2.51
CA ASP A 50 -9.22 -10.50 -3.49
C ASP A 50 -9.98 -10.17 -4.77
N GLY A 51 -9.86 -8.93 -5.22
CA GLY A 51 -10.54 -8.50 -6.43
C GLY A 51 -12.02 -8.82 -6.41
N ASN A 52 -12.59 -8.89 -5.21
CA ASN A 52 -14.01 -9.18 -5.04
C ASN A 52 -14.81 -7.92 -4.76
N GLY A 53 -14.18 -6.97 -4.08
CA GLY A 53 -14.84 -5.72 -3.75
C GLY A 53 -15.43 -5.71 -2.35
N GLY A 54 -14.75 -6.39 -1.43
CA GLY A 54 -15.23 -6.45 -0.06
C GLY A 54 -14.24 -5.86 0.93
N GLN A 55 -13.92 -6.63 1.96
CA GLN A 55 -12.97 -6.18 2.99
C GLN A 55 -11.53 -6.36 2.52
N PHE A 56 -10.61 -5.65 3.17
CA PHE A 56 -9.20 -5.75 2.83
C PHE A 56 -8.45 -6.60 3.84
N ARG A 57 -7.35 -7.21 3.40
CA ARG A 57 -6.54 -8.05 4.25
C ARG A 57 -5.06 -7.69 4.15
N GLU A 58 -4.32 -7.88 5.23
CA GLU A 58 -2.90 -7.57 5.26
C GLU A 58 -2.15 -8.37 4.20
N VAL A 59 -1.22 -7.71 3.52
CA VAL A 59 -0.43 -8.35 2.48
C VAL A 59 1.07 -8.20 2.74
N TYR A 60 1.43 -7.14 3.46
CA TYR A 60 2.83 -6.87 3.78
C TYR A 60 2.94 -6.11 5.09
N VAL A 61 4.02 -6.36 5.83
CA VAL A 61 4.26 -5.70 7.10
C VAL A 61 5.74 -5.70 7.45
N GLY A 62 6.30 -4.51 7.65
CA GLY A 62 7.71 -4.40 7.99
C GLY A 62 8.16 -2.96 8.12
N LYS A 63 9.45 -2.73 7.87
CA LYS A 63 10.00 -1.38 7.96
C LYS A 63 10.69 -0.98 6.66
N GLU A 64 9.96 -1.10 5.55
CA GLU A 64 10.50 -0.75 4.24
C GLU A 64 9.73 0.40 3.61
N THR A 65 10.27 0.96 2.53
CA THR A 65 9.63 2.07 1.83
C THR A 65 9.03 1.62 0.51
N MET A 66 9.38 0.42 0.09
CA MET A 66 8.88 -0.12 -1.17
C MET A 66 8.75 -1.65 -1.09
N CYS A 67 7.55 -2.14 -1.41
CA CYS A 67 7.29 -3.58 -1.37
C CYS A 67 6.32 -3.98 -2.47
N THR A 68 6.62 -5.10 -3.14
CA THR A 68 5.77 -5.60 -4.22
C THR A 68 4.94 -6.79 -3.76
N VAL A 69 3.73 -6.89 -4.31
CA VAL A 69 2.84 -8.00 -3.96
C VAL A 69 2.88 -9.09 -5.01
N ASP A 70 2.64 -10.33 -4.58
CA ASP A 70 2.65 -11.47 -5.49
C ASP A 70 1.33 -12.23 -5.42
N GLY A 71 0.91 -12.77 -6.56
CA GLY A 71 -0.35 -13.51 -6.61
C GLY A 71 -1.55 -12.61 -6.80
N LEU A 72 -1.62 -11.96 -7.96
CA LEU A 72 -2.73 -11.06 -8.26
C LEU A 72 -3.58 -11.61 -9.40
N HIS A 73 -4.89 -11.65 -9.19
CA HIS A 73 -5.82 -12.14 -10.20
C HIS A 73 -5.78 -11.27 -11.45
N PHE A 74 -6.52 -11.67 -12.48
CA PHE A 74 -6.58 -10.92 -13.73
C PHE A 74 -8.01 -10.61 -14.11
N ASN A 75 -8.19 -9.57 -14.92
CA ASN A 75 -9.52 -9.17 -15.38
C ASN A 75 -10.44 -8.93 -14.18
N SER A 76 -10.00 -8.07 -13.26
CA SER A 76 -10.79 -7.76 -12.08
C SER A 76 -10.23 -6.53 -11.36
N THR A 77 -11.12 -5.64 -10.95
CA THR A 77 -10.72 -4.42 -10.26
C THR A 77 -10.09 -4.73 -8.90
N TYR A 78 -9.00 -4.04 -8.58
CA TYR A 78 -8.31 -4.25 -7.32
C TYR A 78 -8.15 -2.93 -6.57
N ASN A 79 -8.27 -2.99 -5.25
CA ASN A 79 -8.14 -1.81 -4.40
C ASN A 79 -7.17 -2.07 -3.25
N ALA A 80 -6.05 -1.34 -3.26
CA ALA A 80 -5.04 -1.49 -2.21
C ALA A 80 -4.97 -0.24 -1.34
N ARG A 81 -4.17 -0.31 -0.28
CA ARG A 81 -4.01 0.81 0.63
C ARG A 81 -2.88 0.56 1.61
N VAL A 82 -2.04 1.57 1.81
CA VAL A 82 -0.90 1.46 2.72
C VAL A 82 -0.97 2.52 3.81
N LYS A 83 -0.53 2.16 5.01
CA LYS A 83 -0.53 3.08 6.14
C LYS A 83 0.73 2.92 6.98
N ALA A 84 0.89 3.79 7.97
CA ALA A 84 2.04 3.74 8.86
C ALA A 84 1.63 3.45 10.29
N PHE A 85 2.50 2.79 11.05
CA PHE A 85 2.22 2.46 12.43
C PHE A 85 3.50 2.45 13.25
N ASN A 86 3.40 2.89 14.51
CA ASN A 86 4.55 2.94 15.40
C ASN A 86 4.11 2.84 16.86
N LYS A 87 5.08 2.92 17.77
CA LYS A 87 4.79 2.84 19.20
C LYS A 87 3.45 3.49 19.52
N THR A 88 3.27 4.72 19.09
CA THR A 88 2.03 5.45 19.32
C THR A 88 0.81 4.55 19.10
N GLY A 89 0.57 4.20 17.85
CA GLY A 89 -0.56 3.35 17.52
C GLY A 89 -0.61 2.98 16.04
N VAL A 90 -1.55 3.59 15.32
CA VAL A 90 -1.70 3.33 13.89
C VAL A 90 -2.37 4.50 13.19
N SER A 91 -2.09 4.63 11.89
CA SER A 91 -2.67 5.72 11.11
C SER A 91 -3.67 5.18 10.09
N PRO A 92 -4.53 6.06 9.58
CA PRO A 92 -5.56 5.70 8.60
C PRO A 92 -4.97 5.36 7.24
N TYR A 93 -5.65 4.49 6.50
CA TYR A 93 -5.18 4.08 5.18
C TYR A 93 -5.15 5.26 4.22
N SER A 94 -4.41 5.12 3.13
CA SER A 94 -4.30 6.18 2.14
C SER A 94 -5.37 6.04 1.07
N LYS A 95 -5.46 7.04 0.19
CA LYS A 95 -6.45 7.02 -0.89
C LYS A 95 -6.51 5.66 -1.56
N THR A 96 -7.71 5.24 -1.94
CA THR A 96 -7.91 3.95 -2.59
C THR A 96 -7.20 3.91 -3.94
N LEU A 97 -6.16 3.09 -4.04
CA LEU A 97 -5.40 2.95 -5.28
C LEU A 97 -5.92 1.78 -6.11
N VAL A 98 -6.56 2.10 -7.23
CA VAL A 98 -7.10 1.07 -8.11
C VAL A 98 -6.03 0.57 -9.09
N LEU A 99 -5.85 -0.74 -9.12
CA LEU A 99 -4.86 -1.34 -10.02
C LEU A 99 -5.52 -2.27 -11.03
N GLN A 100 -6.23 -1.68 -11.99
CA GLN A 100 -6.91 -2.45 -13.02
C GLN A 100 -6.02 -3.56 -13.55
N THR A 101 -6.51 -4.80 -13.50
CA THR A 101 -5.75 -5.94 -13.98
C THR A 101 -6.24 -6.39 -15.35
N SER A 102 -5.31 -6.56 -16.28
CA SER A 102 -5.64 -6.98 -17.64
C SER A 102 -5.64 -8.51 -17.74
N GLU A 103 -6.15 -9.01 -18.87
CA GLU A 103 -6.21 -10.45 -19.10
C GLU A 103 -4.84 -11.09 -18.89
N GLY A 104 -4.84 -12.41 -18.69
CA GLY A 104 -3.59 -13.12 -18.47
C GLY A 104 -3.31 -14.13 -19.57
N SER A 105 -3.02 -15.37 -19.17
CA SER A 105 -2.73 -16.43 -20.13
C SER A 105 -1.75 -15.96 -21.18
N GLY A 106 -0.71 -15.24 -20.75
CA GLY A 106 0.28 -14.73 -21.67
C GLY A 106 1.06 -15.85 -22.36
N PRO A 107 1.45 -15.61 -23.62
CA PRO A 107 2.20 -16.59 -24.41
C PRO A 107 3.62 -16.76 -23.90
N SER A 108 4.37 -17.66 -24.53
CA SER A 108 5.75 -17.93 -24.15
C SER A 108 6.71 -17.05 -24.94
N SER A 109 7.58 -16.35 -24.23
CA SER A 109 8.56 -15.47 -24.85
C SER A 109 9.83 -16.24 -25.24
N GLY A 110 9.63 -17.44 -25.77
CA GLY A 110 10.77 -18.26 -26.17
C GLY A 110 11.79 -17.48 -26.98
N GLY A 1 4.83 5.51 31.09
CA GLY A 1 5.76 6.51 31.58
C GLY A 1 6.32 7.38 30.46
N SER A 2 6.76 8.58 30.81
CA SER A 2 7.31 9.50 29.82
C SER A 2 7.91 10.73 30.51
N SER A 3 9.20 10.97 30.27
CA SER A 3 9.88 12.11 30.86
C SER A 3 9.35 13.42 30.30
N GLY A 4 8.89 13.38 29.04
CA GLY A 4 8.36 14.57 28.41
C GLY A 4 7.13 14.28 27.57
N SER A 5 7.27 14.43 26.26
CA SER A 5 6.16 14.19 25.35
C SER A 5 6.49 13.06 24.38
N SER A 6 5.45 12.42 23.84
CA SER A 6 5.63 11.33 22.90
C SER A 6 5.07 11.68 21.53
N GLY A 7 5.93 11.65 20.51
CA GLY A 7 5.51 11.98 19.17
C GLY A 7 4.20 11.31 18.79
N PRO A 8 3.38 12.02 18.00
CA PRO A 8 2.08 11.50 17.56
C PRO A 8 2.21 10.35 16.57
N VAL A 9 1.09 9.82 16.12
CA VAL A 9 1.08 8.72 15.15
C VAL A 9 1.92 9.06 13.93
N PRO A 10 2.44 8.01 13.26
CA PRO A 10 3.27 8.16 12.07
C PRO A 10 2.48 8.67 10.88
N ALA A 11 2.89 9.81 10.34
CA ALA A 11 2.23 10.41 9.19
C ALA A 11 1.92 9.36 8.12
N THR A 12 0.75 9.47 7.51
CA THR A 12 0.34 8.52 6.48
C THR A 12 1.24 8.61 5.26
N PRO A 13 1.57 7.45 4.69
CA PRO A 13 2.44 7.36 3.51
C PRO A 13 1.74 7.89 2.25
N ILE A 14 2.54 8.20 1.23
CA ILE A 14 2.00 8.71 -0.03
C ILE A 14 1.89 7.59 -1.06
N LEU A 15 0.70 7.44 -1.64
CA LEU A 15 0.46 6.41 -2.65
C LEU A 15 0.89 6.91 -4.03
N GLN A 16 2.10 6.53 -4.43
CA GLN A 16 2.63 6.93 -5.74
C GLN A 16 3.15 5.73 -6.51
N LEU A 17 2.24 4.96 -7.09
CA LEU A 17 2.61 3.78 -7.85
C LEU A 17 3.75 4.08 -8.82
N GLU A 18 4.74 3.20 -8.85
CA GLU A 18 5.90 3.37 -9.71
C GLU A 18 5.88 2.35 -10.85
N GLU A 19 6.05 1.08 -10.49
CA GLU A 19 6.06 0.00 -11.48
C GLU A 19 4.65 -0.46 -11.80
N CYS A 20 4.09 0.08 -12.88
CA CYS A 20 2.74 -0.28 -13.29
C CYS A 20 2.76 -1.36 -14.38
N CYS A 21 3.63 -1.17 -15.37
CA CYS A 21 3.76 -2.12 -16.47
C CYS A 21 4.72 -3.25 -16.10
N THR A 22 4.16 -4.38 -15.67
CA THR A 22 4.97 -5.54 -15.29
C THR A 22 4.52 -6.78 -16.03
N HIS A 23 5.46 -7.44 -16.71
CA HIS A 23 5.15 -8.66 -17.45
C HIS A 23 4.36 -9.63 -16.60
N ASN A 24 4.73 -9.74 -15.32
CA ASN A 24 4.05 -10.64 -14.41
C ASN A 24 2.87 -9.95 -13.73
N ASN A 25 2.11 -10.71 -12.95
CA ASN A 25 0.95 -10.17 -12.26
C ASN A 25 1.33 -9.69 -10.86
N SER A 26 2.23 -8.71 -10.80
CA SER A 26 2.67 -8.16 -9.53
C SER A 26 2.73 -6.64 -9.58
N ALA A 27 2.41 -6.01 -8.45
CA ALA A 27 2.42 -4.55 -8.37
C ALA A 27 3.40 -4.07 -7.30
N THR A 28 4.30 -3.17 -7.68
CA THR A 28 5.30 -2.64 -6.76
C THR A 28 5.02 -1.17 -6.45
N LEU A 29 4.76 -0.88 -5.19
CA LEU A 29 4.48 0.50 -4.76
C LEU A 29 5.57 1.00 -3.82
N SER A 30 6.15 2.14 -4.15
CA SER A 30 7.20 2.74 -3.33
C SER A 30 6.70 4.00 -2.63
N TRP A 31 5.77 3.82 -1.70
CA TRP A 31 5.20 4.95 -0.97
C TRP A 31 6.30 5.73 -0.24
N LYS A 32 5.97 6.93 0.20
CA LYS A 32 6.92 7.78 0.91
C LYS A 32 6.22 8.58 2.01
N GLN A 33 6.99 9.42 2.70
CA GLN A 33 6.45 10.25 3.76
C GLN A 33 6.16 11.66 3.27
N PRO A 34 5.07 12.25 3.78
CA PRO A 34 4.66 13.60 3.41
C PRO A 34 5.60 14.67 3.94
N PRO A 35 5.83 15.71 3.13
CA PRO A 35 6.72 16.82 3.50
C PRO A 35 6.14 17.69 4.61
N LEU A 36 4.84 17.54 4.84
CA LEU A 36 4.16 18.32 5.88
C LEU A 36 4.01 17.49 7.16
N SER A 37 4.99 16.63 7.41
CA SER A 37 4.97 15.79 8.61
C SER A 37 6.38 15.41 9.03
N THR A 38 6.65 15.50 10.33
CA THR A 38 7.96 15.17 10.87
C THR A 38 7.87 14.10 11.95
N VAL A 39 7.20 12.99 11.62
CA VAL A 39 7.04 11.89 12.56
C VAL A 39 7.62 10.60 12.01
N PRO A 40 8.56 10.00 12.76
CA PRO A 40 9.21 8.74 12.36
C PRO A 40 8.25 7.55 12.40
N ALA A 41 8.45 6.62 11.49
CA ALA A 41 7.61 5.42 11.42
C ALA A 41 8.41 4.17 11.77
N ASP A 42 7.79 3.27 12.53
CA ASP A 42 8.45 2.03 12.92
C ASP A 42 8.22 0.94 11.89
N GLY A 43 7.11 1.05 11.17
CA GLY A 43 6.79 0.06 10.15
C GLY A 43 5.50 0.38 9.42
N TYR A 44 5.43 0.00 8.15
CA TYR A 44 4.25 0.25 7.34
C TYR A 44 3.46 -1.04 7.10
N ILE A 45 2.17 -0.90 6.80
CA ILE A 45 1.32 -2.05 6.55
C ILE A 45 0.47 -1.84 5.30
N LEU A 46 0.51 -2.81 4.40
CA LEU A 46 -0.27 -2.73 3.16
C LEU A 46 -1.48 -3.65 3.22
N GLU A 47 -2.53 -3.30 2.49
CA GLU A 47 -3.75 -4.10 2.45
C GLU A 47 -4.35 -4.11 1.05
N LEU A 48 -4.91 -5.25 0.66
CA LEU A 48 -5.53 -5.40 -0.66
C LEU A 48 -6.60 -6.47 -0.64
N ASP A 49 -7.69 -6.23 -1.37
CA ASP A 49 -8.79 -7.18 -1.43
C ASP A 49 -8.53 -8.23 -2.50
N ASP A 50 -9.35 -9.29 -2.50
CA ASP A 50 -9.20 -10.37 -3.47
C ASP A 50 -10.01 -10.08 -4.73
N GLY A 51 -10.02 -8.82 -5.15
CA GLY A 51 -10.76 -8.43 -6.34
C GLY A 51 -12.22 -8.80 -6.24
N ASN A 52 -12.71 -8.99 -5.03
CA ASN A 52 -14.11 -9.35 -4.81
C ASN A 52 -14.89 -8.16 -4.27
N GLY A 53 -14.21 -7.29 -3.54
CA GLY A 53 -14.86 -6.12 -2.97
C GLY A 53 -15.40 -6.37 -1.58
N GLY A 54 -14.66 -7.15 -0.79
CA GLY A 54 -15.08 -7.44 0.56
C GLY A 54 -14.23 -6.75 1.60
N GLN A 55 -13.61 -7.53 2.49
CA GLN A 55 -12.77 -6.99 3.54
C GLN A 55 -11.31 -7.01 3.13
N PHE A 56 -10.59 -5.94 3.45
CA PHE A 56 -9.17 -5.83 3.12
C PHE A 56 -8.31 -6.53 4.15
N ARG A 57 -7.33 -7.30 3.68
CA ARG A 57 -6.44 -8.02 4.58
C ARG A 57 -5.00 -7.56 4.41
N GLU A 58 -4.18 -7.76 5.44
CA GLU A 58 -2.79 -7.35 5.39
C GLU A 58 -1.99 -8.20 4.39
N VAL A 59 -1.18 -7.54 3.58
CA VAL A 59 -0.38 -8.23 2.58
C VAL A 59 1.11 -8.09 2.88
N TYR A 60 1.50 -6.92 3.38
CA TYR A 60 2.89 -6.64 3.70
C TYR A 60 3.01 -5.92 5.04
N VAL A 61 4.09 -6.19 5.76
CA VAL A 61 4.32 -5.55 7.06
C VAL A 61 5.81 -5.58 7.42
N GLY A 62 6.38 -4.40 7.66
CA GLY A 62 7.77 -4.31 8.00
C GLY A 62 8.25 -2.87 8.16
N LYS A 63 9.48 -2.61 7.78
CA LYS A 63 10.06 -1.27 7.88
C LYS A 63 10.62 -0.83 6.53
N GLU A 64 10.23 -1.52 5.47
CA GLU A 64 10.71 -1.19 4.14
C GLU A 64 9.97 0.03 3.58
N THR A 65 10.38 0.47 2.40
CA THR A 65 9.78 1.63 1.76
C THR A 65 9.13 1.26 0.44
N MET A 66 9.39 0.04 -0.02
CA MET A 66 8.83 -0.45 -1.28
C MET A 66 8.61 -1.96 -1.23
N CYS A 67 7.37 -2.37 -1.43
CA CYS A 67 7.01 -3.79 -1.41
C CYS A 67 6.07 -4.14 -2.55
N THR A 68 6.27 -5.30 -3.15
CA THR A 68 5.43 -5.74 -4.26
C THR A 68 4.66 -7.00 -3.90
N VAL A 69 3.45 -7.13 -4.43
CA VAL A 69 2.61 -8.29 -4.16
C VAL A 69 2.65 -9.28 -5.31
N ASP A 70 2.60 -10.56 -4.98
CA ASP A 70 2.63 -11.62 -5.99
C ASP A 70 1.32 -12.39 -6.00
N GLY A 71 0.91 -12.82 -7.19
CA GLY A 71 -0.34 -13.56 -7.33
C GLY A 71 -1.55 -12.66 -7.42
N LEU A 72 -1.63 -11.88 -8.49
CA LEU A 72 -2.75 -10.97 -8.70
C LEU A 72 -3.64 -11.44 -9.84
N HIS A 73 -4.93 -11.55 -9.56
CA HIS A 73 -5.89 -12.00 -10.57
C HIS A 73 -6.04 -10.96 -11.67
N PHE A 74 -6.45 -11.41 -12.86
CA PHE A 74 -6.63 -10.52 -14.00
C PHE A 74 -8.11 -10.24 -14.25
N ASN A 75 -8.39 -9.27 -15.10
CA ASN A 75 -9.76 -8.90 -15.43
C ASN A 75 -10.58 -8.69 -14.17
N SER A 76 -9.99 -8.00 -13.19
CA SER A 76 -10.67 -7.73 -11.93
C SER A 76 -10.06 -6.52 -11.24
N THR A 77 -10.91 -5.59 -10.83
CA THR A 77 -10.46 -4.38 -10.15
C THR A 77 -9.90 -4.69 -8.77
N TYR A 78 -8.72 -4.18 -8.48
CA TYR A 78 -8.08 -4.41 -7.19
C TYR A 78 -7.83 -3.10 -6.46
N ASN A 79 -8.18 -3.07 -5.18
CA ASN A 79 -8.01 -1.87 -4.36
C ASN A 79 -6.99 -2.11 -3.25
N ALA A 80 -5.91 -1.33 -3.26
CA ALA A 80 -4.87 -1.46 -2.26
C ALA A 80 -4.73 -0.18 -1.44
N ARG A 81 -4.23 -0.32 -0.21
CA ARG A 81 -4.06 0.83 0.67
C ARG A 81 -2.88 0.60 1.61
N VAL A 82 -2.13 1.67 1.88
CA VAL A 82 -0.98 1.60 2.77
C VAL A 82 -1.13 2.54 3.95
N LYS A 83 -0.62 2.12 5.11
CA LYS A 83 -0.70 2.92 6.32
C LYS A 83 0.55 2.74 7.18
N ALA A 84 0.79 3.69 8.08
CA ALA A 84 1.94 3.64 8.96
C ALA A 84 1.52 3.32 10.39
N PHE A 85 2.41 2.68 11.14
CA PHE A 85 2.14 2.32 12.52
C PHE A 85 3.43 2.26 13.34
N ASN A 86 3.35 2.68 14.60
CA ASN A 86 4.50 2.67 15.48
C ASN A 86 4.08 2.60 16.95
N LYS A 87 5.04 2.65 17.85
CA LYS A 87 4.77 2.59 19.28
C LYS A 87 3.58 3.48 19.64
N THR A 88 3.46 4.60 18.94
CA THR A 88 2.36 5.54 19.19
C THR A 88 1.01 4.87 19.02
N GLY A 89 0.72 4.43 17.80
CA GLY A 89 -0.54 3.77 17.52
C GLY A 89 -0.64 3.30 16.08
N VAL A 90 -1.51 3.94 15.31
CA VAL A 90 -1.72 3.58 13.91
C VAL A 90 -2.21 4.78 13.10
N SER A 91 -1.76 4.88 11.86
CA SER A 91 -2.15 5.97 10.98
C SER A 91 -3.25 5.53 10.03
N PRO A 92 -4.04 6.50 9.54
CA PRO A 92 -5.13 6.23 8.60
C PRO A 92 -4.64 5.82 7.22
N TYR A 93 -5.34 4.88 6.60
CA TYR A 93 -4.97 4.38 5.29
C TYR A 93 -4.90 5.52 4.28
N SER A 94 -4.22 5.29 3.17
CA SER A 94 -4.07 6.29 2.12
C SER A 94 -5.16 6.12 1.05
N LYS A 95 -5.19 7.06 0.11
CA LYS A 95 -6.17 7.01 -0.97
C LYS A 95 -6.18 5.64 -1.65
N THR A 96 -7.37 5.10 -1.86
CA THR A 96 -7.51 3.80 -2.49
C THR A 96 -6.73 3.73 -3.79
N LEU A 97 -5.86 2.72 -3.90
CA LEU A 97 -5.04 2.55 -5.10
C LEU A 97 -5.63 1.47 -6.01
N VAL A 98 -6.13 1.89 -7.16
CA VAL A 98 -6.72 0.96 -8.11
C VAL A 98 -5.68 0.44 -9.10
N LEU A 99 -5.54 -0.87 -9.18
CA LEU A 99 -4.57 -1.48 -10.09
C LEU A 99 -5.28 -2.22 -11.21
N GLN A 100 -6.01 -1.48 -12.04
CA GLN A 100 -6.72 -2.06 -13.16
C GLN A 100 -5.87 -3.12 -13.87
N THR A 101 -6.27 -4.38 -13.73
CA THR A 101 -5.54 -5.48 -14.35
C THR A 101 -5.95 -5.65 -15.81
N SER A 102 -4.99 -6.06 -16.64
CA SER A 102 -5.23 -6.25 -18.06
C SER A 102 -6.01 -7.55 -18.30
N GLU A 103 -6.58 -7.67 -19.51
CA GLU A 103 -7.36 -8.86 -19.86
C GLU A 103 -6.55 -10.13 -19.62
N GLY A 104 -5.24 -9.97 -19.47
CA GLY A 104 -4.38 -11.11 -19.24
C GLY A 104 -3.01 -10.95 -19.89
N SER A 105 -2.50 -12.04 -20.45
CA SER A 105 -1.19 -12.02 -21.10
C SER A 105 -1.09 -13.12 -22.15
N GLY A 106 -0.19 -12.92 -23.12
CA GLY A 106 -0.01 -13.90 -24.17
C GLY A 106 1.33 -13.77 -24.86
N PRO A 107 1.42 -14.28 -26.11
CA PRO A 107 2.65 -14.24 -26.89
C PRO A 107 2.99 -12.82 -27.34
N SER A 108 1.99 -12.11 -27.85
CA SER A 108 2.19 -10.74 -28.32
C SER A 108 2.81 -9.87 -27.23
N SER A 109 4.01 -9.38 -27.47
CA SER A 109 4.72 -8.54 -26.52
C SER A 109 4.06 -7.16 -26.43
N GLY A 110 4.03 -6.61 -25.21
CA GLY A 110 3.43 -5.30 -25.02
C GLY A 110 4.46 -4.24 -24.63
N GLY A 1 -5.61 14.29 29.69
CA GLY A 1 -5.25 15.29 30.68
C GLY A 1 -3.91 15.93 30.42
N SER A 2 -2.86 15.11 30.38
CA SER A 2 -1.51 15.61 30.13
C SER A 2 -1.48 16.53 28.93
N SER A 3 -0.37 17.24 28.76
CA SER A 3 -0.21 18.17 27.64
C SER A 3 0.18 17.43 26.37
N GLY A 4 0.90 16.33 26.53
CA GLY A 4 1.33 15.54 25.39
C GLY A 4 2.84 15.36 25.34
N SER A 5 3.30 14.22 25.82
CA SER A 5 4.73 13.92 25.83
C SER A 5 5.11 12.99 24.69
N SER A 6 4.27 11.97 24.47
CA SER A 6 4.52 11.00 23.40
C SER A 6 4.31 11.63 22.03
N GLY A 7 5.06 11.15 21.04
CA GLY A 7 4.94 11.69 19.70
C GLY A 7 3.66 11.26 19.01
N PRO A 8 3.17 12.09 18.09
CA PRO A 8 1.93 11.82 17.34
C PRO A 8 2.09 10.67 16.36
N VAL A 9 0.98 10.03 16.00
CA VAL A 9 0.99 8.92 15.07
C VAL A 9 1.83 9.24 13.84
N PRO A 10 2.36 8.20 13.18
CA PRO A 10 3.18 8.35 11.98
C PRO A 10 2.36 8.81 10.78
N ALA A 11 2.70 9.98 10.24
CA ALA A 11 2.00 10.53 9.09
C ALA A 11 1.70 9.45 8.06
N THR A 12 0.48 9.46 7.54
CA THR A 12 0.05 8.47 6.55
C THR A 12 1.01 8.44 5.37
N PRO A 13 1.37 7.23 4.92
CA PRO A 13 2.28 7.04 3.79
C PRO A 13 1.63 7.45 2.46
N ILE A 14 2.42 8.11 1.61
CA ILE A 14 1.93 8.55 0.32
C ILE A 14 2.31 7.56 -0.78
N LEU A 15 1.43 6.61 -1.04
CA LEU A 15 1.67 5.59 -2.07
C LEU A 15 2.11 6.24 -3.38
N GLN A 16 3.22 5.77 -3.93
CA GLN A 16 3.75 6.30 -5.18
C GLN A 16 4.04 5.18 -6.17
N LEU A 17 3.07 4.30 -6.37
CA LEU A 17 3.24 3.18 -7.29
C LEU A 17 4.11 3.58 -8.48
N GLU A 18 5.16 2.80 -8.71
CA GLU A 18 6.08 3.07 -9.81
C GLU A 18 5.88 2.06 -10.94
N GLU A 19 5.67 0.80 -10.58
CA GLU A 19 5.46 -0.26 -11.56
C GLU A 19 4.10 -0.11 -12.23
N CYS A 20 4.05 0.71 -13.26
CA CYS A 20 2.80 0.94 -14.00
C CYS A 20 2.86 0.29 -15.38
N CYS A 21 1.70 0.10 -15.99
CA CYS A 21 1.61 -0.52 -17.31
C CYS A 21 2.67 -1.59 -17.47
N THR A 22 2.78 -2.47 -16.49
CA THR A 22 3.75 -3.55 -16.53
C THR A 22 3.17 -4.80 -17.16
N HIS A 23 3.99 -5.51 -17.92
CA HIS A 23 3.55 -6.74 -18.59
C HIS A 23 3.61 -7.93 -17.64
N ASN A 24 3.08 -7.74 -16.43
CA ASN A 24 3.08 -8.79 -15.42
C ASN A 24 1.91 -8.61 -14.46
N ASN A 25 1.72 -9.59 -13.58
CA ASN A 25 0.64 -9.54 -12.59
C ASN A 25 1.17 -9.18 -11.21
N SER A 26 2.07 -8.20 -11.17
CA SER A 26 2.66 -7.77 -9.90
C SER A 26 2.44 -6.27 -9.69
N ALA A 27 2.24 -5.88 -8.43
CA ALA A 27 2.02 -4.48 -8.10
C ALA A 27 3.12 -3.96 -7.18
N THR A 28 4.02 -3.15 -7.75
CA THR A 28 5.13 -2.59 -6.98
C THR A 28 4.70 -1.31 -6.27
N LEU A 29 4.85 -1.28 -4.96
CA LEU A 29 4.49 -0.10 -4.17
C LEU A 29 5.73 0.55 -3.56
N SER A 30 5.81 1.87 -3.68
CA SER A 30 6.95 2.61 -3.15
C SER A 30 6.47 3.80 -2.31
N TRP A 31 5.62 3.52 -1.33
CA TRP A 31 5.09 4.56 -0.46
C TRP A 31 6.21 5.45 0.07
N LYS A 32 5.86 6.66 0.48
CA LYS A 32 6.83 7.60 1.01
C LYS A 32 6.24 8.41 2.17
N GLN A 33 7.09 9.17 2.86
CA GLN A 33 6.65 9.97 3.99
C GLN A 33 6.46 11.43 3.57
N PRO A 34 5.36 12.04 4.03
CA PRO A 34 5.04 13.43 3.72
C PRO A 34 5.98 14.41 4.41
N PRO A 35 6.56 15.33 3.62
CA PRO A 35 7.49 16.34 4.13
C PRO A 35 6.79 17.39 5.00
N LEU A 36 5.47 17.31 5.06
CA LEU A 36 4.68 18.25 5.85
C LEU A 36 4.51 17.74 7.28
N SER A 37 4.77 16.45 7.48
CA SER A 37 4.65 15.85 8.80
C SER A 37 6.00 15.35 9.30
N THR A 38 6.85 14.92 8.37
CA THR A 38 8.17 14.42 8.71
C THR A 38 8.15 13.68 10.04
N VAL A 39 7.04 13.00 10.33
CA VAL A 39 6.89 12.25 11.57
C VAL A 39 7.56 10.88 11.47
N PRO A 40 8.28 10.49 12.53
CA PRO A 40 8.97 9.21 12.59
C PRO A 40 8.01 8.03 12.68
N ALA A 41 8.24 7.02 11.85
CA ALA A 41 7.39 5.83 11.85
C ALA A 41 8.20 4.58 12.16
N ASP A 42 7.52 3.55 12.64
CA ASP A 42 8.17 2.28 12.98
C ASP A 42 8.06 1.29 11.84
N GLY A 43 6.87 1.21 11.24
CA GLY A 43 6.66 0.28 10.14
C GLY A 43 5.42 0.62 9.34
N TYR A 44 5.35 0.12 8.11
CA TYR A 44 4.21 0.37 7.24
C TYR A 44 3.44 -0.92 6.96
N ILE A 45 2.12 -0.84 7.03
CA ILE A 45 1.26 -2.00 6.79
C ILE A 45 0.46 -1.83 5.50
N LEU A 46 0.59 -2.79 4.60
CA LEU A 46 -0.13 -2.74 3.33
C LEU A 46 -1.42 -3.55 3.40
N GLU A 47 -2.36 -3.25 2.52
CA GLU A 47 -3.64 -3.94 2.48
C GLU A 47 -4.21 -3.97 1.06
N LEU A 48 -4.87 -5.07 0.72
CA LEU A 48 -5.47 -5.23 -0.60
C LEU A 48 -6.54 -6.31 -0.59
N ASP A 49 -7.63 -6.06 -1.30
CA ASP A 49 -8.73 -7.01 -1.38
C ASP A 49 -8.48 -8.05 -2.47
N ASP A 50 -9.34 -9.05 -2.54
CA ASP A 50 -9.21 -10.11 -3.53
C ASP A 50 -10.06 -9.81 -4.76
N GLY A 51 -10.07 -8.55 -5.18
CA GLY A 51 -10.86 -8.15 -6.33
C GLY A 51 -12.30 -8.60 -6.24
N ASN A 52 -12.84 -8.60 -5.02
CA ASN A 52 -14.22 -9.01 -4.80
C ASN A 52 -15.10 -7.81 -4.46
N GLY A 53 -14.52 -6.83 -3.76
CA GLY A 53 -15.25 -5.65 -3.39
C GLY A 53 -15.74 -5.69 -1.95
N GLY A 54 -14.90 -6.19 -1.06
CA GLY A 54 -15.27 -6.27 0.34
C GLY A 54 -14.27 -5.60 1.26
N GLN A 55 -13.76 -6.35 2.23
CA GLN A 55 -12.79 -5.81 3.17
C GLN A 55 -11.37 -5.96 2.64
N PHE A 56 -10.41 -5.33 3.32
CA PHE A 56 -9.01 -5.40 2.91
C PHE A 56 -8.20 -6.23 3.90
N ARG A 57 -7.26 -7.01 3.38
CA ARG A 57 -6.41 -7.85 4.21
C ARG A 57 -4.95 -7.43 4.11
N GLU A 58 -4.19 -7.63 5.19
CA GLU A 58 -2.79 -7.26 5.22
C GLU A 58 -1.99 -8.12 4.23
N VAL A 59 -1.30 -7.46 3.31
CA VAL A 59 -0.50 -8.15 2.30
C VAL A 59 0.98 -8.14 2.69
N TYR A 60 1.40 -7.07 3.33
CA TYR A 60 2.80 -6.93 3.75
C TYR A 60 2.90 -6.10 5.03
N VAL A 61 4.00 -6.28 5.75
CA VAL A 61 4.23 -5.55 7.00
C VAL A 61 5.70 -5.55 7.37
N GLY A 62 6.25 -4.37 7.60
CA GLY A 62 7.66 -4.25 7.96
C GLY A 62 8.09 -2.82 8.17
N LYS A 63 9.34 -2.52 7.84
CA LYS A 63 9.88 -1.18 8.00
C LYS A 63 10.54 -0.71 6.70
N GLU A 64 10.21 -1.37 5.60
CA GLU A 64 10.77 -1.02 4.30
C GLU A 64 9.97 0.10 3.65
N THR A 65 10.45 0.58 2.51
CA THR A 65 9.77 1.65 1.78
C THR A 65 9.39 1.21 0.38
N MET A 66 9.46 -0.10 0.14
CA MET A 66 9.12 -0.65 -1.17
C MET A 66 8.82 -2.15 -1.07
N CYS A 67 7.60 -2.53 -1.44
CA CYS A 67 7.20 -3.94 -1.39
C CYS A 67 6.47 -4.33 -2.66
N THR A 68 6.73 -5.56 -3.14
CA THR A 68 6.11 -6.06 -4.35
C THR A 68 5.28 -7.31 -4.06
N VAL A 69 4.11 -7.39 -4.69
CA VAL A 69 3.23 -8.53 -4.50
C VAL A 69 3.21 -9.43 -5.73
N ASP A 70 3.06 -10.73 -5.52
CA ASP A 70 3.03 -11.69 -6.61
C ASP A 70 1.74 -12.51 -6.59
N GLY A 71 1.23 -12.85 -7.77
CA GLY A 71 0.01 -13.62 -7.86
C GLY A 71 -1.23 -12.76 -7.76
N LEU A 72 -1.43 -11.91 -8.76
CA LEU A 72 -2.59 -11.01 -8.80
C LEU A 72 -3.57 -11.44 -9.88
N HIS A 73 -4.83 -11.62 -9.49
CA HIS A 73 -5.87 -12.03 -10.43
C HIS A 73 -5.97 -11.04 -11.59
N PHE A 74 -6.29 -11.56 -12.77
CA PHE A 74 -6.42 -10.72 -13.96
C PHE A 74 -7.88 -10.46 -14.30
N ASN A 75 -8.11 -9.61 -15.29
CA ASN A 75 -9.47 -9.28 -15.71
C ASN A 75 -10.36 -9.01 -14.50
N SER A 76 -9.82 -8.27 -13.53
CA SER A 76 -10.57 -7.94 -12.32
C SER A 76 -10.00 -6.69 -11.66
N THR A 77 -10.88 -5.93 -11.00
CA THR A 77 -10.47 -4.70 -10.33
C THR A 77 -9.93 -4.99 -8.94
N TYR A 78 -8.98 -4.18 -8.49
CA TYR A 78 -8.37 -4.35 -7.18
C TYR A 78 -8.28 -3.02 -6.45
N ASN A 79 -8.18 -3.09 -5.12
CA ASN A 79 -8.09 -1.89 -4.30
C ASN A 79 -7.10 -2.08 -3.16
N ALA A 80 -5.96 -1.41 -3.24
CA ALA A 80 -4.93 -1.52 -2.20
C ALA A 80 -4.88 -0.25 -1.36
N ARG A 81 -4.08 -0.29 -0.30
CA ARG A 81 -3.94 0.86 0.59
C ARG A 81 -2.80 0.63 1.59
N VAL A 82 -1.92 1.62 1.70
CA VAL A 82 -0.79 1.53 2.61
C VAL A 82 -0.93 2.53 3.76
N LYS A 83 -0.49 2.11 4.95
CA LYS A 83 -0.57 2.97 6.13
C LYS A 83 0.65 2.79 7.02
N ALA A 84 0.76 3.61 8.05
CA ALA A 84 1.88 3.54 8.98
C ALA A 84 1.41 3.24 10.40
N PHE A 85 2.32 2.78 11.23
CA PHE A 85 1.99 2.45 12.62
C PHE A 85 3.26 2.37 13.48
N ASN A 86 3.22 3.00 14.64
CA ASN A 86 4.36 2.99 15.55
C ASN A 86 3.90 2.98 17.00
N LYS A 87 4.85 2.97 17.92
CA LYS A 87 4.55 2.95 19.35
C LYS A 87 3.28 3.75 19.64
N THR A 88 3.19 4.94 19.06
CA THR A 88 2.03 5.80 19.25
C THR A 88 0.74 5.02 19.10
N GLY A 89 0.45 4.57 17.87
CA GLY A 89 -0.76 3.82 17.62
C GLY A 89 -0.88 3.37 16.18
N VAL A 90 -1.67 4.10 15.40
CA VAL A 90 -1.86 3.78 13.98
C VAL A 90 -2.40 4.99 13.22
N SER A 91 -2.19 4.99 11.91
CA SER A 91 -2.65 6.09 11.07
C SER A 91 -3.68 5.59 10.06
N PRO A 92 -4.49 6.52 9.52
CA PRO A 92 -5.53 6.21 8.54
C PRO A 92 -4.95 5.79 7.19
N TYR A 93 -5.58 4.81 6.56
CA TYR A 93 -5.12 4.32 5.27
C TYR A 93 -5.09 5.44 4.23
N SER A 94 -4.14 5.36 3.31
CA SER A 94 -4.01 6.37 2.27
C SER A 94 -5.11 6.24 1.23
N LYS A 95 -5.07 7.10 0.22
CA LYS A 95 -6.06 7.08 -0.85
C LYS A 95 -6.25 5.66 -1.39
N THR A 96 -7.51 5.27 -1.58
CA THR A 96 -7.82 3.94 -2.10
C THR A 96 -7.32 3.77 -3.53
N LEU A 97 -6.12 3.21 -3.66
CA LEU A 97 -5.53 2.98 -4.98
C LEU A 97 -6.14 1.76 -5.65
N VAL A 98 -6.48 1.90 -6.93
CA VAL A 98 -7.06 0.79 -7.68
C VAL A 98 -6.03 0.17 -8.63
N LEU A 99 -5.91 -1.15 -8.57
CA LEU A 99 -4.98 -1.87 -9.43
C LEU A 99 -5.71 -2.61 -10.53
N GLN A 100 -6.17 -1.87 -11.53
CA GLN A 100 -6.88 -2.45 -12.66
C GLN A 100 -5.94 -3.29 -13.52
N THR A 101 -6.11 -4.61 -13.46
CA THR A 101 -5.27 -5.53 -14.22
C THR A 101 -5.79 -5.66 -15.66
N SER A 102 -5.01 -6.34 -16.50
CA SER A 102 -5.38 -6.54 -17.90
C SER A 102 -5.92 -7.95 -18.11
N GLU A 103 -6.50 -8.17 -19.29
CA GLU A 103 -7.05 -9.49 -19.63
C GLU A 103 -5.95 -10.50 -19.86
N GLY A 104 -6.20 -11.75 -19.48
CA GLY A 104 -5.22 -12.80 -19.67
C GLY A 104 -4.73 -12.90 -21.10
N SER A 105 -3.52 -12.41 -21.33
CA SER A 105 -2.93 -12.44 -22.67
C SER A 105 -2.17 -13.74 -22.91
N GLY A 106 -1.69 -13.93 -24.13
CA GLY A 106 -0.95 -15.14 -24.46
C GLY A 106 0.20 -15.38 -23.50
N PRO A 107 1.00 -16.43 -23.79
CA PRO A 107 2.14 -16.80 -22.96
C PRO A 107 3.27 -15.78 -23.07
N SER A 108 3.66 -15.45 -24.30
CA SER A 108 4.74 -14.48 -24.52
C SER A 108 5.95 -14.81 -23.66
N SER A 109 6.28 -16.10 -23.57
CA SER A 109 7.42 -16.55 -22.78
C SER A 109 8.38 -17.36 -23.62
N GLY A 110 7.83 -18.29 -24.41
CA GLY A 110 8.66 -19.13 -25.26
C GLY A 110 8.22 -19.10 -26.70
N GLY A 1 17.92 5.80 25.07
CA GLY A 1 16.61 6.41 25.13
C GLY A 1 15.52 5.47 24.64
N SER A 2 15.04 5.70 23.42
CA SER A 2 13.99 4.87 22.85
C SER A 2 14.11 4.81 21.32
N SER A 3 13.70 3.70 20.74
CA SER A 3 13.76 3.51 19.29
C SER A 3 12.51 4.08 18.62
N GLY A 4 11.91 5.09 19.24
CA GLY A 4 10.72 5.70 18.69
C GLY A 4 9.92 6.45 19.73
N SER A 5 8.62 6.17 19.80
CA SER A 5 7.75 6.84 20.76
C SER A 5 7.91 8.36 20.69
N SER A 6 8.03 8.88 19.47
CA SER A 6 8.20 10.30 19.26
C SER A 6 7.04 11.09 19.85
N GLY A 7 5.83 10.67 19.49
CA GLY A 7 4.63 11.34 19.99
C GLY A 7 3.38 10.88 19.29
N PRO A 8 2.85 11.71 18.38
CA PRO A 8 1.63 11.41 17.63
C PRO A 8 1.85 10.28 16.61
N VAL A 9 0.75 9.73 16.11
CA VAL A 9 0.82 8.65 15.13
C VAL A 9 1.62 9.07 13.90
N PRO A 10 2.21 8.07 13.22
CA PRO A 10 3.03 8.31 12.02
C PRO A 10 2.18 8.77 10.84
N ALA A 11 2.48 9.96 10.33
CA ALA A 11 1.76 10.52 9.19
C ALA A 11 1.51 9.45 8.13
N THR A 12 0.27 9.38 7.66
CA THR A 12 -0.11 8.41 6.63
C THR A 12 0.84 8.46 5.45
N PRO A 13 1.23 7.27 4.95
CA PRO A 13 2.14 7.16 3.81
C PRO A 13 1.49 7.60 2.51
N ILE A 14 2.30 8.14 1.59
CA ILE A 14 1.81 8.61 0.31
C ILE A 14 1.65 7.45 -0.67
N LEU A 15 0.41 7.10 -0.97
CA LEU A 15 0.12 6.01 -1.89
C LEU A 15 0.34 6.45 -3.34
N GLN A 16 1.53 6.18 -3.86
CA GLN A 16 1.87 6.55 -5.23
C GLN A 16 2.48 5.36 -5.97
N LEU A 17 1.68 4.75 -6.85
CA LEU A 17 2.14 3.60 -7.63
C LEU A 17 2.92 4.06 -8.84
N GLU A 18 4.15 3.56 -8.98
CA GLU A 18 5.01 3.92 -10.10
C GLU A 18 4.85 2.92 -11.24
N GLU A 19 4.87 1.63 -10.90
CA GLU A 19 4.74 0.57 -11.89
C GLU A 19 3.56 0.84 -12.82
N CYS A 20 3.81 0.81 -14.12
CA CYS A 20 2.76 1.04 -15.11
C CYS A 20 2.21 -0.27 -15.64
N CYS A 21 1.03 -0.20 -16.25
CA CYS A 21 0.38 -1.38 -16.79
C CYS A 21 1.37 -2.25 -17.56
N THR A 22 1.78 -3.36 -16.95
CA THR A 22 2.72 -4.27 -17.58
C THR A 22 2.09 -5.63 -17.84
N HIS A 23 2.52 -6.27 -18.93
CA HIS A 23 1.99 -7.59 -19.29
C HIS A 23 1.95 -8.52 -18.08
N ASN A 24 3.02 -8.50 -17.29
CA ASN A 24 3.10 -9.33 -16.10
C ASN A 24 1.99 -9.00 -15.12
N ASN A 25 1.92 -9.76 -14.03
CA ASN A 25 0.90 -9.55 -13.02
C ASN A 25 1.54 -9.28 -11.65
N SER A 26 2.04 -8.06 -11.46
CA SER A 26 2.67 -7.68 -10.21
C SER A 26 2.36 -6.23 -9.85
N ALA A 27 2.30 -5.93 -8.56
CA ALA A 27 2.01 -4.60 -8.09
C ALA A 27 3.13 -4.06 -7.20
N THR A 28 3.87 -3.08 -7.71
CA THR A 28 4.98 -2.50 -6.96
C THR A 28 4.54 -1.22 -6.25
N LEU A 29 4.71 -1.19 -4.94
CA LEU A 29 4.34 -0.03 -4.13
C LEU A 29 5.56 0.70 -3.62
N SER A 30 5.58 2.01 -3.78
CA SER A 30 6.70 2.83 -3.34
C SER A 30 6.22 4.02 -2.52
N TRP A 31 5.47 3.73 -1.46
CA TRP A 31 4.94 4.78 -0.59
C TRP A 31 6.07 5.57 0.06
N LYS A 32 5.76 6.78 0.51
CA LYS A 32 6.75 7.64 1.15
C LYS A 32 6.11 8.48 2.26
N GLN A 33 6.91 9.32 2.89
CA GLN A 33 6.42 10.17 3.97
C GLN A 33 6.18 11.59 3.46
N PRO A 34 5.11 12.23 3.96
CA PRO A 34 4.74 13.59 3.57
C PRO A 34 5.73 14.63 4.11
N PRO A 35 5.99 15.66 3.30
CA PRO A 35 6.92 16.74 3.65
C PRO A 35 6.37 17.63 4.77
N LEU A 36 5.07 17.53 5.00
CA LEU A 36 4.42 18.32 6.03
C LEU A 36 4.29 17.53 7.34
N SER A 37 5.18 16.55 7.51
CA SER A 37 5.17 15.71 8.71
C SER A 37 6.58 15.31 9.10
N THR A 38 6.94 15.55 10.36
CA THR A 38 8.26 15.22 10.85
C THR A 38 8.19 14.12 11.91
N VAL A 39 7.20 13.24 11.78
CA VAL A 39 7.02 12.14 12.73
C VAL A 39 7.59 10.84 12.17
N PRO A 40 8.42 10.16 12.99
CA PRO A 40 9.05 8.90 12.59
C PRO A 40 8.04 7.75 12.50
N ALA A 41 8.32 6.79 11.64
CA ALA A 41 7.44 5.65 11.47
C ALA A 41 8.19 4.34 11.70
N ASP A 42 7.68 3.52 12.63
CA ASP A 42 8.30 2.25 12.95
C ASP A 42 8.22 1.29 11.77
N GLY A 43 7.03 1.18 11.19
CA GLY A 43 6.82 0.30 10.05
C GLY A 43 5.59 0.64 9.26
N TYR A 44 5.45 0.04 8.08
CA TYR A 44 4.30 0.29 7.21
C TYR A 44 3.56 -1.00 6.90
N ILE A 45 2.24 -0.97 7.02
CA ILE A 45 1.42 -2.14 6.75
C ILE A 45 0.60 -1.94 5.47
N LEU A 46 0.69 -2.91 4.56
CA LEU A 46 -0.04 -2.85 3.30
C LEU A 46 -1.34 -3.64 3.39
N GLU A 47 -2.25 -3.37 2.46
CA GLU A 47 -3.54 -4.05 2.43
C GLU A 47 -4.08 -4.14 1.01
N LEU A 48 -4.79 -5.22 0.72
CA LEU A 48 -5.36 -5.43 -0.60
C LEU A 48 -6.49 -6.46 -0.56
N ASP A 49 -7.52 -6.24 -1.38
CA ASP A 49 -8.66 -7.15 -1.43
C ASP A 49 -8.46 -8.20 -2.51
N ASP A 50 -9.41 -9.13 -2.62
CA ASP A 50 -9.33 -10.18 -3.62
C ASP A 50 -9.92 -9.72 -4.95
N GLY A 51 -9.75 -8.44 -5.26
CA GLY A 51 -10.27 -7.90 -6.49
C GLY A 51 -11.79 -8.00 -6.58
N ASN A 52 -12.44 -8.03 -5.42
CA ASN A 52 -13.89 -8.13 -5.37
C ASN A 52 -14.51 -6.78 -5.06
N GLY A 53 -13.81 -5.97 -4.27
CA GLY A 53 -14.32 -4.66 -3.90
C GLY A 53 -14.99 -4.65 -2.55
N GLY A 54 -14.46 -5.41 -1.61
CA GLY A 54 -15.02 -5.48 -0.27
C GLY A 54 -14.07 -4.95 0.78
N GLN A 55 -13.64 -5.84 1.68
CA GLN A 55 -12.73 -5.46 2.75
C GLN A 55 -11.28 -5.69 2.34
N PHE A 56 -10.36 -5.03 3.04
CA PHE A 56 -8.93 -5.16 2.74
C PHE A 56 -8.20 -5.87 3.87
N ARG A 57 -7.29 -6.77 3.52
CA ARG A 57 -6.53 -7.51 4.50
C ARG A 57 -5.03 -7.23 4.37
N GLU A 58 -4.30 -7.39 5.46
CA GLU A 58 -2.86 -7.15 5.46
C GLU A 58 -2.16 -8.03 4.44
N VAL A 59 -1.33 -7.42 3.60
CA VAL A 59 -0.59 -8.16 2.58
C VAL A 59 0.89 -8.19 2.89
N TYR A 60 1.38 -7.17 3.59
CA TYR A 60 2.78 -7.09 3.95
C TYR A 60 2.98 -6.18 5.16
N VAL A 61 3.92 -6.54 6.02
CA VAL A 61 4.22 -5.76 7.22
C VAL A 61 5.71 -5.74 7.51
N GLY A 62 6.27 -4.54 7.62
CA GLY A 62 7.69 -4.42 7.91
C GLY A 62 8.11 -2.97 8.09
N LYS A 63 9.36 -2.67 7.73
CA LYS A 63 9.89 -1.32 7.85
C LYS A 63 10.63 -0.91 6.59
N GLU A 64 10.04 -1.22 5.44
CA GLU A 64 10.64 -0.87 4.16
C GLU A 64 9.89 0.29 3.49
N THR A 65 10.47 0.81 2.41
CA THR A 65 9.86 1.93 1.69
C THR A 65 9.42 1.50 0.29
N MET A 66 9.36 0.19 0.07
CA MET A 66 8.95 -0.35 -1.22
C MET A 66 8.70 -1.85 -1.14
N CYS A 67 7.51 -2.27 -1.52
CA CYS A 67 7.14 -3.68 -1.48
C CYS A 67 6.33 -4.06 -2.72
N THR A 68 6.58 -5.27 -3.24
CA THR A 68 5.88 -5.74 -4.42
C THR A 68 5.20 -7.09 -4.14
N VAL A 69 4.01 -7.27 -4.72
CA VAL A 69 3.27 -8.52 -4.54
C VAL A 69 3.29 -9.36 -5.81
N ASP A 70 3.33 -10.68 -5.64
CA ASP A 70 3.35 -11.59 -6.77
C ASP A 70 2.14 -12.51 -6.75
N GLY A 71 1.63 -12.86 -7.93
CA GLY A 71 0.47 -13.72 -8.01
C GLY A 71 -0.84 -12.97 -7.86
N LEU A 72 -1.14 -12.11 -8.82
CA LEU A 72 -2.36 -11.31 -8.79
C LEU A 72 -3.32 -11.76 -9.88
N HIS A 73 -4.61 -11.81 -9.55
CA HIS A 73 -5.63 -12.22 -10.51
C HIS A 73 -5.55 -11.39 -11.77
N PHE A 74 -6.17 -11.89 -12.84
CA PHE A 74 -6.16 -11.19 -14.12
C PHE A 74 -7.55 -10.68 -14.46
N ASN A 75 -7.61 -9.68 -15.35
CA ASN A 75 -8.89 -9.11 -15.76
C ASN A 75 -9.78 -8.86 -14.55
N SER A 76 -9.22 -8.25 -13.52
CA SER A 76 -9.98 -7.96 -12.30
C SER A 76 -9.41 -6.74 -11.59
N THR A 77 -10.28 -5.78 -11.30
CA THR A 77 -9.86 -4.56 -10.62
C THR A 77 -9.49 -4.83 -9.17
N TYR A 78 -8.35 -4.30 -8.75
CA TYR A 78 -7.87 -4.48 -7.38
C TYR A 78 -7.79 -3.15 -6.64
N ASN A 79 -7.89 -3.21 -5.32
CA ASN A 79 -7.82 -2.01 -4.50
C ASN A 79 -6.86 -2.19 -3.33
N ALA A 80 -5.77 -1.43 -3.35
CA ALA A 80 -4.77 -1.51 -2.29
C ALA A 80 -4.74 -0.22 -1.46
N ARG A 81 -4.03 -0.28 -0.34
CA ARG A 81 -3.92 0.89 0.54
C ARG A 81 -2.89 0.64 1.64
N VAL A 82 -1.90 1.52 1.72
CA VAL A 82 -0.84 1.40 2.72
C VAL A 82 -1.03 2.43 3.82
N LYS A 83 -0.57 2.07 5.02
CA LYS A 83 -0.68 2.96 6.18
C LYS A 83 0.54 2.84 7.08
N ALA A 84 0.65 3.74 8.05
CA ALA A 84 1.76 3.73 8.99
C ALA A 84 1.31 3.30 10.38
N PHE A 85 2.25 2.81 11.18
CA PHE A 85 1.94 2.37 12.53
C PHE A 85 3.22 2.27 13.37
N ASN A 86 3.09 2.56 14.66
CA ASN A 86 4.23 2.51 15.57
C ASN A 86 3.76 2.45 17.03
N LYS A 87 4.72 2.48 17.95
CA LYS A 87 4.41 2.44 19.37
C LYS A 87 3.13 3.22 19.68
N THR A 88 3.07 4.45 19.17
CA THR A 88 1.90 5.31 19.39
C THR A 88 0.61 4.54 19.16
N GLY A 89 0.34 4.20 17.90
CA GLY A 89 -0.86 3.47 17.57
C GLY A 89 -0.93 3.10 16.11
N VAL A 90 -1.79 3.80 15.36
CA VAL A 90 -1.95 3.54 13.94
C VAL A 90 -2.53 4.76 13.22
N SER A 91 -2.25 4.86 11.92
CA SER A 91 -2.73 5.98 11.13
C SER A 91 -3.76 5.51 10.10
N PRO A 92 -4.56 6.46 9.58
CA PRO A 92 -5.59 6.16 8.59
C PRO A 92 -5.00 5.79 7.23
N TYR A 93 -5.65 4.83 6.56
CA TYR A 93 -5.19 4.39 5.25
C TYR A 93 -5.06 5.55 4.28
N SER A 94 -4.44 5.29 3.13
CA SER A 94 -4.25 6.33 2.12
C SER A 94 -5.37 6.28 1.08
N LYS A 95 -5.33 7.22 0.14
CA LYS A 95 -6.34 7.28 -0.91
C LYS A 95 -6.42 5.96 -1.66
N THR A 96 -7.60 5.33 -1.60
CA THR A 96 -7.81 4.05 -2.29
C THR A 96 -7.07 4.02 -3.62
N LEU A 97 -6.23 3.00 -3.79
CA LEU A 97 -5.46 2.84 -5.02
C LEU A 97 -6.00 1.68 -5.86
N VAL A 98 -6.53 2.01 -7.04
CA VAL A 98 -7.08 1.01 -7.93
C VAL A 98 -6.07 0.62 -9.01
N LEU A 99 -6.03 -0.66 -9.34
CA LEU A 99 -5.12 -1.17 -10.35
C LEU A 99 -5.84 -2.05 -11.36
N GLN A 100 -5.97 -1.57 -12.58
CA GLN A 100 -6.64 -2.33 -13.64
C GLN A 100 -5.68 -3.32 -14.30
N THR A 101 -6.10 -4.58 -14.34
CA THR A 101 -5.27 -5.63 -14.93
C THR A 101 -5.78 -6.00 -16.32
N SER A 102 -4.89 -6.53 -17.15
CA SER A 102 -5.24 -6.92 -18.51
C SER A 102 -5.53 -8.41 -18.58
N GLU A 103 -6.41 -8.80 -19.50
CA GLU A 103 -6.77 -10.21 -19.67
C GLU A 103 -5.54 -11.10 -19.54
N GLY A 104 -5.71 -12.24 -18.87
CA GLY A 104 -4.61 -13.16 -18.68
C GLY A 104 -4.09 -13.72 -19.99
N SER A 105 -4.94 -14.49 -20.67
CA SER A 105 -4.56 -15.09 -21.94
C SER A 105 -4.62 -14.07 -23.07
N GLY A 106 -3.45 -13.62 -23.52
CA GLY A 106 -3.40 -12.65 -24.60
C GLY A 106 -3.22 -13.29 -25.96
N PRO A 107 -4.04 -12.85 -26.93
CA PRO A 107 -3.99 -13.38 -28.29
C PRO A 107 -2.72 -12.95 -29.04
N SER A 108 -2.01 -13.94 -29.59
CA SER A 108 -0.78 -13.66 -30.31
C SER A 108 -1.01 -12.65 -31.43
N SER A 109 -0.60 -11.40 -31.19
CA SER A 109 -0.77 -10.34 -32.17
C SER A 109 0.36 -10.37 -33.20
N GLY A 110 0.19 -9.60 -34.28
CA GLY A 110 1.19 -9.56 -35.32
C GLY A 110 0.72 -10.17 -36.62
N GLY A 1 4.93 19.99 25.02
CA GLY A 1 6.32 19.63 24.84
C GLY A 1 6.56 18.15 25.00
N SER A 2 7.77 17.70 24.69
CA SER A 2 8.12 16.29 24.81
C SER A 2 8.80 16.00 26.13
N SER A 3 8.27 16.60 27.21
CA SER A 3 8.82 16.41 28.54
C SER A 3 8.25 15.16 29.19
N GLY A 4 7.02 14.82 28.84
CA GLY A 4 6.37 13.65 29.40
C GLY A 4 5.02 13.37 28.77
N SER A 5 5.02 13.17 27.45
CA SER A 5 3.78 12.90 26.73
C SER A 5 3.99 11.81 25.68
N SER A 6 2.91 11.35 25.08
CA SER A 6 2.97 10.31 24.07
C SER A 6 2.60 10.86 22.68
N GLY A 7 3.42 10.53 21.69
CA GLY A 7 3.16 11.01 20.35
C GLY A 7 2.05 10.23 19.65
N PRO A 8 1.26 10.93 18.83
CA PRO A 8 0.15 10.32 18.09
C PRO A 8 0.62 9.38 17.00
N VAL A 9 -0.31 8.91 16.16
CA VAL A 9 0.02 8.02 15.07
C VAL A 9 0.88 8.71 14.02
N PRO A 10 1.68 7.91 13.29
CA PRO A 10 2.57 8.43 12.25
C PRO A 10 1.79 8.93 11.03
N ALA A 11 2.07 10.16 10.63
CA ALA A 11 1.41 10.76 9.48
C ALA A 11 1.20 9.73 8.37
N THR A 12 -0.05 9.57 7.93
CA THR A 12 -0.38 8.62 6.88
C THR A 12 0.51 8.83 5.66
N PRO A 13 1.04 7.72 5.12
CA PRO A 13 1.91 7.74 3.94
C PRO A 13 1.17 8.11 2.67
N ILE A 14 1.90 8.57 1.66
CA ILE A 14 1.30 8.96 0.39
C ILE A 14 1.68 7.98 -0.71
N LEU A 15 0.78 7.05 -1.00
CA LEU A 15 1.03 6.06 -2.04
C LEU A 15 1.49 6.72 -3.33
N GLN A 16 2.53 6.16 -3.94
CA GLN A 16 3.08 6.69 -5.18
C GLN A 16 3.34 5.57 -6.20
N LEU A 17 2.26 5.03 -6.76
CA LEU A 17 2.38 3.96 -7.74
C LEU A 17 3.45 4.28 -8.78
N GLU A 18 4.69 3.88 -8.49
CA GLU A 18 5.79 4.13 -9.40
C GLU A 18 5.69 3.24 -10.64
N GLU A 19 5.37 1.96 -10.43
CA GLU A 19 5.24 1.01 -11.52
C GLU A 19 4.60 1.68 -12.73
N CYS A 20 5.38 1.86 -13.79
CA CYS A 20 4.89 2.48 -15.01
C CYS A 20 5.23 1.64 -16.23
N CYS A 21 6.48 1.18 -16.31
CA CYS A 21 6.94 0.36 -17.42
C CYS A 21 7.58 -0.92 -16.92
N THR A 22 6.83 -1.70 -16.14
CA THR A 22 7.32 -2.95 -15.59
C THR A 22 6.24 -4.01 -15.59
N HIS A 23 6.65 -5.27 -15.51
CA HIS A 23 5.71 -6.39 -15.50
C HIS A 23 4.44 -6.02 -14.75
N ASN A 24 3.33 -5.99 -15.49
CA ASN A 24 2.04 -5.63 -14.90
C ASN A 24 1.65 -6.63 -13.80
N ASN A 25 1.85 -7.91 -14.07
CA ASN A 25 1.53 -8.97 -13.12
C ASN A 25 2.11 -8.64 -11.75
N SER A 26 3.11 -7.75 -11.72
CA SER A 26 3.75 -7.36 -10.47
C SER A 26 3.46 -5.90 -10.15
N ALA A 27 2.85 -5.66 -8.99
CA ALA A 27 2.52 -4.30 -8.57
C ALA A 27 3.53 -3.79 -7.55
N THR A 28 4.50 -3.01 -8.02
CA THR A 28 5.52 -2.46 -7.15
C THR A 28 5.00 -1.25 -6.38
N LEU A 29 5.01 -1.33 -5.06
CA LEU A 29 4.54 -0.25 -4.21
C LEU A 29 5.70 0.40 -3.46
N SER A 30 5.80 1.72 -3.59
CA SER A 30 6.87 2.47 -2.92
C SER A 30 6.31 3.68 -2.19
N TRP A 31 5.54 3.43 -1.13
CA TRP A 31 4.94 4.50 -0.35
C TRP A 31 6.03 5.38 0.28
N LYS A 32 5.60 6.36 1.06
CA LYS A 32 6.52 7.27 1.74
C LYS A 32 5.78 8.22 2.66
N GLN A 33 6.53 8.92 3.51
CA GLN A 33 5.94 9.86 4.45
C GLN A 33 5.98 11.29 3.89
N PRO A 34 5.01 12.12 4.31
CA PRO A 34 4.92 13.51 3.87
C PRO A 34 6.04 14.37 4.44
N PRO A 35 6.32 15.49 3.76
CA PRO A 35 7.37 16.42 4.17
C PRO A 35 7.02 17.18 5.45
N LEU A 36 5.80 17.69 5.51
CA LEU A 36 5.33 18.43 6.67
C LEU A 36 5.10 17.49 7.85
N SER A 37 5.39 16.22 7.65
CA SER A 37 5.22 15.22 8.70
C SER A 37 5.79 15.72 10.02
N THR A 38 5.25 15.21 11.12
CA THR A 38 5.69 15.61 12.45
C THR A 38 6.00 14.39 13.31
N VAL A 39 5.15 13.36 13.22
CA VAL A 39 5.34 12.14 13.98
C VAL A 39 6.01 11.06 13.15
N PRO A 40 7.16 10.56 13.62
CA PRO A 40 7.93 9.52 12.93
C PRO A 40 7.21 8.17 12.95
N ALA A 41 7.45 7.37 11.92
CA ALA A 41 6.83 6.05 11.82
C ALA A 41 7.88 4.95 11.96
N ASP A 42 7.46 3.81 12.53
CA ASP A 42 8.36 2.68 12.72
C ASP A 42 8.23 1.69 11.59
N GLY A 43 7.00 1.47 11.14
CA GLY A 43 6.74 0.53 10.06
C GLY A 43 5.55 0.92 9.21
N TYR A 44 5.09 -0.01 8.38
CA TYR A 44 3.96 0.24 7.50
C TYR A 44 3.26 -1.07 7.11
N ILE A 45 1.94 -1.07 7.18
CA ILE A 45 1.16 -2.26 6.83
C ILE A 45 0.42 -2.06 5.52
N LEU A 46 0.50 -3.06 4.64
CA LEU A 46 -0.18 -3.00 3.35
C LEU A 46 -1.49 -3.77 3.38
N GLU A 47 -2.45 -3.32 2.58
CA GLU A 47 -3.76 -3.97 2.51
C GLU A 47 -4.24 -4.06 1.07
N LEU A 48 -4.92 -5.17 0.75
CA LEU A 48 -5.43 -5.38 -0.60
C LEU A 48 -6.58 -6.39 -0.58
N ASP A 49 -7.61 -6.11 -1.37
CA ASP A 49 -8.76 -7.00 -1.45
C ASP A 49 -8.51 -8.13 -2.45
N ASP A 50 -9.34 -9.18 -2.37
CA ASP A 50 -9.20 -10.32 -3.27
C ASP A 50 -9.97 -10.09 -4.57
N GLY A 51 -9.92 -8.86 -5.05
CA GLY A 51 -10.63 -8.52 -6.29
C GLY A 51 -12.08 -8.92 -6.25
N ASN A 52 -12.67 -8.90 -5.07
CA ASN A 52 -14.08 -9.25 -4.90
C ASN A 52 -14.92 -8.02 -4.62
N GLY A 53 -14.36 -7.07 -3.89
CA GLY A 53 -15.08 -5.85 -3.56
C GLY A 53 -15.62 -5.86 -2.15
N GLY A 54 -14.84 -6.40 -1.22
CA GLY A 54 -15.26 -6.46 0.16
C GLY A 54 -14.32 -5.73 1.10
N GLN A 55 -13.84 -6.43 2.13
CA GLN A 55 -12.93 -5.83 3.09
C GLN A 55 -11.48 -6.02 2.66
N PHE A 56 -10.59 -5.25 3.25
CA PHE A 56 -9.17 -5.34 2.93
C PHE A 56 -8.39 -6.06 4.04
N ARG A 57 -7.53 -6.97 3.63
CA ARG A 57 -6.72 -7.74 4.59
C ARG A 57 -5.26 -7.35 4.51
N GLU A 58 -4.48 -7.73 5.52
CA GLU A 58 -3.06 -7.41 5.56
C GLU A 58 -2.28 -8.31 4.61
N VAL A 59 -1.38 -7.70 3.85
CA VAL A 59 -0.56 -8.44 2.89
C VAL A 59 0.92 -8.32 3.22
N TYR A 60 1.28 -7.24 3.93
CA TYR A 60 2.67 -7.01 4.30
C TYR A 60 2.75 -6.03 5.47
N VAL A 61 3.86 -6.09 6.21
CA VAL A 61 4.06 -5.22 7.36
C VAL A 61 5.51 -5.23 7.80
N GLY A 62 6.14 -4.06 7.82
CA GLY A 62 7.53 -3.97 8.23
C GLY A 62 8.03 -2.54 8.25
N LYS A 63 9.27 -2.34 7.81
CA LYS A 63 9.87 -1.01 7.79
C LYS A 63 10.54 -0.74 6.44
N GLU A 64 10.03 -1.39 5.40
CA GLU A 64 10.59 -1.22 4.06
C GLU A 64 9.83 -0.14 3.30
N THR A 65 10.46 0.39 2.25
CA THR A 65 9.84 1.43 1.44
C THR A 65 9.66 0.97 -0.01
N MET A 66 9.49 -0.34 -0.19
CA MET A 66 9.30 -0.92 -1.52
C MET A 66 8.87 -2.37 -1.42
N CYS A 67 7.67 -2.66 -1.90
CA CYS A 67 7.13 -4.02 -1.87
C CYS A 67 6.24 -4.29 -3.08
N THR A 68 6.50 -5.40 -3.76
CA THR A 68 5.72 -5.76 -4.94
C THR A 68 5.15 -7.17 -4.80
N VAL A 69 4.00 -7.41 -5.43
CA VAL A 69 3.35 -8.71 -5.39
C VAL A 69 3.63 -9.51 -6.65
N ASP A 70 3.57 -10.83 -6.53
CA ASP A 70 3.83 -11.71 -7.66
C ASP A 70 2.64 -12.65 -7.89
N GLY A 71 2.26 -12.82 -9.15
CA GLY A 71 1.14 -13.69 -9.48
C GLY A 71 -0.20 -12.99 -9.36
N LEU A 72 -0.16 -11.67 -9.23
CA LEU A 72 -1.38 -10.88 -9.09
C LEU A 72 -2.35 -11.19 -10.22
N HIS A 73 -3.59 -11.54 -9.86
CA HIS A 73 -4.61 -11.85 -10.85
C HIS A 73 -4.80 -10.69 -11.83
N PHE A 74 -5.17 -11.01 -13.06
CA PHE A 74 -5.38 -10.00 -14.09
C PHE A 74 -6.87 -9.75 -14.31
N ASN A 75 -7.18 -8.81 -15.21
CA ASN A 75 -8.57 -8.49 -15.51
C ASN A 75 -9.42 -8.48 -14.25
N SER A 76 -8.90 -7.85 -13.19
CA SER A 76 -9.61 -7.78 -11.92
C SER A 76 -9.23 -6.52 -11.15
N THR A 77 -10.22 -5.76 -10.74
CA THR A 77 -9.99 -4.53 -10.00
C THR A 77 -9.41 -4.82 -8.62
N TYR A 78 -8.22 -4.29 -8.36
CA TYR A 78 -7.55 -4.49 -7.09
C TYR A 78 -7.36 -3.17 -6.35
N ASN A 79 -7.99 -3.05 -5.19
CA ASN A 79 -7.90 -1.84 -4.38
C ASN A 79 -6.97 -2.05 -3.20
N ALA A 80 -5.83 -1.36 -3.21
CA ALA A 80 -4.85 -1.47 -2.13
C ALA A 80 -4.76 -0.17 -1.35
N ARG A 81 -4.02 -0.20 -0.24
CA ARG A 81 -3.86 0.97 0.60
C ARG A 81 -2.76 0.76 1.64
N VAL A 82 -1.83 1.70 1.72
CA VAL A 82 -0.72 1.60 2.67
C VAL A 82 -0.93 2.56 3.84
N LYS A 83 -0.41 2.18 5.00
CA LYS A 83 -0.53 3.01 6.19
C LYS A 83 0.71 2.87 7.08
N ALA A 84 0.86 3.78 8.03
CA ALA A 84 2.00 3.77 8.94
C ALA A 84 1.57 3.36 10.35
N PHE A 85 2.41 2.56 11.00
CA PHE A 85 2.12 2.09 12.36
C PHE A 85 3.36 2.18 13.23
N ASN A 86 3.17 2.59 14.47
CA ASN A 86 4.27 2.72 15.43
C ASN A 86 3.79 2.54 16.86
N LYS A 87 4.71 2.65 17.81
CA LYS A 87 4.37 2.51 19.22
C LYS A 87 2.98 3.06 19.52
N THR A 88 2.72 4.28 19.03
CA THR A 88 1.42 4.91 19.25
C THR A 88 0.29 3.95 18.97
N GLY A 89 0.09 3.60 17.71
CA GLY A 89 -0.97 2.69 17.32
C GLY A 89 -0.96 2.37 15.85
N VAL A 90 -1.86 3.01 15.10
CA VAL A 90 -1.96 2.79 13.67
C VAL A 90 -2.63 3.96 12.97
N SER A 91 -2.22 4.23 11.74
CA SER A 91 -2.79 5.33 10.97
C SER A 91 -3.83 4.82 9.97
N PRO A 92 -4.67 5.74 9.47
CA PRO A 92 -5.73 5.40 8.51
C PRO A 92 -5.16 5.04 7.14
N TYR A 93 -5.77 4.05 6.50
CA TYR A 93 -5.33 3.60 5.18
C TYR A 93 -5.47 4.73 4.16
N SER A 94 -4.38 4.99 3.43
CA SER A 94 -4.38 6.04 2.42
C SER A 94 -5.53 5.85 1.44
N LYS A 95 -5.70 6.81 0.53
CA LYS A 95 -6.75 6.75 -0.47
C LYS A 95 -6.83 5.37 -1.10
N THR A 96 -7.95 5.08 -1.76
CA THR A 96 -8.15 3.80 -2.41
C THR A 96 -7.33 3.70 -3.70
N LEU A 97 -6.25 2.91 -3.64
CA LEU A 97 -5.39 2.73 -4.79
C LEU A 97 -5.85 1.54 -5.63
N VAL A 98 -6.60 1.82 -6.69
CA VAL A 98 -7.10 0.78 -7.57
C VAL A 98 -6.15 0.55 -8.75
N LEU A 99 -5.77 -0.70 -8.96
CA LEU A 99 -4.87 -1.06 -10.06
C LEU A 99 -5.60 -1.87 -11.13
N GLN A 100 -6.21 -1.17 -12.07
CA GLN A 100 -6.94 -1.82 -13.15
C GLN A 100 -6.01 -2.68 -13.99
N THR A 101 -5.97 -3.97 -13.71
CA THR A 101 -5.12 -4.90 -14.46
C THR A 101 -5.69 -5.20 -15.83
N SER A 102 -4.83 -5.18 -16.85
CA SER A 102 -5.26 -5.45 -18.21
C SER A 102 -5.70 -6.91 -18.37
N GLU A 103 -6.20 -7.23 -19.56
CA GLU A 103 -6.67 -8.59 -19.83
C GLU A 103 -5.53 -9.46 -20.36
N GLY A 104 -5.86 -10.69 -20.74
CA GLY A 104 -4.86 -11.60 -21.24
C GLY A 104 -4.21 -11.10 -22.53
N SER A 105 -3.12 -10.36 -22.38
CA SER A 105 -2.41 -9.80 -23.54
C SER A 105 -0.90 -9.86 -23.32
N GLY A 106 -0.15 -9.71 -24.41
CA GLY A 106 1.30 -9.74 -24.33
C GLY A 106 1.96 -8.94 -25.43
N PRO A 107 2.86 -8.02 -25.05
CA PRO A 107 3.57 -7.17 -25.99
C PRO A 107 4.59 -7.95 -26.81
N SER A 108 4.63 -9.26 -26.60
CA SER A 108 5.57 -10.13 -27.33
C SER A 108 7.00 -9.83 -26.91
N SER A 109 7.24 -9.76 -25.60
CA SER A 109 8.57 -9.48 -25.08
C SER A 109 9.61 -10.39 -25.73
N GLY A 110 10.76 -9.80 -26.05
CA GLY A 110 11.83 -10.57 -26.68
C GLY A 110 12.58 -11.44 -25.68
N GLY A 1 -3.60 13.13 33.55
CA GLY A 1 -2.57 12.14 33.83
C GLY A 1 -1.62 11.94 32.66
N SER A 2 -2.14 11.39 31.57
CA SER A 2 -1.33 11.14 30.39
C SER A 2 -1.90 11.86 29.17
N SER A 3 -2.30 13.13 29.37
CA SER A 3 -2.87 13.91 28.29
C SER A 3 -1.78 14.70 27.55
N GLY A 4 -0.70 15.02 28.26
CA GLY A 4 0.39 15.74 27.66
C GLY A 4 1.59 14.86 27.36
N SER A 5 2.60 15.44 26.73
CA SER A 5 3.81 14.70 26.39
C SER A 5 3.46 13.31 25.85
N SER A 6 2.54 13.28 24.88
CA SER A 6 2.10 12.01 24.28
C SER A 6 2.62 11.90 22.85
N GLY A 7 2.69 10.67 22.35
CA GLY A 7 3.16 10.44 21.00
C GLY A 7 2.04 10.05 20.05
N PRO A 8 1.66 10.97 19.16
CA PRO A 8 0.59 10.75 18.18
C PRO A 8 1.00 9.73 17.11
N VAL A 9 0.01 9.20 16.40
CA VAL A 9 0.26 8.23 15.35
C VAL A 9 1.16 8.81 14.26
N PRO A 10 1.86 7.93 13.54
CA PRO A 10 2.77 8.33 12.46
C PRO A 10 2.02 8.88 11.25
N ALA A 11 2.38 10.07 10.81
CA ALA A 11 1.74 10.70 9.66
C ALA A 11 1.55 9.69 8.54
N THR A 12 0.31 9.60 8.04
CA THR A 12 -0.01 8.68 6.96
C THR A 12 0.93 8.87 5.77
N PRO A 13 1.36 7.76 5.18
CA PRO A 13 2.27 7.78 4.01
C PRO A 13 1.58 8.31 2.77
N ILE A 14 2.38 8.75 1.80
CA ILE A 14 1.85 9.27 0.55
C ILE A 14 2.00 8.25 -0.58
N LEU A 15 0.90 7.59 -0.90
CA LEU A 15 0.89 6.58 -1.96
C LEU A 15 1.25 7.21 -3.30
N GLN A 16 2.39 6.80 -3.85
CA GLN A 16 2.84 7.33 -5.13
C GLN A 16 3.28 6.20 -6.06
N LEU A 17 2.44 5.18 -6.18
CA LEU A 17 2.73 4.04 -7.03
C LEU A 17 3.41 4.48 -8.32
N GLU A 18 4.48 3.78 -8.70
CA GLU A 18 5.22 4.10 -9.91
C GLU A 18 4.77 3.22 -11.06
N GLU A 19 4.73 1.91 -10.83
CA GLU A 19 4.32 0.96 -11.87
C GLU A 19 3.14 1.50 -12.66
N CYS A 20 3.42 2.14 -13.78
CA CYS A 20 2.39 2.71 -14.63
C CYS A 20 1.82 1.65 -15.58
N CYS A 21 0.84 2.05 -16.37
CA CYS A 21 0.22 1.13 -17.32
C CYS A 21 1.24 0.19 -17.93
N THR A 22 1.36 -1.00 -17.34
CA THR A 22 2.31 -2.00 -17.82
C THR A 22 1.72 -3.41 -17.76
N HIS A 23 1.69 -4.09 -18.89
CA HIS A 23 1.16 -5.44 -18.95
C HIS A 23 1.92 -6.38 -18.01
N ASN A 24 1.33 -6.63 -16.85
CA ASN A 24 1.96 -7.51 -15.85
C ASN A 24 0.94 -7.94 -14.81
N ASN A 25 1.38 -8.82 -13.90
CA ASN A 25 0.51 -9.32 -12.84
C ASN A 25 1.13 -9.07 -11.47
N SER A 26 1.93 -8.01 -11.37
CA SER A 26 2.59 -7.66 -10.11
C SER A 26 2.45 -6.17 -9.83
N ALA A 27 2.05 -5.84 -8.61
CA ALA A 27 1.89 -4.44 -8.21
C ALA A 27 3.04 -3.99 -7.32
N THR A 28 3.70 -2.91 -7.72
CA THR A 28 4.83 -2.37 -6.96
C THR A 28 4.40 -1.15 -6.16
N LEU A 29 4.67 -1.19 -4.85
CA LEU A 29 4.31 -0.08 -3.97
C LEU A 29 5.57 0.60 -3.43
N SER A 30 5.64 1.91 -3.62
CA SER A 30 6.80 2.68 -3.15
C SER A 30 6.34 3.93 -2.41
N TRP A 31 5.63 3.74 -1.30
CA TRP A 31 5.15 4.86 -0.51
C TRP A 31 6.30 5.63 0.13
N LYS A 32 5.97 6.61 0.95
CA LYS A 32 6.97 7.42 1.62
C LYS A 32 6.36 8.26 2.74
N GLN A 33 7.20 8.91 3.52
CA GLN A 33 6.73 9.74 4.63
C GLN A 33 6.84 11.22 4.27
N PRO A 34 5.84 12.00 4.70
CA PRO A 34 5.79 13.45 4.43
C PRO A 34 6.84 14.21 5.22
N PRO A 35 7.61 15.06 4.52
CA PRO A 35 8.66 15.86 5.13
C PRO A 35 8.10 16.96 6.03
N LEU A 36 6.78 17.09 6.06
CA LEU A 36 6.13 18.10 6.88
C LEU A 36 5.74 17.53 8.24
N SER A 37 5.79 16.20 8.36
CA SER A 37 5.45 15.53 9.61
C SER A 37 6.69 15.30 10.46
N THR A 38 6.58 15.54 11.75
CA THR A 38 7.69 15.36 12.67
C THR A 38 7.43 14.19 13.62
N VAL A 39 6.87 13.12 13.09
CA VAL A 39 6.57 11.93 13.89
C VAL A 39 7.30 10.70 13.35
N PRO A 40 8.12 10.08 14.20
CA PRO A 40 8.89 8.89 13.84
C PRO A 40 8.00 7.67 13.64
N ALA A 41 8.20 6.97 12.53
CA ALA A 41 7.41 5.78 12.22
C ALA A 41 8.17 4.51 12.58
N ASP A 42 7.45 3.43 12.81
CA ASP A 42 8.05 2.15 13.17
C ASP A 42 7.95 1.16 12.02
N GLY A 43 6.94 1.34 11.18
CA GLY A 43 6.76 0.45 10.05
C GLY A 43 5.57 0.85 9.18
N TYR A 44 5.23 0.00 8.23
CA TYR A 44 4.12 0.28 7.32
C TYR A 44 3.32 -0.99 7.03
N ILE A 45 2.00 -0.88 7.10
CA ILE A 45 1.12 -2.02 6.85
C ILE A 45 0.44 -1.89 5.49
N LEU A 46 0.54 -2.94 4.68
CA LEU A 46 -0.08 -2.94 3.36
C LEU A 46 -1.41 -3.68 3.38
N GLU A 47 -2.30 -3.31 2.47
CA GLU A 47 -3.61 -3.95 2.39
C GLU A 47 -4.05 -4.09 0.93
N LEU A 48 -4.73 -5.19 0.63
CA LEU A 48 -5.22 -5.44 -0.73
C LEU A 48 -6.37 -6.44 -0.71
N ASP A 49 -7.41 -6.14 -1.50
CA ASP A 49 -8.58 -7.00 -1.58
C ASP A 49 -8.35 -8.12 -2.60
N ASP A 50 -9.26 -9.10 -2.60
CA ASP A 50 -9.17 -10.22 -3.53
C ASP A 50 -9.90 -9.92 -4.83
N GLY A 51 -9.81 -8.67 -5.27
CA GLY A 51 -10.47 -8.28 -6.50
C GLY A 51 -11.94 -8.67 -6.53
N ASN A 52 -12.51 -8.89 -5.35
CA ASN A 52 -13.90 -9.27 -5.24
C ASN A 52 -14.77 -8.08 -4.81
N GLY A 53 -14.14 -7.12 -4.14
CA GLY A 53 -14.86 -5.95 -3.69
C GLY A 53 -15.42 -6.12 -2.29
N GLY A 54 -14.66 -6.81 -1.43
CA GLY A 54 -15.10 -7.04 -0.07
C GLY A 54 -14.27 -6.26 0.94
N GLN A 55 -13.53 -6.99 1.78
CA GLN A 55 -12.70 -6.36 2.80
C GLN A 55 -11.22 -6.46 2.41
N PHE A 56 -10.41 -5.58 3.01
CA PHE A 56 -8.98 -5.56 2.73
C PHE A 56 -8.21 -6.32 3.81
N ARG A 57 -7.32 -7.22 3.38
CA ARG A 57 -6.52 -8.01 4.31
C ARG A 57 -5.05 -7.61 4.22
N GLU A 58 -4.35 -7.72 5.34
CA GLU A 58 -2.93 -7.37 5.39
C GLU A 58 -2.12 -8.27 4.46
N VAL A 59 -1.40 -7.65 3.54
CA VAL A 59 -0.58 -8.40 2.58
C VAL A 59 0.90 -8.35 2.97
N TYR A 60 1.27 -7.30 3.70
CA TYR A 60 2.66 -7.13 4.13
C TYR A 60 2.75 -6.10 5.26
N VAL A 61 3.83 -6.18 6.02
CA VAL A 61 4.05 -5.25 7.13
C VAL A 61 5.49 -5.30 7.62
N GLY A 62 6.15 -4.15 7.63
CA GLY A 62 7.54 -4.09 8.07
C GLY A 62 8.06 -2.67 8.12
N LYS A 63 9.37 -2.52 7.90
CA LYS A 63 10.00 -1.21 7.91
C LYS A 63 10.76 -0.95 6.61
N GLU A 64 10.16 -1.37 5.49
CA GLU A 64 10.78 -1.18 4.18
C GLU A 64 10.24 0.07 3.50
N THR A 65 10.80 0.39 2.34
CA THR A 65 10.38 1.57 1.59
C THR A 65 9.70 1.17 0.28
N MET A 66 9.71 -0.12 -0.02
CA MET A 66 9.10 -0.63 -1.23
C MET A 66 8.64 -2.07 -1.05
N CYS A 67 7.45 -2.39 -1.56
CA CYS A 67 6.89 -3.72 -1.45
C CYS A 67 6.13 -4.11 -2.72
N THR A 68 6.42 -5.28 -3.25
CA THR A 68 5.76 -5.76 -4.46
C THR A 68 5.15 -7.14 -4.24
N VAL A 69 3.91 -7.30 -4.68
CA VAL A 69 3.20 -8.57 -4.54
C VAL A 69 3.24 -9.38 -5.83
N ASP A 70 3.21 -10.69 -5.71
CA ASP A 70 3.23 -11.57 -6.87
C ASP A 70 2.03 -12.51 -6.88
N GLY A 71 1.51 -12.80 -8.07
CA GLY A 71 0.37 -13.67 -8.19
C GLY A 71 -0.95 -12.94 -8.01
N LEU A 72 -1.24 -12.03 -8.94
CA LEU A 72 -2.48 -11.26 -8.88
C LEU A 72 -3.44 -11.67 -9.99
N HIS A 73 -4.68 -11.97 -9.62
CA HIS A 73 -5.69 -12.37 -10.59
C HIS A 73 -5.91 -11.27 -11.62
N PHE A 74 -6.15 -11.68 -12.88
CA PHE A 74 -6.37 -10.73 -13.96
C PHE A 74 -7.87 -10.59 -14.25
N ASN A 75 -8.20 -9.68 -15.16
CA ASN A 75 -9.59 -9.46 -15.53
C ASN A 75 -10.45 -9.17 -14.31
N SER A 76 -9.91 -8.38 -13.39
CA SER A 76 -10.62 -8.03 -12.17
C SER A 76 -9.98 -6.82 -11.50
N THR A 77 -10.82 -5.87 -11.09
CA THR A 77 -10.34 -4.65 -10.44
C THR A 77 -9.79 -4.96 -9.05
N TYR A 78 -8.78 -4.19 -8.65
CA TYR A 78 -8.16 -4.38 -7.34
C TYR A 78 -8.11 -3.07 -6.56
N ASN A 79 -7.86 -3.16 -5.26
CA ASN A 79 -7.77 -1.99 -4.41
C ASN A 79 -6.76 -2.18 -3.29
N ALA A 80 -5.68 -1.41 -3.34
CA ALA A 80 -4.63 -1.50 -2.32
C ALA A 80 -4.51 -0.20 -1.55
N ARG A 81 -3.80 -0.26 -0.42
CA ARG A 81 -3.61 0.93 0.42
C ARG A 81 -2.58 0.66 1.50
N VAL A 82 -1.60 1.55 1.62
CA VAL A 82 -0.55 1.41 2.63
C VAL A 82 -0.69 2.46 3.72
N LYS A 83 -0.34 2.09 4.95
CA LYS A 83 -0.41 3.01 6.08
C LYS A 83 0.80 2.85 6.99
N ALA A 84 0.92 3.74 7.97
CA ALA A 84 2.03 3.70 8.91
C ALA A 84 1.56 3.28 10.30
N PHE A 85 2.43 2.60 11.04
CA PHE A 85 2.10 2.15 12.39
C PHE A 85 3.34 2.14 13.28
N ASN A 86 3.14 2.45 14.55
CA ASN A 86 4.25 2.48 15.51
C ASN A 86 3.74 2.29 16.93
N LYS A 87 4.65 2.35 17.90
CA LYS A 87 4.30 2.18 19.30
C LYS A 87 2.93 2.81 19.59
N THR A 88 2.76 4.06 19.19
CA THR A 88 1.51 4.77 19.41
C THR A 88 0.31 3.89 19.08
N GLY A 89 0.13 3.61 17.79
CA GLY A 89 -0.98 2.78 17.37
C GLY A 89 -0.95 2.48 15.88
N VAL A 90 -1.81 3.15 15.13
CA VAL A 90 -1.88 2.95 13.68
C VAL A 90 -2.42 4.19 12.99
N SER A 91 -2.27 4.23 11.67
CA SER A 91 -2.75 5.37 10.88
C SER A 91 -3.75 4.91 9.83
N PRO A 92 -4.55 5.88 9.33
CA PRO A 92 -5.58 5.60 8.32
C PRO A 92 -4.97 5.26 6.96
N TYR A 93 -5.60 4.33 6.26
CA TYR A 93 -5.12 3.91 4.94
C TYR A 93 -5.04 5.10 3.98
N SER A 94 -4.15 5.00 3.00
CA SER A 94 -3.97 6.06 2.03
C SER A 94 -5.07 6.02 0.97
N LYS A 95 -5.25 7.13 0.27
CA LYS A 95 -6.26 7.22 -0.78
C LYS A 95 -6.37 5.90 -1.55
N THR A 96 -7.50 5.22 -1.37
CA THR A 96 -7.73 3.95 -2.04
C THR A 96 -7.09 3.94 -3.43
N LEU A 97 -6.12 3.06 -3.63
CA LEU A 97 -5.44 2.94 -4.91
C LEU A 97 -5.94 1.74 -5.69
N VAL A 98 -6.46 1.99 -6.89
CA VAL A 98 -6.97 0.92 -7.73
C VAL A 98 -5.87 0.35 -8.63
N LEU A 99 -5.99 -0.94 -8.94
CA LEU A 99 -5.01 -1.60 -9.79
C LEU A 99 -5.69 -2.39 -10.90
N GLN A 100 -6.05 -1.71 -11.99
CA GLN A 100 -6.70 -2.35 -13.11
C GLN A 100 -5.81 -3.43 -13.73
N THR A 101 -6.26 -4.68 -13.65
CA THR A 101 -5.50 -5.79 -14.20
C THR A 101 -5.96 -6.13 -15.61
N SER A 102 -5.01 -6.29 -16.52
CA SER A 102 -5.31 -6.61 -17.90
C SER A 102 -6.19 -7.87 -18.00
N GLU A 103 -6.76 -8.09 -19.17
CA GLU A 103 -7.63 -9.25 -19.39
C GLU A 103 -6.79 -10.52 -19.59
N GLY A 104 -7.44 -11.66 -19.44
CA GLY A 104 -6.75 -12.93 -19.61
C GLY A 104 -5.36 -12.93 -19.00
N SER A 105 -4.50 -13.83 -19.47
CA SER A 105 -3.14 -13.92 -18.97
C SER A 105 -2.17 -14.22 -20.09
N GLY A 106 -1.08 -13.44 -20.15
CA GLY A 106 -0.08 -13.63 -21.18
C GLY A 106 -0.66 -13.48 -22.58
N PRO A 107 -0.09 -12.56 -23.36
CA PRO A 107 -0.53 -12.30 -24.74
C PRO A 107 -0.20 -13.45 -25.68
N SER A 108 0.86 -14.19 -25.35
CA SER A 108 1.28 -15.31 -26.18
C SER A 108 0.11 -16.22 -26.50
N SER A 109 -0.31 -16.21 -27.78
CA SER A 109 -1.43 -17.03 -28.22
C SER A 109 -0.94 -18.40 -28.70
N GLY A 110 0.12 -18.40 -29.50
CA GLY A 110 0.66 -19.65 -30.01
C GLY A 110 2.03 -19.46 -30.64
N GLY A 1 -12.07 12.36 17.89
CA GLY A 1 -12.11 13.45 18.83
C GLY A 1 -10.75 13.76 19.43
N SER A 2 -10.45 15.04 19.61
CA SER A 2 -9.17 15.46 20.18
C SER A 2 -9.28 15.64 21.68
N SER A 3 -8.68 14.71 22.42
CA SER A 3 -8.71 14.76 23.89
C SER A 3 -7.30 14.89 24.45
N GLY A 4 -6.42 15.51 23.68
CA GLY A 4 -5.04 15.70 24.12
C GLY A 4 -4.05 15.59 22.98
N SER A 5 -2.89 16.21 23.15
CA SER A 5 -1.86 16.18 22.13
C SER A 5 -0.54 15.65 22.70
N SER A 6 -0.12 14.50 22.18
CA SER A 6 1.12 13.87 22.64
C SER A 6 1.45 12.64 21.81
N GLY A 7 2.63 12.63 21.19
CA GLY A 7 3.04 11.51 20.38
C GLY A 7 1.89 10.95 19.54
N PRO A 8 1.37 11.78 18.64
CA PRO A 8 0.27 11.39 17.76
C PRO A 8 0.68 10.36 16.71
N VAL A 9 -0.29 9.61 16.19
CA VAL A 9 -0.01 8.59 15.19
C VAL A 9 0.83 9.17 14.04
N PRO A 10 1.57 8.27 13.36
CA PRO A 10 2.42 8.66 12.23
C PRO A 10 1.62 9.08 11.01
N ALA A 11 1.89 10.28 10.50
CA ALA A 11 1.20 10.79 9.34
C ALA A 11 1.02 9.71 8.28
N THR A 12 -0.09 9.77 7.55
CA THR A 12 -0.38 8.79 6.52
C THR A 12 0.55 8.97 5.32
N PRO A 13 1.06 7.84 4.80
CA PRO A 13 1.97 7.85 3.65
C PRO A 13 1.26 8.23 2.35
N ILE A 14 2.02 8.77 1.40
CA ILE A 14 1.46 9.18 0.12
C ILE A 14 1.69 8.12 -0.95
N LEU A 15 0.61 7.52 -1.43
CA LEU A 15 0.70 6.49 -2.45
C LEU A 15 1.29 7.04 -3.75
N GLN A 16 2.58 6.80 -3.95
CA GLN A 16 3.26 7.28 -5.15
C GLN A 16 3.85 6.13 -5.95
N LEU A 17 3.00 5.16 -6.29
CA LEU A 17 3.44 3.99 -7.04
C LEU A 17 4.52 4.37 -8.05
N GLU A 18 5.39 3.42 -8.36
CA GLU A 18 6.48 3.64 -9.29
C GLU A 18 6.32 2.76 -10.53
N GLU A 19 6.26 1.45 -10.31
CA GLU A 19 6.11 0.50 -11.40
C GLU A 19 4.76 -0.20 -11.34
N CYS A 20 3.89 0.10 -12.30
CA CYS A 20 2.57 -0.50 -12.35
C CYS A 20 2.65 -1.96 -12.79
N CYS A 21 1.62 -2.74 -12.43
CA CYS A 21 1.58 -4.14 -12.77
C CYS A 21 0.95 -4.35 -14.15
N THR A 22 1.30 -3.47 -15.09
CA THR A 22 0.77 -3.55 -16.45
C THR A 22 1.55 -4.55 -17.28
N HIS A 23 2.87 -4.42 -17.29
CA HIS A 23 3.73 -5.33 -18.05
C HIS A 23 3.61 -6.76 -17.53
N ASN A 24 3.93 -6.95 -16.25
CA ASN A 24 3.86 -8.27 -15.63
C ASN A 24 2.76 -8.31 -14.58
N ASN A 25 2.60 -9.47 -13.94
CA ASN A 25 1.58 -9.65 -12.91
C ASN A 25 2.15 -9.31 -11.53
N SER A 26 2.75 -8.13 -11.42
CA SER A 26 3.33 -7.68 -10.16
C SER A 26 3.18 -6.17 -9.99
N ALA A 27 2.59 -5.76 -8.88
CA ALA A 27 2.39 -4.34 -8.59
C ALA A 27 3.38 -3.85 -7.55
N THR A 28 4.35 -3.04 -7.99
CA THR A 28 5.36 -2.51 -7.08
C THR A 28 4.84 -1.28 -6.34
N LEU A 29 4.93 -1.31 -5.02
CA LEU A 29 4.47 -0.19 -4.20
C LEU A 29 5.65 0.56 -3.59
N SER A 30 5.68 1.87 -3.80
CA SER A 30 6.76 2.70 -3.27
C SER A 30 6.19 3.94 -2.58
N TRP A 31 5.50 3.72 -1.46
CA TRP A 31 4.91 4.82 -0.71
C TRP A 31 5.99 5.68 -0.07
N LYS A 32 5.56 6.67 0.72
CA LYS A 32 6.50 7.56 1.40
C LYS A 32 5.77 8.44 2.41
N GLN A 33 6.54 9.07 3.30
CA GLN A 33 5.97 9.93 4.32
C GLN A 33 5.96 11.38 3.86
N PRO A 34 4.87 12.10 4.18
CA PRO A 34 4.73 13.51 3.82
C PRO A 34 5.68 14.42 4.58
N PRO A 35 6.38 15.29 3.85
CA PRO A 35 7.34 16.24 4.44
C PRO A 35 6.65 17.33 5.25
N LEU A 36 5.32 17.29 5.28
CA LEU A 36 4.55 18.28 6.03
C LEU A 36 4.26 17.78 7.44
N SER A 37 4.63 16.53 7.72
CA SER A 37 4.41 15.95 9.03
C SER A 37 5.74 15.60 9.70
N THR A 38 5.90 16.07 10.94
CA THR A 38 7.12 15.82 11.70
C THR A 38 6.94 14.67 12.68
N VAL A 39 6.26 13.61 12.22
CA VAL A 39 6.01 12.45 13.06
C VAL A 39 6.60 11.19 12.42
N PRO A 40 7.69 10.68 13.01
CA PRO A 40 8.36 9.48 12.52
C PRO A 40 7.54 8.21 12.75
N ALA A 41 7.72 7.22 11.89
CA ALA A 41 7.00 5.96 12.01
C ALA A 41 7.94 4.80 12.31
N ASP A 42 7.39 3.71 12.82
CA ASP A 42 8.18 2.54 13.15
C ASP A 42 8.11 1.49 12.05
N GLY A 43 6.99 1.48 11.33
CA GLY A 43 6.81 0.52 10.25
C GLY A 43 5.65 0.89 9.34
N TYR A 44 5.34 0.00 8.40
CA TYR A 44 4.24 0.23 7.47
C TYR A 44 3.49 -1.06 7.17
N ILE A 45 2.17 -0.96 7.08
CA ILE A 45 1.33 -2.11 6.80
C ILE A 45 0.53 -1.93 5.52
N LEU A 46 0.59 -2.92 4.65
CA LEU A 46 -0.14 -2.87 3.37
C LEU A 46 -1.43 -3.68 3.45
N GLU A 47 -2.38 -3.34 2.59
CA GLU A 47 -3.66 -4.03 2.55
C GLU A 47 -4.20 -4.12 1.13
N LEU A 48 -4.75 -5.28 0.79
CA LEU A 48 -5.30 -5.49 -0.55
C LEU A 48 -6.42 -6.54 -0.52
N ASP A 49 -7.27 -6.51 -1.53
CA ASP A 49 -8.38 -7.45 -1.63
C ASP A 49 -8.07 -8.56 -2.62
N ASP A 50 -9.02 -9.48 -2.80
CA ASP A 50 -8.84 -10.59 -3.73
C ASP A 50 -9.52 -10.29 -5.06
N GLY A 51 -9.34 -9.08 -5.55
CA GLY A 51 -9.94 -8.69 -6.82
C GLY A 51 -11.41 -9.07 -6.91
N ASN A 52 -12.07 -9.10 -5.75
CA ASN A 52 -13.48 -9.46 -5.71
C ASN A 52 -14.36 -8.23 -5.47
N GLY A 53 -13.83 -7.27 -4.72
CA GLY A 53 -14.56 -6.06 -4.43
C GLY A 53 -15.27 -6.10 -3.10
N GLY A 54 -14.62 -6.72 -2.12
CA GLY A 54 -15.20 -6.83 -0.79
C GLY A 54 -14.39 -6.11 0.26
N GLN A 55 -13.76 -6.88 1.15
CA GLN A 55 -12.94 -6.31 2.21
C GLN A 55 -11.46 -6.46 1.90
N PHE A 56 -10.62 -5.78 2.68
CA PHE A 56 -9.18 -5.83 2.49
C PHE A 56 -8.51 -6.65 3.59
N ARG A 57 -7.31 -7.16 3.29
CA ARG A 57 -6.56 -7.96 4.26
C ARG A 57 -5.08 -7.64 4.18
N GLU A 58 -4.41 -7.68 5.34
CA GLU A 58 -2.98 -7.40 5.41
C GLU A 58 -2.20 -8.30 4.46
N VAL A 59 -1.21 -7.72 3.78
CA VAL A 59 -0.39 -8.48 2.84
C VAL A 59 1.09 -8.32 3.17
N TYR A 60 1.46 -7.17 3.71
CA TYR A 60 2.84 -6.89 4.07
C TYR A 60 2.93 -6.10 5.37
N VAL A 61 3.95 -6.39 6.17
CA VAL A 61 4.15 -5.70 7.44
C VAL A 61 5.62 -5.70 7.84
N GLY A 62 6.18 -4.51 8.03
CA GLY A 62 7.57 -4.39 8.42
C GLY A 62 8.02 -2.95 8.55
N LYS A 63 9.25 -2.69 8.11
CA LYS A 63 9.80 -1.33 8.18
C LYS A 63 10.34 -0.90 6.82
N GLU A 64 10.16 -1.75 5.81
CA GLU A 64 10.63 -1.46 4.46
C GLU A 64 9.91 -0.25 3.89
N THR A 65 10.34 0.19 2.71
CA THR A 65 9.74 1.35 2.06
C THR A 65 9.29 1.00 0.64
N MET A 66 9.17 -0.30 0.36
CA MET A 66 8.75 -0.76 -0.95
C MET A 66 8.41 -2.24 -0.92
N CYS A 67 7.27 -2.60 -1.50
CA CYS A 67 6.84 -3.99 -1.53
C CYS A 67 6.11 -4.30 -2.84
N THR A 68 6.36 -5.49 -3.39
CA THR A 68 5.74 -5.90 -4.63
C THR A 68 5.02 -7.24 -4.48
N VAL A 69 3.99 -7.46 -5.27
CA VAL A 69 3.21 -8.70 -5.22
C VAL A 69 3.48 -9.56 -6.45
N ASP A 70 3.36 -10.87 -6.28
CA ASP A 70 3.59 -11.80 -7.39
C ASP A 70 2.37 -12.70 -7.60
N GLY A 71 2.01 -12.92 -8.86
CA GLY A 71 0.87 -13.75 -9.17
C GLY A 71 -0.43 -12.98 -9.14
N LEU A 72 -0.34 -11.66 -9.04
CA LEU A 72 -1.52 -10.81 -8.99
C LEU A 72 -2.44 -11.10 -10.17
N HIS A 73 -3.71 -11.37 -9.88
CA HIS A 73 -4.70 -11.66 -10.91
C HIS A 73 -4.78 -10.51 -11.93
N PHE A 74 -4.92 -10.87 -13.20
CA PHE A 74 -5.00 -9.87 -14.25
C PHE A 74 -6.44 -9.74 -14.77
N ASN A 75 -6.64 -8.83 -15.72
CA ASN A 75 -7.97 -8.61 -16.29
C ASN A 75 -9.00 -8.39 -15.19
N SER A 76 -8.57 -7.79 -14.09
CA SER A 76 -9.46 -7.52 -12.96
C SER A 76 -9.04 -6.26 -12.22
N THR A 77 -9.88 -5.81 -11.31
CA THR A 77 -9.60 -4.61 -10.53
C THR A 77 -9.06 -4.97 -9.15
N TYR A 78 -8.09 -4.19 -8.67
CA TYR A 78 -7.49 -4.44 -7.37
C TYR A 78 -7.43 -3.15 -6.55
N ASN A 79 -7.86 -3.23 -5.30
CA ASN A 79 -7.86 -2.07 -4.41
C ASN A 79 -6.84 -2.25 -3.28
N ALA A 80 -5.84 -1.37 -3.24
CA ALA A 80 -4.81 -1.43 -2.22
C ALA A 80 -4.79 -0.16 -1.38
N ARG A 81 -4.05 -0.19 -0.28
CA ARG A 81 -3.95 0.96 0.61
C ARG A 81 -2.86 0.75 1.65
N VAL A 82 -1.90 1.68 1.69
CA VAL A 82 -0.80 1.59 2.65
C VAL A 82 -0.98 2.58 3.79
N LYS A 83 -0.46 2.24 4.95
CA LYS A 83 -0.56 3.09 6.13
C LYS A 83 0.66 2.94 7.03
N ALA A 84 0.87 3.90 7.92
CA ALA A 84 1.99 3.86 8.84
C ALA A 84 1.54 3.55 10.26
N PHE A 85 2.40 2.90 11.03
CA PHE A 85 2.08 2.55 12.41
C PHE A 85 3.32 2.61 13.29
N ASN A 86 3.13 2.96 14.56
CA ASN A 86 4.23 3.06 15.50
C ASN A 86 3.73 2.89 16.94
N LYS A 87 4.65 3.04 17.89
CA LYS A 87 4.31 2.90 19.31
C LYS A 87 2.95 3.51 19.60
N THR A 88 2.73 4.74 19.12
CA THR A 88 1.46 5.43 19.33
C THR A 88 0.28 4.52 19.03
N GLY A 89 0.07 4.21 17.75
CA GLY A 89 -1.01 3.35 17.36
C GLY A 89 -0.96 2.96 15.90
N VAL A 90 -1.86 3.53 15.10
CA VAL A 90 -1.90 3.24 13.67
C VAL A 90 -2.53 4.39 12.89
N SER A 91 -1.97 4.67 11.72
CA SER A 91 -2.48 5.75 10.87
C SER A 91 -3.55 5.25 9.92
N PRO A 92 -4.42 6.16 9.48
CA PRO A 92 -5.51 5.83 8.55
C PRO A 92 -5.01 5.49 7.15
N TYR A 93 -5.66 4.52 6.52
CA TYR A 93 -5.27 4.11 5.17
C TYR A 93 -5.28 5.29 4.20
N SER A 94 -4.47 5.19 3.15
CA SER A 94 -4.38 6.25 2.16
C SER A 94 -5.51 6.11 1.13
N LYS A 95 -5.63 7.12 0.26
CA LYS A 95 -6.65 7.12 -0.78
C LYS A 95 -6.72 5.76 -1.47
N THR A 96 -7.92 5.22 -1.61
CA THR A 96 -8.12 3.93 -2.25
C THR A 96 -7.47 3.91 -3.63
N LEU A 97 -6.36 3.19 -3.75
CA LEU A 97 -5.65 3.08 -5.02
C LEU A 97 -6.15 1.90 -5.83
N VAL A 98 -6.85 2.20 -6.93
CA VAL A 98 -7.38 1.15 -7.80
C VAL A 98 -6.47 0.91 -9.00
N LEU A 99 -5.96 -0.31 -9.11
CA LEU A 99 -5.08 -0.68 -10.21
C LEU A 99 -5.79 -1.59 -11.20
N GLN A 100 -5.89 -1.15 -12.45
CA GLN A 100 -6.54 -1.92 -13.49
C GLN A 100 -5.54 -2.81 -14.22
N THR A 101 -5.44 -4.06 -13.78
CA THR A 101 -4.51 -5.01 -14.38
C THR A 101 -4.94 -5.36 -15.81
N SER A 102 -4.01 -5.27 -16.74
CA SER A 102 -4.29 -5.58 -18.14
C SER A 102 -4.03 -7.05 -18.44
N GLU A 103 -4.47 -7.50 -19.61
CA GLU A 103 -4.29 -8.89 -20.01
C GLU A 103 -2.82 -9.27 -20.00
N GLY A 104 -2.53 -10.46 -19.44
CA GLY A 104 -1.15 -10.92 -19.36
C GLY A 104 -0.63 -11.41 -20.70
N SER A 105 0.31 -10.67 -21.28
CA SER A 105 0.89 -11.04 -22.56
C SER A 105 2.22 -11.75 -22.38
N GLY A 106 2.56 -12.62 -23.32
CA GLY A 106 3.81 -13.36 -23.24
C GLY A 106 3.81 -14.38 -22.12
N PRO A 107 3.28 -15.58 -22.42
CA PRO A 107 3.21 -16.67 -21.43
C PRO A 107 4.59 -17.24 -21.11
N SER A 108 5.62 -16.71 -21.75
CA SER A 108 6.99 -17.16 -21.53
C SER A 108 7.03 -18.68 -21.36
N SER A 109 6.34 -19.39 -22.25
CA SER A 109 6.30 -20.85 -22.21
C SER A 109 6.77 -21.45 -23.52
N GLY A 110 7.98 -21.99 -23.52
CA GLY A 110 8.53 -22.60 -24.71
C GLY A 110 8.64 -21.60 -25.86
N GLY A 1 -6.51 8.24 24.06
CA GLY A 1 -6.42 9.57 24.62
C GLY A 1 -4.98 10.05 24.74
N SER A 2 -4.60 10.46 25.94
CA SER A 2 -3.24 10.95 26.18
C SER A 2 -2.73 10.48 27.54
N SER A 3 -1.62 9.75 27.53
CA SER A 3 -1.03 9.23 28.76
C SER A 3 -0.08 10.25 29.37
N GLY A 4 0.54 11.06 28.52
CA GLY A 4 1.47 12.07 29.00
C GLY A 4 2.82 11.98 28.32
N SER A 5 2.82 12.06 27.00
CA SER A 5 4.06 11.98 26.22
C SER A 5 3.85 12.54 24.82
N SER A 6 4.96 12.82 24.13
CA SER A 6 4.92 13.35 22.78
C SER A 6 5.29 12.29 21.75
N GLY A 7 4.28 11.74 21.09
CA GLY A 7 4.52 10.72 20.09
C GLY A 7 3.27 10.34 19.33
N PRO A 8 2.79 11.26 18.46
CA PRO A 8 1.59 11.03 17.66
C PRO A 8 1.80 9.98 16.58
N VAL A 9 0.74 9.24 16.27
CA VAL A 9 0.81 8.20 15.24
C VAL A 9 1.58 8.68 14.01
N PRO A 10 2.15 7.73 13.27
CA PRO A 10 2.92 8.04 12.06
C PRO A 10 2.04 8.54 10.92
N ALA A 11 2.30 9.76 10.46
CA ALA A 11 1.52 10.35 9.38
C ALA A 11 1.27 9.34 8.26
N THR A 12 0.02 9.25 7.83
CA THR A 12 -0.36 8.33 6.77
C THR A 12 0.52 8.51 5.54
N PRO A 13 0.97 7.38 4.96
CA PRO A 13 1.82 7.39 3.77
C PRO A 13 1.06 7.84 2.53
N ILE A 14 1.80 8.37 1.55
CA ILE A 14 1.20 8.84 0.30
C ILE A 14 1.42 7.83 -0.82
N LEU A 15 0.33 7.22 -1.28
CA LEU A 15 0.40 6.24 -2.36
C LEU A 15 0.89 6.88 -3.65
N GLN A 16 2.10 6.54 -4.05
CA GLN A 16 2.69 7.09 -5.27
C GLN A 16 2.94 5.99 -6.29
N LEU A 17 1.98 5.07 -6.43
CA LEU A 17 2.10 3.97 -7.36
C LEU A 17 2.84 4.40 -8.63
N GLU A 18 3.94 3.73 -8.93
CA GLU A 18 4.73 4.04 -10.11
C GLU A 18 4.59 2.95 -11.16
N GLU A 19 4.74 1.70 -10.74
CA GLU A 19 4.64 0.56 -11.64
C GLU A 19 3.18 0.17 -11.85
N CYS A 20 2.53 0.83 -12.79
CA CYS A 20 1.12 0.55 -13.09
C CYS A 20 0.94 0.12 -14.54
N CYS A 21 -0.03 -0.74 -14.79
CA CYS A 21 -0.31 -1.23 -16.13
C CYS A 21 0.93 -1.90 -16.72
N THR A 22 1.55 -2.77 -15.93
CA THR A 22 2.75 -3.48 -16.37
C THR A 22 2.39 -4.85 -16.94
N HIS A 23 3.10 -5.24 -17.99
CA HIS A 23 2.86 -6.54 -18.62
C HIS A 23 2.72 -7.64 -17.58
N ASN A 24 3.67 -7.70 -16.65
CA ASN A 24 3.66 -8.70 -15.60
C ASN A 24 2.46 -8.51 -14.68
N ASN A 25 2.26 -9.46 -13.77
CA ASN A 25 1.14 -9.40 -12.84
C ASN A 25 1.63 -9.02 -11.44
N SER A 26 2.54 -8.06 -11.37
CA SER A 26 3.09 -7.60 -10.11
C SER A 26 2.84 -6.11 -9.90
N ALA A 27 2.56 -5.73 -8.66
CA ALA A 27 2.30 -4.33 -8.34
C ALA A 27 3.33 -3.79 -7.36
N THR A 28 4.28 -3.01 -7.87
CA THR A 28 5.33 -2.44 -7.05
C THR A 28 4.81 -1.24 -6.26
N LEU A 29 4.98 -1.28 -4.94
CA LEU A 29 4.53 -0.20 -4.07
C LEU A 29 5.72 0.55 -3.47
N SER A 30 5.75 1.86 -3.67
CA SER A 30 6.83 2.69 -3.15
C SER A 30 6.28 3.84 -2.30
N TRP A 31 5.39 3.51 -1.38
CA TRP A 31 4.78 4.51 -0.51
C TRP A 31 5.86 5.36 0.16
N LYS A 32 5.43 6.45 0.81
CA LYS A 32 6.35 7.34 1.50
C LYS A 32 5.62 8.18 2.54
N GLN A 33 6.39 8.81 3.43
CA GLN A 33 5.80 9.65 4.47
C GLN A 33 5.74 11.10 4.03
N PRO A 34 4.63 11.78 4.37
CA PRO A 34 4.42 13.18 4.02
C PRO A 34 5.35 14.12 4.80
N PRO A 35 6.09 14.97 4.08
CA PRO A 35 7.02 15.91 4.68
C PRO A 35 6.30 17.04 5.42
N LEU A 36 4.97 16.96 5.45
CA LEU A 36 4.16 17.97 6.13
C LEU A 36 3.91 17.59 7.58
N SER A 37 4.18 16.33 7.91
CA SER A 37 3.99 15.83 9.26
C SER A 37 5.33 15.55 9.94
N THR A 38 6.31 15.16 9.14
CA THR A 38 7.63 14.85 9.66
C THR A 38 7.56 13.99 10.91
N VAL A 39 6.68 12.99 10.88
CA VAL A 39 6.50 12.10 12.02
C VAL A 39 7.23 10.78 11.79
N PRO A 40 8.03 10.37 12.78
CA PRO A 40 8.80 9.12 12.72
C PRO A 40 7.91 7.89 12.80
N ALA A 41 8.12 6.94 11.88
CA ALA A 41 7.33 5.72 11.85
C ALA A 41 8.22 4.50 12.11
N ASP A 42 7.59 3.40 12.53
CA ASP A 42 8.32 2.17 12.81
C ASP A 42 8.18 1.18 11.65
N GLY A 43 7.04 1.23 10.98
CA GLY A 43 6.80 0.33 9.86
C GLY A 43 5.62 0.76 9.01
N TYR A 44 5.17 -0.12 8.13
CA TYR A 44 4.05 0.17 7.25
C TYR A 44 3.28 -1.10 6.90
N ILE A 45 1.98 -1.08 7.17
CA ILE A 45 1.13 -2.23 6.88
C ILE A 45 0.31 -2.01 5.61
N LEU A 46 0.41 -2.95 4.68
CA LEU A 46 -0.31 -2.86 3.43
C LEU A 46 -1.58 -3.70 3.48
N GLU A 47 -2.53 -3.39 2.58
CA GLU A 47 -3.79 -4.13 2.52
C GLU A 47 -4.38 -4.07 1.12
N LEU A 48 -4.91 -5.20 0.66
CA LEU A 48 -5.51 -5.29 -0.67
C LEU A 48 -6.59 -6.36 -0.72
N ASP A 49 -7.71 -6.04 -1.34
CA ASP A 49 -8.82 -6.98 -1.46
C ASP A 49 -8.61 -7.93 -2.63
N ASP A 50 -9.29 -9.07 -2.60
CA ASP A 50 -9.18 -10.07 -3.67
C ASP A 50 -10.03 -9.66 -4.87
N GLY A 51 -9.96 -8.39 -5.25
CA GLY A 51 -10.73 -7.90 -6.38
C GLY A 51 -12.18 -8.32 -6.30
N ASN A 52 -12.70 -8.48 -5.08
CA ASN A 52 -14.09 -8.89 -4.89
C ASN A 52 -14.93 -7.71 -4.42
N GLY A 53 -14.34 -6.85 -3.59
CA GLY A 53 -15.05 -5.69 -3.09
C GLY A 53 -15.57 -5.91 -1.68
N GLY A 54 -14.80 -6.61 -0.86
CA GLY A 54 -15.21 -6.87 0.51
C GLY A 54 -14.33 -6.15 1.52
N GLN A 55 -13.64 -6.92 2.35
CA GLN A 55 -12.77 -6.34 3.37
C GLN A 55 -11.30 -6.44 2.96
N PHE A 56 -10.51 -5.47 3.40
CA PHE A 56 -9.09 -5.45 3.07
C PHE A 56 -8.26 -6.12 4.16
N ARG A 57 -7.44 -7.08 3.75
CA ARG A 57 -6.59 -7.81 4.68
C ARG A 57 -5.13 -7.41 4.52
N GLU A 58 -4.33 -7.65 5.57
CA GLU A 58 -2.92 -7.31 5.55
C GLU A 58 -2.18 -8.14 4.49
N VAL A 59 -1.30 -7.48 3.75
CA VAL A 59 -0.53 -8.16 2.71
C VAL A 59 0.97 -8.05 2.98
N TYR A 60 1.36 -7.04 3.74
CA TYR A 60 2.76 -6.83 4.08
C TYR A 60 2.90 -5.89 5.28
N VAL A 61 3.98 -6.06 6.03
CA VAL A 61 4.24 -5.22 7.19
C VAL A 61 5.68 -5.37 7.67
N GLY A 62 6.40 -4.25 7.72
CA GLY A 62 7.78 -4.28 8.15
C GLY A 62 8.37 -2.89 8.33
N LYS A 63 9.56 -2.68 7.78
CA LYS A 63 10.22 -1.38 7.88
C LYS A 63 10.66 -0.89 6.50
N GLU A 64 10.53 -1.76 5.51
CA GLU A 64 10.92 -1.42 4.13
C GLU A 64 10.04 -0.29 3.59
N THR A 65 10.46 0.30 2.48
CA THR A 65 9.73 1.39 1.86
C THR A 65 9.20 0.98 0.49
N MET A 66 9.79 -0.07 -0.08
CA MET A 66 9.38 -0.56 -1.40
C MET A 66 9.09 -2.06 -1.35
N CYS A 67 7.86 -2.43 -1.67
CA CYS A 67 7.45 -3.83 -1.66
C CYS A 67 6.41 -4.09 -2.74
N THR A 68 6.54 -5.24 -3.40
CA THR A 68 5.62 -5.63 -4.46
C THR A 68 5.01 -7.00 -4.20
N VAL A 69 3.78 -7.19 -4.65
CA VAL A 69 3.08 -8.46 -4.47
C VAL A 69 3.14 -9.31 -5.74
N ASP A 70 3.24 -10.61 -5.56
CA ASP A 70 3.31 -11.54 -6.68
C ASP A 70 2.08 -12.44 -6.71
N GLY A 71 1.63 -12.79 -7.92
CA GLY A 71 0.46 -13.64 -8.07
C GLY A 71 -0.83 -12.87 -7.99
N LEU A 72 -1.07 -12.00 -8.97
CA LEU A 72 -2.28 -11.20 -9.00
C LEU A 72 -3.19 -11.64 -10.15
N HIS A 73 -4.45 -11.93 -9.82
CA HIS A 73 -5.43 -12.37 -10.81
C HIS A 73 -5.55 -11.33 -11.93
N PHE A 74 -6.26 -11.70 -12.99
CA PHE A 74 -6.46 -10.81 -14.13
C PHE A 74 -7.95 -10.50 -14.33
N ASN A 75 -8.24 -9.57 -15.23
CA ASN A 75 -9.61 -9.20 -15.52
C ASN A 75 -10.40 -9.00 -14.23
N SER A 76 -9.88 -8.15 -13.34
CA SER A 76 -10.53 -7.87 -12.07
C SER A 76 -9.88 -6.68 -11.37
N THR A 77 -10.71 -5.70 -11.01
CA THR A 77 -10.21 -4.50 -10.34
C THR A 77 -9.62 -4.84 -8.98
N TYR A 78 -8.49 -4.22 -8.66
CA TYR A 78 -7.82 -4.45 -7.39
C TYR A 78 -7.60 -3.14 -6.64
N ASN A 79 -8.05 -3.10 -5.39
CA ASN A 79 -7.91 -1.90 -4.57
C ASN A 79 -6.94 -2.15 -3.41
N ALA A 80 -5.82 -1.44 -3.42
CA ALA A 80 -4.82 -1.58 -2.37
C ALA A 80 -4.70 -0.30 -1.54
N ARG A 81 -4.00 -0.39 -0.41
CA ARG A 81 -3.81 0.75 0.46
C ARG A 81 -2.68 0.50 1.45
N VAL A 82 -1.91 1.54 1.74
CA VAL A 82 -0.79 1.43 2.67
C VAL A 82 -0.93 2.44 3.81
N LYS A 83 -0.50 2.03 5.00
CA LYS A 83 -0.58 2.89 6.18
C LYS A 83 0.68 2.76 7.03
N ALA A 84 0.80 3.61 8.05
CA ALA A 84 1.95 3.60 8.93
C ALA A 84 1.56 3.14 10.34
N PHE A 85 2.51 2.54 11.05
CA PHE A 85 2.25 2.06 12.40
C PHE A 85 3.54 2.08 13.23
N ASN A 86 3.40 2.41 14.51
CA ASN A 86 4.55 2.47 15.41
C ASN A 86 4.10 2.37 16.87
N LYS A 87 5.05 2.51 17.78
CA LYS A 87 4.76 2.43 19.21
C LYS A 87 3.42 3.08 19.53
N THR A 88 3.22 4.29 19.02
CA THR A 88 1.98 5.03 19.25
C THR A 88 0.77 4.13 19.03
N GLY A 89 0.56 3.73 17.78
CA GLY A 89 -0.57 2.88 17.45
C GLY A 89 -0.66 2.56 15.97
N VAL A 90 -1.60 3.19 15.28
CA VAL A 90 -1.78 2.97 13.86
C VAL A 90 -2.49 4.15 13.20
N SER A 91 -2.10 4.46 11.98
CA SER A 91 -2.70 5.57 11.24
C SER A 91 -3.70 5.06 10.21
N PRO A 92 -4.59 5.95 9.75
CA PRO A 92 -5.60 5.61 8.73
C PRO A 92 -4.99 5.36 7.36
N TYR A 93 -5.57 4.42 6.63
CA TYR A 93 -5.10 4.08 5.29
C TYR A 93 -5.07 5.32 4.40
N SER A 94 -4.43 5.18 3.23
CA SER A 94 -4.33 6.29 2.29
C SER A 94 -5.37 6.14 1.18
N LYS A 95 -5.46 7.14 0.31
CA LYS A 95 -6.40 7.14 -0.79
C LYS A 95 -6.48 5.75 -1.43
N THR A 96 -7.70 5.31 -1.73
CA THR A 96 -7.90 4.00 -2.35
C THR A 96 -7.23 3.93 -3.71
N LEU A 97 -6.25 3.04 -3.84
CA LEU A 97 -5.53 2.87 -5.09
C LEU A 97 -6.09 1.71 -5.89
N VAL A 98 -6.61 2.01 -7.09
CA VAL A 98 -7.17 0.98 -7.95
C VAL A 98 -6.21 0.62 -9.09
N LEU A 99 -5.97 -0.68 -9.25
CA LEU A 99 -5.08 -1.16 -10.31
C LEU A 99 -5.84 -1.99 -11.33
N GLN A 100 -6.54 -1.31 -12.23
CA GLN A 100 -7.31 -1.99 -13.27
C GLN A 100 -6.42 -2.93 -14.07
N THR A 101 -6.70 -4.23 -13.98
CA THR A 101 -5.92 -5.24 -14.69
C THR A 101 -6.45 -5.42 -16.11
N SER A 102 -5.64 -6.06 -16.95
CA SER A 102 -6.02 -6.30 -18.34
C SER A 102 -6.33 -7.77 -18.57
N GLU A 103 -6.63 -8.12 -19.82
CA GLU A 103 -6.95 -9.50 -20.18
C GLU A 103 -5.67 -10.28 -20.47
N GLY A 104 -5.68 -11.57 -20.13
CA GLY A 104 -4.52 -12.41 -20.36
C GLY A 104 -4.37 -12.80 -21.81
N SER A 105 -5.17 -13.78 -22.25
CA SER A 105 -5.11 -14.25 -23.62
C SER A 105 -3.68 -14.60 -24.02
N GLY A 106 -2.98 -15.30 -23.13
CA GLY A 106 -1.61 -15.68 -23.41
C GLY A 106 -0.64 -14.53 -23.26
N PRO A 107 0.13 -14.56 -22.15
CA PRO A 107 1.12 -13.52 -21.85
C PRO A 107 2.31 -13.56 -22.81
N SER A 108 2.26 -12.73 -23.84
CA SER A 108 3.33 -12.67 -24.82
C SER A 108 4.65 -12.31 -24.16
N SER A 109 5.54 -13.29 -24.06
CA SER A 109 6.84 -13.09 -23.45
C SER A 109 7.95 -13.61 -24.34
N GLY A 110 9.05 -12.86 -24.43
CA GLY A 110 10.17 -13.26 -25.25
C GLY A 110 11.24 -12.19 -25.34
N GLY A 1 -5.95 17.58 26.88
CA GLY A 1 -4.79 18.08 26.16
C GLY A 1 -3.59 18.28 27.08
N SER A 2 -2.40 18.11 26.52
CA SER A 2 -1.17 18.28 27.29
C SER A 2 0.03 18.46 26.38
N SER A 3 1.20 18.68 26.97
CA SER A 3 2.43 18.88 26.20
C SER A 3 3.45 17.79 26.54
N GLY A 4 3.39 17.29 27.77
CA GLY A 4 4.32 16.26 28.19
C GLY A 4 4.37 15.09 27.23
N SER A 5 3.48 14.12 27.44
CA SER A 5 3.43 12.93 26.58
C SER A 5 3.07 13.32 25.14
N SER A 6 4.09 13.47 24.31
CA SER A 6 3.89 13.85 22.91
C SER A 6 4.41 12.76 21.98
N GLY A 7 3.51 12.17 21.20
CA GLY A 7 3.90 11.11 20.28
C GLY A 7 2.70 10.45 19.64
N PRO A 8 1.97 11.20 18.80
CA PRO A 8 0.78 10.68 18.11
C PRO A 8 1.13 9.65 17.03
N VAL A 9 0.16 9.33 16.18
CA VAL A 9 0.38 8.37 15.11
C VAL A 9 1.15 8.99 13.95
N PRO A 10 1.87 8.15 13.19
CA PRO A 10 2.66 8.59 12.05
C PRO A 10 1.79 9.06 10.89
N ALA A 11 2.11 10.23 10.36
CA ALA A 11 1.36 10.79 9.23
C ALA A 11 1.20 9.77 8.11
N THR A 12 -0.03 9.60 7.65
CA THR A 12 -0.32 8.65 6.58
C THR A 12 0.59 8.88 5.38
N PRO A 13 1.08 7.78 4.78
CA PRO A 13 1.97 7.85 3.62
C PRO A 13 1.25 8.32 2.36
N ILE A 14 2.01 8.87 1.42
CA ILE A 14 1.45 9.36 0.17
C ILE A 14 1.61 8.34 -0.95
N LEU A 15 0.49 7.80 -1.42
CA LEU A 15 0.50 6.81 -2.49
C LEU A 15 1.24 7.35 -3.72
N GLN A 16 2.51 6.97 -3.85
CA GLN A 16 3.32 7.41 -4.98
C GLN A 16 3.68 6.24 -5.89
N LEU A 17 2.65 5.52 -6.34
CA LEU A 17 2.86 4.37 -7.22
C LEU A 17 3.90 4.68 -8.29
N GLU A 18 4.97 3.90 -8.32
CA GLU A 18 6.03 4.09 -9.30
C GLU A 18 5.82 3.20 -10.52
N GLU A 19 5.73 1.90 -10.30
CA GLU A 19 5.52 0.95 -11.38
C GLU A 19 4.11 1.05 -11.93
N CYS A 20 3.93 1.91 -12.93
CA CYS A 20 2.63 2.11 -13.55
C CYS A 20 2.64 1.65 -15.01
N CYS A 21 3.27 0.51 -15.26
CA CYS A 21 3.36 -0.04 -16.59
C CYS A 21 2.57 -1.35 -16.71
N THR A 22 2.26 -1.74 -17.94
CA THR A 22 1.52 -2.98 -18.18
C THR A 22 1.87 -4.04 -17.14
N HIS A 23 1.01 -4.19 -16.13
CA HIS A 23 1.23 -5.17 -15.08
C HIS A 23 0.34 -6.40 -15.29
N ASN A 24 0.93 -7.59 -15.09
CA ASN A 24 0.20 -8.82 -15.26
C ASN A 24 -0.47 -9.25 -13.95
N ASN A 25 0.33 -9.76 -13.02
CA ASN A 25 -0.18 -10.20 -11.73
C ASN A 25 0.70 -9.69 -10.60
N SER A 26 1.37 -8.57 -10.82
CA SER A 26 2.26 -7.99 -9.82
C SER A 26 2.27 -6.47 -9.92
N ALA A 27 2.39 -5.81 -8.77
CA ALA A 27 2.41 -4.36 -8.72
C ALA A 27 3.35 -3.85 -7.63
N THR A 28 4.29 -3.00 -8.00
CA THR A 28 5.25 -2.44 -7.05
C THR A 28 4.69 -1.19 -6.38
N LEU A 29 4.74 -1.17 -5.05
CA LEU A 29 4.24 -0.03 -4.28
C LEU A 29 5.39 0.73 -3.64
N SER A 30 5.46 2.04 -3.91
CA SER A 30 6.51 2.88 -3.35
C SER A 30 5.91 4.06 -2.59
N TRP A 31 5.35 3.78 -1.42
CA TRP A 31 4.75 4.81 -0.59
C TRP A 31 5.82 5.66 0.10
N LYS A 32 5.60 6.97 0.13
CA LYS A 32 6.55 7.88 0.76
C LYS A 32 5.89 8.64 1.90
N GLN A 33 6.69 9.43 2.62
CA GLN A 33 6.18 10.21 3.75
C GLN A 33 6.15 11.69 3.40
N PRO A 34 5.19 12.42 3.98
CA PRO A 34 5.02 13.86 3.75
C PRO A 34 6.16 14.68 4.37
N PRO A 35 6.73 15.60 3.57
CA PRO A 35 7.82 16.47 4.03
C PRO A 35 7.37 17.49 5.07
N LEU A 36 6.10 17.41 5.44
CA LEU A 36 5.55 18.34 6.42
C LEU A 36 5.11 17.59 7.68
N SER A 37 5.76 16.47 7.96
CA SER A 37 5.44 15.66 9.13
C SER A 37 6.58 15.69 10.14
N THR A 38 6.26 15.42 11.40
CA THR A 38 7.26 15.42 12.46
C THR A 38 7.31 14.06 13.17
N VAL A 39 6.16 13.39 13.23
CA VAL A 39 6.07 12.09 13.87
C VAL A 39 6.69 11.00 13.01
N PRO A 40 7.76 10.38 13.53
CA PRO A 40 8.47 9.31 12.81
C PRO A 40 7.65 8.03 12.72
N ALA A 41 7.98 7.18 11.75
CA ALA A 41 7.27 5.93 11.55
C ALA A 41 8.18 4.74 11.82
N ASP A 42 7.66 3.74 12.51
CA ASP A 42 8.41 2.54 12.84
C ASP A 42 8.21 1.45 11.78
N GLY A 43 6.96 1.30 11.34
CA GLY A 43 6.66 0.29 10.34
C GLY A 43 5.47 0.68 9.48
N TYR A 44 5.21 -0.10 8.44
CA TYR A 44 4.09 0.16 7.54
C TYR A 44 3.33 -1.12 7.23
N ILE A 45 2.00 -1.01 7.18
CA ILE A 45 1.15 -2.16 6.88
C ILE A 45 0.43 -1.98 5.55
N LEU A 46 0.53 -2.99 4.70
CA LEU A 46 -0.11 -2.96 3.39
C LEU A 46 -1.46 -3.69 3.42
N GLU A 47 -2.36 -3.30 2.54
CA GLU A 47 -3.67 -3.92 2.46
C GLU A 47 -4.15 -4.02 1.02
N LEU A 48 -4.83 -5.12 0.70
CA LEU A 48 -5.33 -5.35 -0.65
C LEU A 48 -6.42 -6.42 -0.65
N ASP A 49 -7.54 -6.11 -1.30
CA ASP A 49 -8.66 -7.05 -1.37
C ASP A 49 -8.46 -8.04 -2.52
N ASP A 50 -9.19 -9.14 -2.48
CA ASP A 50 -9.09 -10.17 -3.51
C ASP A 50 -9.92 -9.78 -4.73
N GLY A 51 -9.83 -8.52 -5.13
CA GLY A 51 -10.57 -8.05 -6.29
C GLY A 51 -12.03 -8.46 -6.24
N ASN A 52 -12.59 -8.54 -5.04
CA ASN A 52 -13.98 -8.92 -4.86
C ASN A 52 -14.82 -7.73 -4.45
N GLY A 53 -14.24 -6.83 -3.66
CA GLY A 53 -14.95 -5.66 -3.21
C GLY A 53 -15.51 -5.82 -1.80
N GLY A 54 -14.77 -6.52 -0.95
CA GLY A 54 -15.22 -6.73 0.42
C GLY A 54 -14.32 -6.07 1.44
N GLN A 55 -13.70 -6.87 2.30
CA GLN A 55 -12.81 -6.34 3.32
C GLN A 55 -11.36 -6.47 2.90
N PHE A 56 -10.51 -5.57 3.41
CA PHE A 56 -9.09 -5.58 3.07
C PHE A 56 -8.30 -6.41 4.08
N ARG A 57 -7.41 -7.26 3.58
CA ARG A 57 -6.61 -8.12 4.44
C ARG A 57 -5.13 -7.76 4.31
N GLU A 58 -4.42 -7.78 5.43
CA GLU A 58 -2.99 -7.45 5.43
C GLU A 58 -2.24 -8.31 4.42
N VAL A 59 -1.39 -7.66 3.64
CA VAL A 59 -0.60 -8.35 2.63
C VAL A 59 0.89 -8.32 2.96
N TYR A 60 1.30 -7.32 3.74
CA TYR A 60 2.69 -7.17 4.14
C TYR A 60 2.84 -6.13 5.25
N VAL A 61 3.90 -6.28 6.03
CA VAL A 61 4.15 -5.35 7.13
C VAL A 61 5.59 -5.45 7.61
N GLY A 62 6.31 -4.32 7.59
CA GLY A 62 7.69 -4.30 8.02
C GLY A 62 8.21 -2.90 8.27
N LYS A 63 9.47 -2.67 7.94
CA LYS A 63 10.08 -1.36 8.13
C LYS A 63 10.62 -0.81 6.81
N GLU A 64 9.94 -1.13 5.72
CA GLU A 64 10.35 -0.68 4.39
C GLU A 64 9.32 0.25 3.79
N THR A 65 9.67 0.89 2.67
CA THR A 65 8.77 1.82 2.00
C THR A 65 8.60 1.45 0.53
N MET A 66 8.97 0.22 0.19
CA MET A 66 8.86 -0.26 -1.19
C MET A 66 8.73 -1.78 -1.22
N CYS A 67 7.53 -2.26 -1.53
CA CYS A 67 7.27 -3.69 -1.60
C CYS A 67 6.22 -4.00 -2.66
N THR A 68 6.42 -5.10 -3.38
CA THR A 68 5.48 -5.50 -4.42
C THR A 68 4.83 -6.83 -4.08
N VAL A 69 3.60 -7.02 -4.56
CA VAL A 69 2.86 -8.26 -4.31
C VAL A 69 2.93 -9.20 -5.51
N ASP A 70 3.03 -10.49 -5.23
CA ASP A 70 3.11 -11.49 -6.28
C ASP A 70 1.92 -12.44 -6.22
N GLY A 71 1.46 -12.88 -7.39
CA GLY A 71 0.32 -13.79 -7.43
C GLY A 71 -1.00 -13.06 -7.41
N LEU A 72 -1.26 -12.23 -8.41
CA LEU A 72 -2.50 -11.46 -8.50
C LEU A 72 -3.43 -12.05 -9.55
N HIS A 73 -4.65 -11.53 -9.61
CA HIS A 73 -5.63 -11.99 -10.58
C HIS A 73 -5.70 -11.06 -11.78
N PHE A 74 -5.99 -11.62 -12.95
CA PHE A 74 -6.07 -10.83 -14.18
C PHE A 74 -7.50 -10.35 -14.40
N ASN A 75 -7.67 -9.39 -15.31
CA ASN A 75 -8.97 -8.84 -15.63
C ASN A 75 -9.83 -8.73 -14.36
N SER A 76 -9.24 -8.18 -13.30
CA SER A 76 -9.95 -8.03 -12.03
C SER A 76 -9.50 -6.76 -11.32
N THR A 77 -10.46 -5.92 -10.94
CA THR A 77 -10.17 -4.68 -10.25
C THR A 77 -9.73 -4.93 -8.81
N TYR A 78 -8.61 -4.35 -8.43
CA TYR A 78 -8.09 -4.52 -7.07
C TYR A 78 -8.05 -3.19 -6.34
N ASN A 79 -7.98 -3.24 -5.01
CA ASN A 79 -7.93 -2.04 -4.18
C ASN A 79 -6.87 -2.17 -3.09
N ALA A 80 -5.77 -1.45 -3.25
CA ALA A 80 -4.69 -1.48 -2.27
C ALA A 80 -4.58 -0.16 -1.52
N ARG A 81 -3.98 -0.20 -0.34
CA ARG A 81 -3.81 0.99 0.47
C ARG A 81 -2.75 0.77 1.55
N VAL A 82 -1.71 1.61 1.52
CA VAL A 82 -0.63 1.51 2.50
C VAL A 82 -0.80 2.52 3.61
N LYS A 83 -0.26 2.20 4.79
CA LYS A 83 -0.36 3.09 5.94
C LYS A 83 0.87 2.93 6.84
N ALA A 84 0.97 3.81 7.84
CA ALA A 84 2.09 3.76 8.78
C ALA A 84 1.61 3.38 10.17
N PHE A 85 2.45 2.64 10.90
CA PHE A 85 2.11 2.21 12.24
C PHE A 85 3.35 2.19 13.14
N ASN A 86 3.18 2.59 14.39
CA ASN A 86 4.28 2.62 15.34
C ASN A 86 3.78 2.39 16.77
N LYS A 87 4.70 2.40 17.73
CA LYS A 87 4.35 2.21 19.13
C LYS A 87 3.06 2.94 19.48
N THR A 88 2.91 4.15 18.95
CA THR A 88 1.72 4.95 19.21
C THR A 88 0.46 4.17 18.91
N GLY A 89 0.32 3.72 17.67
CA GLY A 89 -0.85 2.95 17.27
C GLY A 89 -0.87 2.66 15.78
N VAL A 90 -1.79 3.31 15.06
CA VAL A 90 -1.91 3.10 13.63
C VAL A 90 -2.53 4.33 12.96
N SER A 91 -2.36 4.42 11.65
CA SER A 91 -2.90 5.54 10.88
C SER A 91 -3.92 5.06 9.84
N PRO A 92 -4.72 6.00 9.32
CA PRO A 92 -5.75 5.69 8.33
C PRO A 92 -5.15 5.32 6.97
N TYR A 93 -5.73 4.33 6.32
CA TYR A 93 -5.25 3.87 5.02
C TYR A 93 -5.31 5.00 3.99
N SER A 94 -4.34 5.03 3.09
CA SER A 94 -4.29 6.06 2.06
C SER A 94 -5.40 5.85 1.03
N LYS A 95 -5.67 6.89 0.25
CA LYS A 95 -6.71 6.82 -0.77
C LYS A 95 -6.70 5.46 -1.47
N THR A 96 -7.89 4.90 -1.67
CA THR A 96 -8.02 3.61 -2.32
C THR A 96 -7.38 3.62 -3.70
N LEU A 97 -6.20 3.00 -3.81
CA LEU A 97 -5.48 2.94 -5.08
C LEU A 97 -5.83 1.68 -5.84
N VAL A 98 -6.52 1.84 -6.97
CA VAL A 98 -6.90 0.70 -7.80
C VAL A 98 -5.73 0.20 -8.63
N LEU A 99 -5.66 -1.12 -8.82
CA LEU A 99 -4.59 -1.73 -9.60
C LEU A 99 -5.15 -2.40 -10.85
N GLN A 100 -5.80 -1.62 -11.70
CA GLN A 100 -6.37 -2.15 -12.94
C GLN A 100 -5.39 -3.08 -13.64
N THR A 101 -5.63 -4.38 -13.55
CA THR A 101 -4.77 -5.36 -14.18
C THR A 101 -5.19 -5.63 -15.63
N SER A 102 -4.23 -6.03 -16.45
CA SER A 102 -4.51 -6.31 -17.86
C SER A 102 -5.15 -7.69 -18.02
N GLU A 103 -5.85 -7.87 -19.14
CA GLU A 103 -6.51 -9.13 -19.41
C GLU A 103 -5.52 -10.29 -19.39
N GLY A 104 -6.00 -11.48 -19.05
CA GLY A 104 -5.14 -12.65 -19.00
C GLY A 104 -4.88 -13.24 -20.37
N SER A 105 -3.97 -12.62 -21.12
CA SER A 105 -3.63 -13.09 -22.46
C SER A 105 -2.62 -14.24 -22.39
N GLY A 106 -2.81 -15.13 -21.44
CA GLY A 106 -1.90 -16.26 -21.29
C GLY A 106 -0.71 -15.92 -20.40
N PRO A 107 0.30 -16.81 -20.42
CA PRO A 107 1.52 -16.62 -19.62
C PRO A 107 2.38 -15.47 -20.14
N SER A 108 1.92 -14.83 -21.20
CA SER A 108 2.65 -13.72 -21.80
C SER A 108 4.06 -14.15 -22.20
N SER A 109 4.15 -15.23 -22.97
CA SER A 109 5.43 -15.75 -23.41
C SER A 109 6.15 -14.74 -24.29
N GLY A 110 5.43 -13.71 -24.71
CA GLY A 110 6.01 -12.68 -25.55
C GLY A 110 6.98 -13.24 -26.58
#